data_5Z1T
# 
_entry.id   5Z1T 
# 
_audit_conform.dict_name       mmcif_pdbx.dic 
_audit_conform.dict_version    5.387 
_audit_conform.dict_location   http://mmcif.pdb.org/dictionaries/ascii/mmcif_pdbx.dic 
# 
loop_
_database_2.database_id 
_database_2.database_code 
_database_2.pdbx_database_accession 
_database_2.pdbx_DOI 
PDB   5Z1T         pdb_00005z1t 10.2210/pdb5z1t/pdb 
WWPDB D_1300006332 ?            ?                   
# 
loop_
_pdbx_audit_revision_history.ordinal 
_pdbx_audit_revision_history.data_content_type 
_pdbx_audit_revision_history.major_revision 
_pdbx_audit_revision_history.minor_revision 
_pdbx_audit_revision_history.revision_date 
1 'Structure model' 1 0 2019-01-02 
2 'Structure model' 1 1 2019-07-24 
3 'Structure model' 1 2 2024-03-27 
# 
_pdbx_audit_revision_details.ordinal             1 
_pdbx_audit_revision_details.revision_ordinal    1 
_pdbx_audit_revision_details.data_content_type   'Structure model' 
_pdbx_audit_revision_details.provider            repository 
_pdbx_audit_revision_details.type                'Initial release' 
_pdbx_audit_revision_details.description         ? 
_pdbx_audit_revision_details.details             ? 
# 
loop_
_pdbx_audit_revision_group.ordinal 
_pdbx_audit_revision_group.revision_ordinal 
_pdbx_audit_revision_group.data_content_type 
_pdbx_audit_revision_group.group 
1 2 'Structure model' 'Data collection'     
2 2 'Structure model' 'Database references' 
3 3 'Structure model' 'Data collection'     
4 3 'Structure model' 'Database references' 
# 
loop_
_pdbx_audit_revision_category.ordinal 
_pdbx_audit_revision_category.revision_ordinal 
_pdbx_audit_revision_category.data_content_type 
_pdbx_audit_revision_category.category 
1 2 'Structure model' citation        
2 2 'Structure model' citation_author 
3 3 'Structure model' chem_comp_atom  
4 3 'Structure model' chem_comp_bond  
5 3 'Structure model' database_2      
# 
loop_
_pdbx_audit_revision_item.ordinal 
_pdbx_audit_revision_item.revision_ordinal 
_pdbx_audit_revision_item.data_content_type 
_pdbx_audit_revision_item.item 
1  2 'Structure model' '_citation.country'                   
2  2 'Structure model' '_citation.journal_abbrev'            
3  2 'Structure model' '_citation.journal_id_CSD'            
4  2 'Structure model' '_citation.journal_id_ISSN'           
5  2 'Structure model' '_citation.journal_volume'            
6  2 'Structure model' '_citation.page_first'                
7  2 'Structure model' '_citation.page_last'                 
8  2 'Structure model' '_citation.pdbx_database_id_DOI'      
9  2 'Structure model' '_citation.pdbx_database_id_PubMed'   
10 2 'Structure model' '_citation.title'                     
11 2 'Structure model' '_citation.year'                      
12 3 'Structure model' '_database_2.pdbx_DOI'                
13 3 'Structure model' '_database_2.pdbx_database_accession' 
# 
_pdbx_database_status.status_code                     REL 
_pdbx_database_status.status_code_sf                  REL 
_pdbx_database_status.status_code_mr                  ? 
_pdbx_database_status.entry_id                        5Z1T 
_pdbx_database_status.recvd_initial_deposition_date   2017-12-28 
_pdbx_database_status.SG_entry                        N 
_pdbx_database_status.deposit_site                    PDBJ 
_pdbx_database_status.process_site                    PDBJ 
_pdbx_database_status.status_code_cs                  ? 
_pdbx_database_status.methods_development_category    ? 
_pdbx_database_status.pdb_format_compatible           Y 
_pdbx_database_status.status_code_nmr_data            ? 
# 
loop_
_audit_author.name 
_audit_author.pdbx_ordinal 
_audit_author.identifier_ORCID 
'Xu, Y.'    1 ? 
'Zhang, Y.' 2 ? 
'Xiang, Q.' 3 ? 
'Song, M.'  4 ? 
'Wang, C.'  5 ? 
# 
_citation.abstract                  ? 
_citation.abstract_id_CAS           ? 
_citation.book_id_ISBN              ? 
_citation.book_publisher            ? 
_citation.book_publisher_city       ? 
_citation.book_title                ? 
_citation.coordinate_linkage        ? 
_citation.country                   US 
_citation.database_id_Medline       ? 
_citation.details                   ? 
_citation.id                        primary 
_citation.journal_abbrev            'Acs Med.Chem.Lett.' 
_citation.journal_id_ASTM           ? 
_citation.journal_id_CSD            ? 
_citation.journal_id_ISSN           1948-5875 
_citation.journal_full              ? 
_citation.journal_issue             ? 
_citation.journal_volume            9 
_citation.language                  ? 
_citation.page_first                262 
_citation.page_last                 267 
_citation.title                     'Y08060: A Selective BET Inhibitor for Treatment of Prostate Cancer.' 
_citation.year                      2018 
_citation.database_id_CSD           ? 
_citation.pdbx_database_id_DOI      10.1021/acsmedchemlett.8b00003 
_citation.pdbx_database_id_PubMed   29541371 
_citation.unpublished_flag          ? 
# 
loop_
_citation_author.citation_id 
_citation_author.name 
_citation_author.ordinal 
_citation_author.identifier_ORCID 
primary 'Xiang, Q.' 1  ? 
primary 'Zhang, Y.' 2  ? 
primary 'Li, J.'    3  ? 
primary 'Xue, X.'   4  ? 
primary 'Wang, C.'  5  ? 
primary 'Song, M.'  6  ? 
primary 'Zhang, C.' 7  ? 
primary 'Wang, R.'  8  ? 
primary 'Li, C.'    9  ? 
primary 'Wu, C.'    10 ? 
primary 'Zhou, Y.'  11 ? 
primary 'Yang, X.'  12 ? 
primary 'Li, G.'    13 ? 
primary 'Ding, K.'  14 ? 
primary 'Xu, Y.'    15 ? 
# 
loop_
_entity.id 
_entity.type 
_entity.src_method 
_entity.pdbx_description 
_entity.formula_weight 
_entity.pdbx_number_of_molecules 
_entity.pdbx_ec 
_entity.pdbx_mutation 
_entity.pdbx_fragment 
_entity.details 
1 polymer     man 'Bromodomain-containing protein 4'                                                                           
16767.326 1  ? ? 'Bromo 1 domain' ? 
2 non-polymer syn '5-bromo-N-(6-hydroxy-2,2-dimethyl-3-oxo-3,4-dihydro-2H-1,4-benzoxazin-7-yl)-2-methoxybenzene-1-sulfonamide' 
457.296   1  ? ? ?                ? 
3 non-polymer syn 'NITRATE ION'                                                                                                
62.005    2  ? ? ?                ? 
4 non-polymer syn 1,2-ETHANEDIOL                                                                                               
62.068    2  ? ? ?                ? 
5 non-polymer syn GLYCEROL                                                                                                     
92.094    2  ? ? ?                ? 
6 water       nat water                                                                                                        
18.015    69 ? ? ?                ? 
# 
_entity_name_com.entity_id   1 
_entity_name_com.name        'Protein HUNK1' 
# 
_entity_poly.entity_id                      1 
_entity_poly.type                           'polypeptide(L)' 
_entity_poly.nstd_linkage                   no 
_entity_poly.nstd_monomer                   no 
_entity_poly.pdbx_seq_one_letter_code       
;MKKGHHHHHHLVPRGSNPPPPETSNPNKPKRQTNQLQYLLRVVLKTLWKHQFAWPFQQPVDAVKLNLPDYYKIIKTPMDM
GTIKKRLENNYYWNAQECIQDFNTMFTNCYIYNKPGDDIVLMAEALEKLFLQKINELPTEE
;
_entity_poly.pdbx_seq_one_letter_code_can   
;MKKGHHHHHHLVPRGSNPPPPETSNPNKPKRQTNQLQYLLRVVLKTLWKHQFAWPFQQPVDAVKLNLPDYYKIIKTPMDM
GTIKKRLENNYYWNAQECIQDFNTMFTNCYIYNKPGDDIVLMAEALEKLFLQKINELPTEE
;
_entity_poly.pdbx_strand_id                 A 
_entity_poly.pdbx_target_identifier         ? 
# 
loop_
_pdbx_entity_nonpoly.entity_id 
_pdbx_entity_nonpoly.name 
_pdbx_entity_nonpoly.comp_id 
2 '5-bromo-N-(6-hydroxy-2,2-dimethyl-3-oxo-3,4-dihydro-2H-1,4-benzoxazin-7-yl)-2-methoxybenzene-1-sulfonamide' EFN 
3 'NITRATE ION'                                                                                                NO3 
4 1,2-ETHANEDIOL                                                                                               EDO 
5 GLYCEROL                                                                                                     GOL 
6 water                                                                                                        HOH 
# 
loop_
_entity_poly_seq.entity_id 
_entity_poly_seq.num 
_entity_poly_seq.mon_id 
_entity_poly_seq.hetero 
1 1   MET n 
1 2   LYS n 
1 3   LYS n 
1 4   GLY n 
1 5   HIS n 
1 6   HIS n 
1 7   HIS n 
1 8   HIS n 
1 9   HIS n 
1 10  HIS n 
1 11  LEU n 
1 12  VAL n 
1 13  PRO n 
1 14  ARG n 
1 15  GLY n 
1 16  SER n 
1 17  ASN n 
1 18  PRO n 
1 19  PRO n 
1 20  PRO n 
1 21  PRO n 
1 22  GLU n 
1 23  THR n 
1 24  SER n 
1 25  ASN n 
1 26  PRO n 
1 27  ASN n 
1 28  LYS n 
1 29  PRO n 
1 30  LYS n 
1 31  ARG n 
1 32  GLN n 
1 33  THR n 
1 34  ASN n 
1 35  GLN n 
1 36  LEU n 
1 37  GLN n 
1 38  TYR n 
1 39  LEU n 
1 40  LEU n 
1 41  ARG n 
1 42  VAL n 
1 43  VAL n 
1 44  LEU n 
1 45  LYS n 
1 46  THR n 
1 47  LEU n 
1 48  TRP n 
1 49  LYS n 
1 50  HIS n 
1 51  GLN n 
1 52  PHE n 
1 53  ALA n 
1 54  TRP n 
1 55  PRO n 
1 56  PHE n 
1 57  GLN n 
1 58  GLN n 
1 59  PRO n 
1 60  VAL n 
1 61  ASP n 
1 62  ALA n 
1 63  VAL n 
1 64  LYS n 
1 65  LEU n 
1 66  ASN n 
1 67  LEU n 
1 68  PRO n 
1 69  ASP n 
1 70  TYR n 
1 71  TYR n 
1 72  LYS n 
1 73  ILE n 
1 74  ILE n 
1 75  LYS n 
1 76  THR n 
1 77  PRO n 
1 78  MET n 
1 79  ASP n 
1 80  MET n 
1 81  GLY n 
1 82  THR n 
1 83  ILE n 
1 84  LYS n 
1 85  LYS n 
1 86  ARG n 
1 87  LEU n 
1 88  GLU n 
1 89  ASN n 
1 90  ASN n 
1 91  TYR n 
1 92  TYR n 
1 93  TRP n 
1 94  ASN n 
1 95  ALA n 
1 96  GLN n 
1 97  GLU n 
1 98  CYS n 
1 99  ILE n 
1 100 GLN n 
1 101 ASP n 
1 102 PHE n 
1 103 ASN n 
1 104 THR n 
1 105 MET n 
1 106 PHE n 
1 107 THR n 
1 108 ASN n 
1 109 CYS n 
1 110 TYR n 
1 111 ILE n 
1 112 TYR n 
1 113 ASN n 
1 114 LYS n 
1 115 PRO n 
1 116 GLY n 
1 117 ASP n 
1 118 ASP n 
1 119 ILE n 
1 120 VAL n 
1 121 LEU n 
1 122 MET n 
1 123 ALA n 
1 124 GLU n 
1 125 ALA n 
1 126 LEU n 
1 127 GLU n 
1 128 LYS n 
1 129 LEU n 
1 130 PHE n 
1 131 LEU n 
1 132 GLN n 
1 133 LYS n 
1 134 ILE n 
1 135 ASN n 
1 136 GLU n 
1 137 LEU n 
1 138 PRO n 
1 139 THR n 
1 140 GLU n 
1 141 GLU n 
# 
_entity_src_gen.entity_id                          1 
_entity_src_gen.pdbx_src_id                        1 
_entity_src_gen.pdbx_alt_source_flag               sample 
_entity_src_gen.pdbx_seq_type                      'Biological sequence' 
_entity_src_gen.pdbx_beg_seq_num                   1 
_entity_src_gen.pdbx_end_seq_num                   141 
_entity_src_gen.gene_src_common_name               Human 
_entity_src_gen.gene_src_genus                     ? 
_entity_src_gen.pdbx_gene_src_gene                 'BRD4, HUNK1' 
_entity_src_gen.gene_src_species                   ? 
_entity_src_gen.gene_src_strain                    ? 
_entity_src_gen.gene_src_tissue                    ? 
_entity_src_gen.gene_src_tissue_fraction           ? 
_entity_src_gen.gene_src_details                   ? 
_entity_src_gen.pdbx_gene_src_fragment             ? 
_entity_src_gen.pdbx_gene_src_scientific_name      'Homo sapiens' 
_entity_src_gen.pdbx_gene_src_ncbi_taxonomy_id     9606 
_entity_src_gen.pdbx_gene_src_variant              ? 
_entity_src_gen.pdbx_gene_src_cell_line            ? 
_entity_src_gen.pdbx_gene_src_atcc                 ? 
_entity_src_gen.pdbx_gene_src_organ                ? 
_entity_src_gen.pdbx_gene_src_organelle            ? 
_entity_src_gen.pdbx_gene_src_cell                 ? 
_entity_src_gen.pdbx_gene_src_cellular_location    ? 
_entity_src_gen.host_org_common_name               ? 
_entity_src_gen.pdbx_host_org_scientific_name      'Escherichia coli BL21' 
_entity_src_gen.pdbx_host_org_ncbi_taxonomy_id     511693 
_entity_src_gen.host_org_genus                     ? 
_entity_src_gen.pdbx_host_org_gene                 ? 
_entity_src_gen.pdbx_host_org_organ                ? 
_entity_src_gen.host_org_species                   ? 
_entity_src_gen.pdbx_host_org_tissue               ? 
_entity_src_gen.pdbx_host_org_tissue_fraction      ? 
_entity_src_gen.pdbx_host_org_strain               BL21 
_entity_src_gen.pdbx_host_org_variant              ? 
_entity_src_gen.pdbx_host_org_cell_line            ? 
_entity_src_gen.pdbx_host_org_atcc                 ? 
_entity_src_gen.pdbx_host_org_culture_collection   ? 
_entity_src_gen.pdbx_host_org_cell                 ? 
_entity_src_gen.pdbx_host_org_organelle            ? 
_entity_src_gen.pdbx_host_org_cellular_location    ? 
_entity_src_gen.pdbx_host_org_vector_type          ? 
_entity_src_gen.pdbx_host_org_vector               ? 
_entity_src_gen.host_org_details                   ? 
_entity_src_gen.expression_system_id               ? 
_entity_src_gen.plasmid_name                       ? 
_entity_src_gen.plasmid_details                    ? 
_entity_src_gen.pdbx_description                   ? 
# 
loop_
_chem_comp.id 
_chem_comp.type 
_chem_comp.mon_nstd_flag 
_chem_comp.name 
_chem_comp.pdbx_synonyms 
_chem_comp.formula 
_chem_comp.formula_weight 
ALA 'L-peptide linking' y ALANINE ?                               'C3 H7 N O2'         89.093  
ARG 'L-peptide linking' y ARGININE ?                               'C6 H15 N4 O2 1'     175.209 
ASN 'L-peptide linking' y ASPARAGINE ?                               'C4 H8 N2 O3'        132.118 
ASP 'L-peptide linking' y 'ASPARTIC ACID' ?                               'C4 H7 N O4'         133.103 
CYS 'L-peptide linking' y CYSTEINE ?                               'C3 H7 N O2 S'       121.158 
EDO non-polymer         . 1,2-ETHANEDIOL 'ETHYLENE GLYCOL'               'C2 H6 O2'           62.068  
EFN non-polymer         . 
'5-bromo-N-(6-hydroxy-2,2-dimethyl-3-oxo-3,4-dihydro-2H-1,4-benzoxazin-7-yl)-2-methoxybenzene-1-sulfonamide' ? 
'C17 H17 Br N2 O6 S' 457.296 
GLN 'L-peptide linking' y GLUTAMINE ?                               'C5 H10 N2 O3'       146.144 
GLU 'L-peptide linking' y 'GLUTAMIC ACID' ?                               'C5 H9 N O4'         147.129 
GLY 'peptide linking'   y GLYCINE ?                               'C2 H5 N O2'         75.067  
GOL non-polymer         . GLYCEROL 'GLYCERIN; PROPANE-1,2,3-TRIOL' 'C3 H8 O3'           92.094  
HIS 'L-peptide linking' y HISTIDINE ?                               'C6 H10 N3 O2 1'     156.162 
HOH non-polymer         . WATER ?                               'H2 O'               18.015  
ILE 'L-peptide linking' y ISOLEUCINE ?                               'C6 H13 N O2'        131.173 
LEU 'L-peptide linking' y LEUCINE ?                               'C6 H13 N O2'        131.173 
LYS 'L-peptide linking' y LYSINE ?                               'C6 H15 N2 O2 1'     147.195 
MET 'L-peptide linking' y METHIONINE ?                               'C5 H11 N O2 S'      149.211 
NO3 non-polymer         . 'NITRATE ION' ?                               'N O3 -1'            62.005  
PHE 'L-peptide linking' y PHENYLALANINE ?                               'C9 H11 N O2'        165.189 
PRO 'L-peptide linking' y PROLINE ?                               'C5 H9 N O2'         115.130 
SER 'L-peptide linking' y SERINE ?                               'C3 H7 N O3'         105.093 
THR 'L-peptide linking' y THREONINE ?                               'C4 H9 N O3'         119.119 
TRP 'L-peptide linking' y TRYPTOPHAN ?                               'C11 H12 N2 O2'      204.225 
TYR 'L-peptide linking' y TYROSINE ?                               'C9 H11 N O3'        181.189 
VAL 'L-peptide linking' y VALINE ?                               'C5 H11 N O2'        117.146 
# 
loop_
_pdbx_poly_seq_scheme.asym_id 
_pdbx_poly_seq_scheme.entity_id 
_pdbx_poly_seq_scheme.seq_id 
_pdbx_poly_seq_scheme.mon_id 
_pdbx_poly_seq_scheme.ndb_seq_num 
_pdbx_poly_seq_scheme.pdb_seq_num 
_pdbx_poly_seq_scheme.auth_seq_num 
_pdbx_poly_seq_scheme.pdb_mon_id 
_pdbx_poly_seq_scheme.auth_mon_id 
_pdbx_poly_seq_scheme.pdb_strand_id 
_pdbx_poly_seq_scheme.pdb_ins_code 
_pdbx_poly_seq_scheme.hetero 
A 1 1   MET 1   28  ?   ?   ?   A . n 
A 1 2   LYS 2   29  ?   ?   ?   A . n 
A 1 3   LYS 3   30  ?   ?   ?   A . n 
A 1 4   GLY 4   31  ?   ?   ?   A . n 
A 1 5   HIS 5   32  ?   ?   ?   A . n 
A 1 6   HIS 6   33  33  HIS HIS A . n 
A 1 7   HIS 7   34  34  HIS HIS A . n 
A 1 8   HIS 8   35  35  HIS HIS A . n 
A 1 9   HIS 9   36  36  HIS HIS A . n 
A 1 10  HIS 10  37  37  HIS HIS A . n 
A 1 11  LEU 11  38  38  LEU LEU A . n 
A 1 12  VAL 12  39  39  VAL VAL A . n 
A 1 13  PRO 13  40  40  PRO PRO A . n 
A 1 14  ARG 14  41  41  ARG ARG A . n 
A 1 15  GLY 15  42  42  GLY GLY A . n 
A 1 16  SER 16  43  43  SER SER A . n 
A 1 17  ASN 17  44  44  ASN ASN A . n 
A 1 18  PRO 18  45  45  PRO PRO A . n 
A 1 19  PRO 19  46  46  PRO PRO A . n 
A 1 20  PRO 20  47  47  PRO PRO A . n 
A 1 21  PRO 21  48  48  PRO PRO A . n 
A 1 22  GLU 22  49  49  GLU GLU A . n 
A 1 23  THR 23  50  50  THR THR A . n 
A 1 24  SER 24  51  51  SER SER A . n 
A 1 25  ASN 25  52  52  ASN ASN A . n 
A 1 26  PRO 26  53  53  PRO PRO A . n 
A 1 27  ASN 27  54  54  ASN ASN A . n 
A 1 28  LYS 28  55  55  LYS LYS A . n 
A 1 29  PRO 29  56  56  PRO PRO A . n 
A 1 30  LYS 30  57  57  LYS LYS A . n 
A 1 31  ARG 31  58  58  ARG ARG A . n 
A 1 32  GLN 32  59  59  GLN GLN A . n 
A 1 33  THR 33  60  60  THR THR A . n 
A 1 34  ASN 34  61  61  ASN ASN A . n 
A 1 35  GLN 35  62  62  GLN GLN A . n 
A 1 36  LEU 36  63  63  LEU LEU A . n 
A 1 37  GLN 37  64  64  GLN GLN A . n 
A 1 38  TYR 38  65  65  TYR TYR A . n 
A 1 39  LEU 39  66  66  LEU LEU A . n 
A 1 40  LEU 40  67  67  LEU LEU A . n 
A 1 41  ARG 41  68  68  ARG ARG A . n 
A 1 42  VAL 42  69  69  VAL VAL A . n 
A 1 43  VAL 43  70  70  VAL VAL A . n 
A 1 44  LEU 44  71  71  LEU LEU A . n 
A 1 45  LYS 45  72  72  LYS LYS A . n 
A 1 46  THR 46  73  73  THR THR A . n 
A 1 47  LEU 47  74  74  LEU LEU A . n 
A 1 48  TRP 48  75  75  TRP TRP A . n 
A 1 49  LYS 49  76  76  LYS LYS A . n 
A 1 50  HIS 50  77  77  HIS HIS A . n 
A 1 51  GLN 51  78  78  GLN GLN A . n 
A 1 52  PHE 52  79  79  PHE PHE A . n 
A 1 53  ALA 53  80  80  ALA ALA A . n 
A 1 54  TRP 54  81  81  TRP TRP A . n 
A 1 55  PRO 55  82  82  PRO PRO A . n 
A 1 56  PHE 56  83  83  PHE PHE A . n 
A 1 57  GLN 57  84  84  GLN GLN A . n 
A 1 58  GLN 58  85  85  GLN GLN A . n 
A 1 59  PRO 59  86  86  PRO PRO A . n 
A 1 60  VAL 60  87  87  VAL VAL A . n 
A 1 61  ASP 61  88  88  ASP ASP A . n 
A 1 62  ALA 62  89  89  ALA ALA A . n 
A 1 63  VAL 63  90  90  VAL VAL A . n 
A 1 64  LYS 64  91  91  LYS LYS A . n 
A 1 65  LEU 65  92  92  LEU LEU A . n 
A 1 66  ASN 66  93  93  ASN ASN A . n 
A 1 67  LEU 67  94  94  LEU LEU A . n 
A 1 68  PRO 68  95  95  PRO PRO A . n 
A 1 69  ASP 69  96  96  ASP ASP A . n 
A 1 70  TYR 70  97  97  TYR TYR A . n 
A 1 71  TYR 71  98  98  TYR TYR A . n 
A 1 72  LYS 72  99  99  LYS LYS A . n 
A 1 73  ILE 73  100 100 ILE ILE A . n 
A 1 74  ILE 74  101 101 ILE ILE A . n 
A 1 75  LYS 75  102 102 LYS LYS A . n 
A 1 76  THR 76  103 103 THR THR A . n 
A 1 77  PRO 77  104 104 PRO PRO A . n 
A 1 78  MET 78  105 105 MET MET A . n 
A 1 79  ASP 79  106 106 ASP ASP A . n 
A 1 80  MET 80  107 107 MET MET A . n 
A 1 81  GLY 81  108 108 GLY GLY A . n 
A 1 82  THR 82  109 109 THR THR A . n 
A 1 83  ILE 83  110 110 ILE ILE A . n 
A 1 84  LYS 84  111 111 LYS LYS A . n 
A 1 85  LYS 85  112 112 LYS LYS A . n 
A 1 86  ARG 86  113 113 ARG ARG A . n 
A 1 87  LEU 87  114 114 LEU LEU A . n 
A 1 88  GLU 88  115 115 GLU GLU A . n 
A 1 89  ASN 89  116 116 ASN ASN A . n 
A 1 90  ASN 90  117 117 ASN ASN A . n 
A 1 91  TYR 91  118 118 TYR TYR A . n 
A 1 92  TYR 92  119 119 TYR TYR A . n 
A 1 93  TRP 93  120 120 TRP TRP A . n 
A 1 94  ASN 94  121 121 ASN ASN A . n 
A 1 95  ALA 95  122 122 ALA ALA A . n 
A 1 96  GLN 96  123 123 GLN GLN A . n 
A 1 97  GLU 97  124 124 GLU GLU A . n 
A 1 98  CYS 98  125 125 CYS CYS A . n 
A 1 99  ILE 99  126 126 ILE ILE A . n 
A 1 100 GLN 100 127 127 GLN GLN A . n 
A 1 101 ASP 101 128 128 ASP ASP A . n 
A 1 102 PHE 102 129 129 PHE PHE A . n 
A 1 103 ASN 103 130 130 ASN ASN A . n 
A 1 104 THR 104 131 131 THR THR A . n 
A 1 105 MET 105 132 132 MET MET A . n 
A 1 106 PHE 106 133 133 PHE PHE A . n 
A 1 107 THR 107 134 134 THR THR A . n 
A 1 108 ASN 108 135 135 ASN ASN A . n 
A 1 109 CYS 109 136 136 CYS CYS A . n 
A 1 110 TYR 110 137 137 TYR TYR A . n 
A 1 111 ILE 111 138 138 ILE ILE A . n 
A 1 112 TYR 112 139 139 TYR TYR A . n 
A 1 113 ASN 113 140 140 ASN ASN A . n 
A 1 114 LYS 114 141 141 LYS LYS A . n 
A 1 115 PRO 115 142 142 PRO PRO A . n 
A 1 116 GLY 116 143 143 GLY GLY A . n 
A 1 117 ASP 117 144 144 ASP ASP A . n 
A 1 118 ASP 118 145 145 ASP ASP A . n 
A 1 119 ILE 119 146 146 ILE ILE A . n 
A 1 120 VAL 120 147 147 VAL VAL A . n 
A 1 121 LEU 121 148 148 LEU LEU A . n 
A 1 122 MET 122 149 149 MET MET A . n 
A 1 123 ALA 123 150 150 ALA ALA A . n 
A 1 124 GLU 124 151 151 GLU GLU A . n 
A 1 125 ALA 125 152 152 ALA ALA A . n 
A 1 126 LEU 126 153 153 LEU LEU A . n 
A 1 127 GLU 127 154 154 GLU GLU A . n 
A 1 128 LYS 128 155 155 LYS LYS A . n 
A 1 129 LEU 129 156 156 LEU LEU A . n 
A 1 130 PHE 130 157 157 PHE PHE A . n 
A 1 131 LEU 131 158 158 LEU LEU A . n 
A 1 132 GLN 132 159 159 GLN GLN A . n 
A 1 133 LYS 133 160 160 LYS LYS A . n 
A 1 134 ILE 134 161 161 ILE ILE A . n 
A 1 135 ASN 135 162 162 ASN ASN A . n 
A 1 136 GLU 136 163 163 GLU GLU A . n 
A 1 137 LEU 137 164 164 LEU LEU A . n 
A 1 138 PRO 138 165 165 PRO PRO A . n 
A 1 139 THR 139 166 166 THR THR A . n 
A 1 140 GLU 140 167 167 GLU GLU A . n 
A 1 141 GLU 141 168 ?   ?   ?   A . n 
# 
loop_
_pdbx_nonpoly_scheme.asym_id 
_pdbx_nonpoly_scheme.entity_id 
_pdbx_nonpoly_scheme.mon_id 
_pdbx_nonpoly_scheme.ndb_seq_num 
_pdbx_nonpoly_scheme.pdb_seq_num 
_pdbx_nonpoly_scheme.auth_seq_num 
_pdbx_nonpoly_scheme.pdb_mon_id 
_pdbx_nonpoly_scheme.auth_mon_id 
_pdbx_nonpoly_scheme.pdb_strand_id 
_pdbx_nonpoly_scheme.pdb_ins_code 
B 2 EFN 1  201 1  EFN E0N A . 
C 3 NO3 1  202 1  NO3 NO3 A . 
D 3 NO3 1  203 2  NO3 NO3 A . 
E 4 EDO 1  204 1  EDO EDO A . 
F 4 EDO 1  205 2  EDO EDO A . 
G 5 GOL 1  206 1  GOL GOL A . 
H 5 GOL 1  207 2  GOL GOL A . 
I 6 HOH 1  301 55 HOH HOH A . 
I 6 HOH 2  302 24 HOH HOH A . 
I 6 HOH 3  303 52 HOH HOH A . 
I 6 HOH 4  304 38 HOH HOH A . 
I 6 HOH 5  305 73 HOH HOH A . 
I 6 HOH 6  306 26 HOH HOH A . 
I 6 HOH 7  307 66 HOH HOH A . 
I 6 HOH 8  308 3  HOH HOH A . 
I 6 HOH 9  309 57 HOH HOH A . 
I 6 HOH 10 310 58 HOH HOH A . 
I 6 HOH 11 311 44 HOH HOH A . 
I 6 HOH 12 312 39 HOH HOH A . 
I 6 HOH 13 313 35 HOH HOH A . 
I 6 HOH 14 314 48 HOH HOH A . 
I 6 HOH 15 315 9  HOH HOH A . 
I 6 HOH 16 316 60 HOH HOH A . 
I 6 HOH 17 317 33 HOH HOH A . 
I 6 HOH 18 318 2  HOH HOH A . 
I 6 HOH 19 319 18 HOH HOH A . 
I 6 HOH 20 320 54 HOH HOH A . 
I 6 HOH 21 321 10 HOH HOH A . 
I 6 HOH 22 322 53 HOH HOH A . 
I 6 HOH 23 323 21 HOH HOH A . 
I 6 HOH 24 324 5  HOH HOH A . 
I 6 HOH 25 325 20 HOH HOH A . 
I 6 HOH 26 326 30 HOH HOH A . 
I 6 HOH 27 327 25 HOH HOH A . 
I 6 HOH 28 328 42 HOH HOH A . 
I 6 HOH 29 329 22 HOH HOH A . 
I 6 HOH 30 330 40 HOH HOH A . 
I 6 HOH 31 331 70 HOH HOH A . 
I 6 HOH 32 332 6  HOH HOH A . 
I 6 HOH 33 333 72 HOH HOH A . 
I 6 HOH 34 334 8  HOH HOH A . 
I 6 HOH 35 335 14 HOH HOH A . 
I 6 HOH 36 336 67 HOH HOH A . 
I 6 HOH 37 337 23 HOH HOH A . 
I 6 HOH 38 338 29 HOH HOH A . 
I 6 HOH 39 339 59 HOH HOH A . 
I 6 HOH 40 340 17 HOH HOH A . 
I 6 HOH 41 341 49 HOH HOH A . 
I 6 HOH 42 342 1  HOH HOH A . 
I 6 HOH 43 343 46 HOH HOH A . 
I 6 HOH 44 344 50 HOH HOH A . 
I 6 HOH 45 345 37 HOH HOH A . 
I 6 HOH 46 346 19 HOH HOH A . 
I 6 HOH 47 347 36 HOH HOH A . 
I 6 HOH 48 348 28 HOH HOH A . 
I 6 HOH 49 349 64 HOH HOH A . 
I 6 HOH 50 350 32 HOH HOH A . 
I 6 HOH 51 351 16 HOH HOH A . 
I 6 HOH 52 352 62 HOH HOH A . 
I 6 HOH 53 353 13 HOH HOH A . 
I 6 HOH 54 354 11 HOH HOH A . 
I 6 HOH 55 355 31 HOH HOH A . 
I 6 HOH 56 356 65 HOH HOH A . 
I 6 HOH 57 357 4  HOH HOH A . 
I 6 HOH 58 358 7  HOH HOH A . 
I 6 HOH 59 359 27 HOH HOH A . 
I 6 HOH 60 360 15 HOH HOH A . 
I 6 HOH 61 361 63 HOH HOH A . 
I 6 HOH 62 362 43 HOH HOH A . 
I 6 HOH 63 363 69 HOH HOH A . 
I 6 HOH 64 364 68 HOH HOH A . 
I 6 HOH 65 365 51 HOH HOH A . 
I 6 HOH 66 366 41 HOH HOH A . 
I 6 HOH 67 367 47 HOH HOH A . 
I 6 HOH 68 368 34 HOH HOH A . 
I 6 HOH 69 369 45 HOH HOH A . 
# 
loop_
_software.citation_id 
_software.classification 
_software.compiler_name 
_software.compiler_version 
_software.contact_author 
_software.contact_author_email 
_software.date 
_software.description 
_software.dependencies 
_software.hardware 
_software.language 
_software.location 
_software.mods 
_software.name 
_software.os 
_software.os_version 
_software.type 
_software.version 
_software.pdbx_ordinal 
? 'data scaling'    ? ? ? ? ? ? ? ? ? ? ? Aimless     ? ? ? 0.5.17   1 
? refinement        ? ? ? ? ? ? ? ? ? ? ? REFMAC      ? ? ? 5.8.0135 2 
? 'data extraction' ? ? ? ? ? ? ? ? ? ? ? PDB_EXTRACT ? ? ? 3.24     3 
? 'data reduction'  ? ? ? ? ? ? ? ? ? ? ? iMOSFLM     ? ? ? .        4 
? phasing           ? ? ? ? ? ? ? ? ? ? ? MOLREP      ? ? ? .        5 
# 
_cell.angle_alpha                  90.000 
_cell.angle_alpha_esd              ? 
_cell.angle_beta                   90.000 
_cell.angle_beta_esd               ? 
_cell.angle_gamma                  90.000 
_cell.angle_gamma_esd              ? 
_cell.entry_id                     5Z1T 
_cell.details                      ? 
_cell.formula_units_Z              ? 
_cell.length_a                     35.100 
_cell.length_a_esd                 ? 
_cell.length_b                     47.060 
_cell.length_b_esd                 ? 
_cell.length_c                     78.090 
_cell.length_c_esd                 ? 
_cell.volume                       ? 
_cell.volume_esd                   ? 
_cell.Z_PDB                        4 
_cell.reciprocal_angle_alpha       ? 
_cell.reciprocal_angle_beta        ? 
_cell.reciprocal_angle_gamma       ? 
_cell.reciprocal_angle_alpha_esd   ? 
_cell.reciprocal_angle_beta_esd    ? 
_cell.reciprocal_angle_gamma_esd   ? 
_cell.reciprocal_length_a          ? 
_cell.reciprocal_length_b          ? 
_cell.reciprocal_length_c          ? 
_cell.reciprocal_length_a_esd      ? 
_cell.reciprocal_length_b_esd      ? 
_cell.reciprocal_length_c_esd      ? 
_cell.pdbx_unique_axis             ? 
# 
_symmetry.entry_id                         5Z1T 
_symmetry.cell_setting                     ? 
_symmetry.Int_Tables_number                19 
_symmetry.space_group_name_Hall            ? 
_symmetry.space_group_name_H-M             'P 21 21 21' 
_symmetry.pdbx_full_space_group_name_H-M   ? 
# 
_exptl.absorpt_coefficient_mu     ? 
_exptl.absorpt_correction_T_max   ? 
_exptl.absorpt_correction_T_min   ? 
_exptl.absorpt_correction_type    ? 
_exptl.absorpt_process_details    ? 
_exptl.entry_id                   5Z1T 
_exptl.crystals_number            1 
_exptl.details                    ? 
_exptl.method                     'X-RAY DIFFRACTION' 
_exptl.method_details             ? 
# 
_exptl_crystal.colour                      ? 
_exptl_crystal.density_diffrn              ? 
_exptl_crystal.density_Matthews            1.92 
_exptl_crystal.density_method              ? 
_exptl_crystal.density_percent_sol         36.05 
_exptl_crystal.description                 ? 
_exptl_crystal.F_000                       ? 
_exptl_crystal.id                          1 
_exptl_crystal.preparation                 ? 
_exptl_crystal.size_max                    ? 
_exptl_crystal.size_mid                    ? 
_exptl_crystal.size_min                    ? 
_exptl_crystal.size_rad                    ? 
_exptl_crystal.colour_lustre               ? 
_exptl_crystal.colour_modifier             ? 
_exptl_crystal.colour_primary              ? 
_exptl_crystal.density_meas                ? 
_exptl_crystal.density_meas_esd            ? 
_exptl_crystal.density_meas_gt             ? 
_exptl_crystal.density_meas_lt             ? 
_exptl_crystal.density_meas_temp           ? 
_exptl_crystal.density_meas_temp_esd       ? 
_exptl_crystal.density_meas_temp_gt        ? 
_exptl_crystal.density_meas_temp_lt        ? 
_exptl_crystal.pdbx_crystal_image_url      ? 
_exptl_crystal.pdbx_crystal_image_format   ? 
_exptl_crystal.pdbx_mosaicity              ? 
_exptl_crystal.pdbx_mosaicity_esd          ? 
# 
_exptl_crystal_grow.apparatus       ? 
_exptl_crystal_grow.atmosphere      ? 
_exptl_crystal_grow.crystal_id      1 
_exptl_crystal_grow.details         ? 
_exptl_crystal_grow.method          'VAPOR DIFFUSION, SITTING DROP' 
_exptl_crystal_grow.method_ref      ? 
_exptl_crystal_grow.pH              ? 
_exptl_crystal_grow.pressure        ? 
_exptl_crystal_grow.pressure_esd    ? 
_exptl_crystal_grow.seeding         ? 
_exptl_crystal_grow.seeding_ref     ? 
_exptl_crystal_grow.temp            277 
_exptl_crystal_grow.temp_details    ? 
_exptl_crystal_grow.temp_esd        ? 
_exptl_crystal_grow.time            ? 
_exptl_crystal_grow.pdbx_details    '20% PEG 3350, 0.1M HEPES, 10% EtGhly, PH7.5' 
_exptl_crystal_grow.pdbx_pH_range   ? 
# 
_diffrn.ambient_environment    ? 
_diffrn.ambient_temp           80 
_diffrn.ambient_temp_details   ? 
_diffrn.ambient_temp_esd       ? 
_diffrn.crystal_id             1 
_diffrn.crystal_support        ? 
_diffrn.crystal_treatment      ? 
_diffrn.details                ? 
_diffrn.id                     1 
_diffrn.ambient_pressure       ? 
_diffrn.ambient_pressure_esd   ? 
_diffrn.ambient_pressure_gt    ? 
_diffrn.ambient_pressure_lt    ? 
_diffrn.ambient_temp_gt        ? 
_diffrn.ambient_temp_lt        ? 
# 
_diffrn_detector.details                      ? 
_diffrn_detector.detector                     PIXEL 
_diffrn_detector.diffrn_id                    1 
_diffrn_detector.type                         'DECTRIS PILATUS 6M' 
_diffrn_detector.area_resol_mean              ? 
_diffrn_detector.dtime                        ? 
_diffrn_detector.pdbx_frames_total            ? 
_diffrn_detector.pdbx_collection_time_total   ? 
_diffrn_detector.pdbx_collection_date         2015-12-13 
# 
_diffrn_radiation.collimation                      ? 
_diffrn_radiation.diffrn_id                        1 
_diffrn_radiation.filter_edge                      ? 
_diffrn_radiation.inhomogeneity                    ? 
_diffrn_radiation.monochromator                    ? 
_diffrn_radiation.polarisn_norm                    ? 
_diffrn_radiation.polarisn_ratio                   ? 
_diffrn_radiation.probe                            ? 
_diffrn_radiation.type                             ? 
_diffrn_radiation.xray_symbol                      ? 
_diffrn_radiation.wavelength_id                    1 
_diffrn_radiation.pdbx_monochromatic_or_laue_m_l   M 
_diffrn_radiation.pdbx_wavelength_list             ? 
_diffrn_radiation.pdbx_wavelength                  ? 
_diffrn_radiation.pdbx_diffrn_protocol             'SINGLE WAVELENGTH' 
_diffrn_radiation.pdbx_analyzer                    ? 
_diffrn_radiation.pdbx_scattering_type             x-ray 
# 
_diffrn_radiation_wavelength.id           1 
_diffrn_radiation_wavelength.wavelength   0.97776 
_diffrn_radiation_wavelength.wt           1.0 
# 
_diffrn_source.current                     ? 
_diffrn_source.details                     ? 
_diffrn_source.diffrn_id                   1 
_diffrn_source.power                       ? 
_diffrn_source.size                        ? 
_diffrn_source.source                      SYNCHROTRON 
_diffrn_source.target                      ? 
_diffrn_source.type                        'SSRF BEAMLINE BL18U1' 
_diffrn_source.voltage                     ? 
_diffrn_source.take-off_angle              ? 
_diffrn_source.pdbx_wavelength_list        0.97776 
_diffrn_source.pdbx_wavelength             ? 
_diffrn_source.pdbx_synchrotron_beamline   BL18U1 
_diffrn_source.pdbx_synchrotron_site       SSRF 
# 
_reflns.B_iso_Wilson_estimate            ? 
_reflns.entry_id                         5Z1T 
_reflns.data_reduction_details           ? 
_reflns.data_reduction_method            ? 
_reflns.d_resolution_high                1.420 
_reflns.d_resolution_low                 78.090 
_reflns.details                          ? 
_reflns.limit_h_max                      ? 
_reflns.limit_h_min                      ? 
_reflns.limit_k_max                      ? 
_reflns.limit_k_min                      ? 
_reflns.limit_l_max                      ? 
_reflns.limit_l_min                      ? 
_reflns.number_all                       ? 
_reflns.number_obs                       25189 
_reflns.observed_criterion               ? 
_reflns.observed_criterion_F_max         ? 
_reflns.observed_criterion_F_min         ? 
_reflns.observed_criterion_I_max         ? 
_reflns.observed_criterion_I_min         ? 
_reflns.observed_criterion_sigma_F       ? 
_reflns.observed_criterion_sigma_I       ? 
_reflns.percent_possible_obs             100.000 
_reflns.R_free_details                   ? 
_reflns.Rmerge_F_all                     ? 
_reflns.Rmerge_F_obs                     ? 
_reflns.Friedel_coverage                 ? 
_reflns.number_gt                        ? 
_reflns.threshold_expression             ? 
_reflns.pdbx_redundancy                  11.700 
_reflns.pdbx_Rmerge_I_obs                0.119 
_reflns.pdbx_Rmerge_I_all                ? 
_reflns.pdbx_Rsym_value                  ? 
_reflns.pdbx_netI_over_av_sigmaI         ? 
_reflns.pdbx_netI_over_sigmaI            12.400 
_reflns.pdbx_res_netI_over_av_sigmaI_2   ? 
_reflns.pdbx_res_netI_over_sigmaI_2      ? 
_reflns.pdbx_chi_squared                 ? 
_reflns.pdbx_scaling_rejects             ? 
_reflns.pdbx_d_res_high_opt              ? 
_reflns.pdbx_d_res_low_opt               ? 
_reflns.pdbx_d_res_opt_method            ? 
_reflns.phase_calculation_details        ? 
_reflns.pdbx_Rrim_I_all                  0.124 
_reflns.pdbx_Rpim_I_all                  0.036 
_reflns.pdbx_d_opt                       ? 
_reflns.pdbx_number_measured_all         ? 
_reflns.pdbx_diffrn_id                   1 
_reflns.pdbx_ordinal                     1 
_reflns.pdbx_CC_half                     0.995 
_reflns.pdbx_R_split                     ? 
# 
_reflns_shell.d_res_high                  1.420 
_reflns_shell.d_res_low                   1.450 
_reflns_shell.meanI_over_sigI_all         ? 
_reflns_shell.meanI_over_sigI_obs         ? 
_reflns_shell.number_measured_all         ? 
_reflns_shell.number_measured_obs         ? 
_reflns_shell.number_possible             ? 
_reflns_shell.number_unique_all           ? 
_reflns_shell.number_unique_obs           1265 
_reflns_shell.percent_possible_all        100.000 
_reflns_shell.percent_possible_obs        ? 
_reflns_shell.Rmerge_F_all                ? 
_reflns_shell.Rmerge_F_obs                ? 
_reflns_shell.Rmerge_I_all                ? 
_reflns_shell.Rmerge_I_obs                0.444 
_reflns_shell.meanI_over_sigI_gt          ? 
_reflns_shell.meanI_over_uI_all           ? 
_reflns_shell.meanI_over_uI_gt            ? 
_reflns_shell.number_measured_gt          ? 
_reflns_shell.number_unique_gt            ? 
_reflns_shell.percent_possible_gt         ? 
_reflns_shell.Rmerge_F_gt                 ? 
_reflns_shell.Rmerge_I_gt                 ? 
_reflns_shell.pdbx_redundancy             12.100 
_reflns_shell.pdbx_Rsym_value             ? 
_reflns_shell.pdbx_chi_squared            ? 
_reflns_shell.pdbx_netI_over_sigmaI_all   ? 
_reflns_shell.pdbx_netI_over_sigmaI_obs   ? 
_reflns_shell.pdbx_Rrim_I_all             0.464 
_reflns_shell.pdbx_Rpim_I_all             0.131 
_reflns_shell.pdbx_rejects                ? 
_reflns_shell.pdbx_ordinal                1 
_reflns_shell.pdbx_diffrn_id              1 
_reflns_shell.pdbx_CC_half                0.973 
_reflns_shell.pdbx_R_split                ? 
# 
_refine.aniso_B[1][1]                            2.8400 
_refine.aniso_B[1][2]                            0.0000 
_refine.aniso_B[1][3]                            0.0000 
_refine.aniso_B[2][2]                            -1.2400 
_refine.aniso_B[2][3]                            0.0000 
_refine.aniso_B[3][3]                            -1.6000 
_refine.B_iso_max                                71.810 
_refine.B_iso_mean                               20.1550 
_refine.B_iso_min                                11.230 
_refine.correlation_coeff_Fo_to_Fc               0.9660 
_refine.correlation_coeff_Fo_to_Fc_free          0.9150 
_refine.details                                  
'HYDROGENS HAVE BEEN ADDED IN THE RIDING POSITIONS U VALUES      : REFINED INDIVIDUALLY' 
_refine.diff_density_max                         ? 
_refine.diff_density_max_esd                     ? 
_refine.diff_density_min                         ? 
_refine.diff_density_min_esd                     ? 
_refine.diff_density_rms                         ? 
_refine.diff_density_rms_esd                     ? 
_refine.entry_id                                 5Z1T 
_refine.pdbx_refine_id                           'X-RAY DIFFRACTION' 
_refine.ls_abs_structure_details                 ? 
_refine.ls_abs_structure_Flack                   ? 
_refine.ls_abs_structure_Flack_esd               ? 
_refine.ls_abs_structure_Rogers                  ? 
_refine.ls_abs_structure_Rogers_esd              ? 
_refine.ls_d_res_high                            1.4200 
_refine.ls_d_res_low                             40.3100 
_refine.ls_extinction_coef                       ? 
_refine.ls_extinction_coef_esd                   ? 
_refine.ls_extinction_expression                 ? 
_refine.ls_extinction_method                     ? 
_refine.ls_goodness_of_fit_all                   ? 
_refine.ls_goodness_of_fit_all_esd               ? 
_refine.ls_goodness_of_fit_obs                   ? 
_refine.ls_goodness_of_fit_obs_esd               ? 
_refine.ls_hydrogen_treatment                    ? 
_refine.ls_matrix_type                           ? 
_refine.ls_number_constraints                    ? 
_refine.ls_number_parameters                     ? 
_refine.ls_number_reflns_all                     ? 
_refine.ls_number_reflns_obs                     23884 
_refine.ls_number_reflns_R_free                  1248 
_refine.ls_number_reflns_R_work                  ? 
_refine.ls_number_restraints                     ? 
_refine.ls_percent_reflns_obs                    99.9400 
_refine.ls_percent_reflns_R_free                 5.0000 
_refine.ls_R_factor_all                          ? 
_refine.ls_R_factor_obs                          0.1782 
_refine.ls_R_factor_R_free                       0.2109 
_refine.ls_R_factor_R_free_error                 ? 
_refine.ls_R_factor_R_free_error_details         ? 
_refine.ls_R_factor_R_work                       0.1764 
_refine.ls_R_Fsqd_factor_obs                     ? 
_refine.ls_R_I_factor_obs                        ? 
_refine.ls_redundancy_reflns_all                 ? 
_refine.ls_redundancy_reflns_obs                 ? 
_refine.ls_restrained_S_all                      ? 
_refine.ls_restrained_S_obs                      ? 
_refine.ls_shift_over_esd_max                    ? 
_refine.ls_shift_over_esd_mean                   ? 
_refine.ls_structure_factor_coef                 ? 
_refine.ls_weighting_details                     ? 
_refine.ls_weighting_scheme                      ? 
_refine.ls_wR_factor_all                         ? 
_refine.ls_wR_factor_obs                         ? 
_refine.ls_wR_factor_R_free                      ? 
_refine.ls_wR_factor_R_work                      ? 
_refine.occupancy_max                            ? 
_refine.occupancy_min                            ? 
_refine.solvent_model_details                    ? 
_refine.solvent_model_param_bsol                 ? 
_refine.solvent_model_param_ksol                 ? 
_refine.ls_R_factor_gt                           ? 
_refine.ls_goodness_of_fit_gt                    ? 
_refine.ls_goodness_of_fit_ref                   ? 
_refine.ls_shift_over_su_max                     ? 
_refine.ls_shift_over_su_max_lt                  ? 
_refine.ls_shift_over_su_mean                    ? 
_refine.ls_shift_over_su_mean_lt                 ? 
_refine.pdbx_ls_sigma_I                          ? 
_refine.pdbx_ls_sigma_F                          0.000 
_refine.pdbx_ls_sigma_Fsqd                       ? 
_refine.pdbx_data_cutoff_high_absF               ? 
_refine.pdbx_data_cutoff_high_rms_absF           ? 
_refine.pdbx_data_cutoff_low_absF                ? 
_refine.pdbx_isotropic_thermal_model             ? 
_refine.pdbx_ls_cross_valid_method               THROUGHOUT 
_refine.pdbx_method_to_determine_struct          ? 
_refine.pdbx_starting_model                      ? 
_refine.pdbx_stereochemistry_target_values       ? 
_refine.pdbx_R_Free_selection_details            RANDOM 
_refine.pdbx_stereochem_target_val_spec_case     ? 
_refine.pdbx_overall_ESU_R                       0.0660 
_refine.pdbx_overall_ESU_R_Free                  0.0700 
_refine.pdbx_solvent_vdw_probe_radii             1.2000 
_refine.pdbx_solvent_ion_probe_radii             0.8000 
_refine.pdbx_solvent_shrinkage_radii             0.8000 
_refine.pdbx_real_space_R                        ? 
_refine.pdbx_density_correlation                 ? 
_refine.pdbx_pd_number_of_powder_patterns        ? 
_refine.pdbx_pd_number_of_points                 ? 
_refine.pdbx_pd_meas_number_of_points            ? 
_refine.pdbx_pd_proc_ls_prof_R_factor            ? 
_refine.pdbx_pd_proc_ls_prof_wR_factor           ? 
_refine.pdbx_pd_Marquardt_correlation_coeff      ? 
_refine.pdbx_pd_Fsqrd_R_factor                   ? 
_refine.pdbx_pd_ls_matrix_band_width             ? 
_refine.pdbx_overall_phase_error                 ? 
_refine.pdbx_overall_SU_R_free_Cruickshank_DPI   ? 
_refine.pdbx_overall_SU_R_free_Blow_DPI          ? 
_refine.pdbx_overall_SU_R_Blow_DPI               ? 
_refine.pdbx_TLS_residual_ADP_flag               ? 
_refine.pdbx_diffrn_id                           1 
_refine.overall_SU_B                             1.2300 
_refine.overall_SU_ML                            0.0480 
_refine.overall_SU_R_Cruickshank_DPI             ? 
_refine.overall_SU_R_free                        ? 
_refine.overall_FOM_free_R_set                   ? 
_refine.overall_FOM_work_R_set                   ? 
_refine.pdbx_average_fsc_overall                 ? 
_refine.pdbx_average_fsc_work                    ? 
_refine.pdbx_average_fsc_free                    ? 
# 
_refine_hist.cycle_id                         final 
_refine_hist.pdbx_refine_id                   'X-RAY DIFFRACTION' 
_refine_hist.d_res_high                       1.4200 
_refine_hist.d_res_low                        40.3100 
_refine_hist.pdbx_number_atoms_ligand         59 
_refine_hist.number_atoms_solvent             69 
_refine_hist.number_atoms_total               1259 
_refine_hist.pdbx_number_residues_total       135 
_refine_hist.pdbx_B_iso_mean_ligand           22.99 
_refine_hist.pdbx_B_iso_mean_solvent          26.02 
_refine_hist.pdbx_number_atoms_protein        1131 
_refine_hist.pdbx_number_atoms_nucleic_acid   0 
# 
loop_
_refine_ls_restr.pdbx_refine_id 
_refine_ls_restr.criterion 
_refine_ls_restr.dev_ideal 
_refine_ls_restr.dev_ideal_target 
_refine_ls_restr.number 
_refine_ls_restr.rejects 
_refine_ls_restr.type 
_refine_ls_restr.weight 
_refine_ls_restr.pdbx_restraint_function 
'X-RAY DIFFRACTION' ? 0.016  0.020  1238 ? r_bond_refined_d       ? ? 
'X-RAY DIFFRACTION' ? 0.003  0.020  1169 ? r_bond_other_d         ? ? 
'X-RAY DIFFRACTION' ? 1.841  1.992  1683 ? r_angle_refined_deg    ? ? 
'X-RAY DIFFRACTION' ? 1.002  3.004  2695 ? r_angle_other_deg      ? ? 
'X-RAY DIFFRACTION' ? 6.302  5.000  138  ? r_dihedral_angle_1_deg ? ? 
'X-RAY DIFFRACTION' ? 33.918 25.085 59   ? r_dihedral_angle_2_deg ? ? 
'X-RAY DIFFRACTION' ? 12.804 15.000 206  ? r_dihedral_angle_3_deg ? ? 
'X-RAY DIFFRACTION' ? 11.968 15.000 4    ? r_dihedral_angle_4_deg ? ? 
'X-RAY DIFFRACTION' ? 0.108  0.200  175  ? r_chiral_restr         ? ? 
'X-RAY DIFFRACTION' ? 0.011  0.021  1366 ? r_gen_planes_refined   ? ? 
'X-RAY DIFFRACTION' ? 0.002  0.020  284  ? r_gen_planes_other     ? ? 
# 
_refine_ls_shell.pdbx_refine_id                   'X-RAY DIFFRACTION' 
_refine_ls_shell.d_res_high                       1.4200 
_refine_ls_shell.d_res_low                        1.4570 
_refine_ls_shell.number_reflns_all                1849 
_refine_ls_shell.number_reflns_obs                ? 
_refine_ls_shell.number_reflns_R_free             96 
_refine_ls_shell.number_reflns_R_work             1753 
_refine_ls_shell.percent_reflns_obs               100.0000 
_refine_ls_shell.percent_reflns_R_free            ? 
_refine_ls_shell.R_factor_all                     ? 
_refine_ls_shell.R_factor_obs                     ? 
_refine_ls_shell.R_factor_R_free                  0.2390 
_refine_ls_shell.R_factor_R_free_error            0.0000 
_refine_ls_shell.R_factor_R_work                  0.2360 
_refine_ls_shell.redundancy_reflns_all            ? 
_refine_ls_shell.redundancy_reflns_obs            ? 
_refine_ls_shell.wR_factor_all                    ? 
_refine_ls_shell.wR_factor_obs                    ? 
_refine_ls_shell.wR_factor_R_free                 ? 
_refine_ls_shell.wR_factor_R_work                 ? 
_refine_ls_shell.pdbx_total_number_of_bins_used   20 
_refine_ls_shell.pdbx_phase_error                 ? 
_refine_ls_shell.pdbx_fsc_work                    ? 
_refine_ls_shell.pdbx_fsc_free                    ? 
# 
_struct.entry_id                     5Z1T 
_struct.title                        'Crystal Structure Analysis of the BRD4(1)' 
_struct.pdbx_model_details           ? 
_struct.pdbx_formula_weight          ? 
_struct.pdbx_formula_weight_method   ? 
_struct.pdbx_model_type_details      ? 
_struct.pdbx_CASP_flag               N 
# 
_struct_keywords.entry_id        5Z1T 
_struct_keywords.text            'BRD4(1), Bromodomain, TRANSCRIPTION' 
_struct_keywords.pdbx_keywords   TRANSCRIPTION 
# 
loop_
_struct_asym.id 
_struct_asym.pdbx_blank_PDB_chainid_flag 
_struct_asym.pdbx_modified 
_struct_asym.entity_id 
_struct_asym.details 
A N N 1 ? 
B N N 2 ? 
C N N 3 ? 
D N N 3 ? 
E N N 4 ? 
F N N 4 ? 
G N N 5 ? 
H N N 5 ? 
I N N 6 ? 
# 
_struct_ref.id                         1 
_struct_ref.db_name                    UNP 
_struct_ref.db_code                    BRD4_HUMAN 
_struct_ref.pdbx_db_accession          O60885 
_struct_ref.pdbx_db_isoform            ? 
_struct_ref.entity_id                  1 
_struct_ref.pdbx_seq_one_letter_code   
;NPPPPETSNPNKPKRQTNQLQYLLRVVLKTLWKHQFAWPFQQPVDAVKLNLPDYYKIIKTPMDMGTIKKRLENNYYWNAQ
ECIQDFNTMFTNCYIYNKPGDDIVLMAEALEKLFLQKINELPTEE
;
_struct_ref.pdbx_align_begin           44 
# 
_struct_ref_seq.align_id                      1 
_struct_ref_seq.ref_id                        1 
_struct_ref_seq.pdbx_PDB_id_code              5Z1T 
_struct_ref_seq.pdbx_strand_id                A 
_struct_ref_seq.seq_align_beg                 17 
_struct_ref_seq.pdbx_seq_align_beg_ins_code   ? 
_struct_ref_seq.seq_align_end                 141 
_struct_ref_seq.pdbx_seq_align_end_ins_code   ? 
_struct_ref_seq.pdbx_db_accession             O60885 
_struct_ref_seq.db_align_beg                  44 
_struct_ref_seq.pdbx_db_align_beg_ins_code    ? 
_struct_ref_seq.db_align_end                  168 
_struct_ref_seq.pdbx_db_align_end_ins_code    ? 
_struct_ref_seq.pdbx_auth_seq_align_beg       44 
_struct_ref_seq.pdbx_auth_seq_align_end       168 
# 
loop_
_struct_ref_seq_dif.align_id 
_struct_ref_seq_dif.pdbx_pdb_id_code 
_struct_ref_seq_dif.mon_id 
_struct_ref_seq_dif.pdbx_pdb_strand_id 
_struct_ref_seq_dif.seq_num 
_struct_ref_seq_dif.pdbx_pdb_ins_code 
_struct_ref_seq_dif.pdbx_seq_db_name 
_struct_ref_seq_dif.pdbx_seq_db_accession_code 
_struct_ref_seq_dif.db_mon_id 
_struct_ref_seq_dif.pdbx_seq_db_seq_num 
_struct_ref_seq_dif.details 
_struct_ref_seq_dif.pdbx_auth_seq_num 
_struct_ref_seq_dif.pdbx_ordinal 
1 5Z1T MET A 1  ? UNP O60885 ? ? 'expression tag' 28 1  
1 5Z1T LYS A 2  ? UNP O60885 ? ? 'expression tag' 29 2  
1 5Z1T LYS A 3  ? UNP O60885 ? ? 'expression tag' 30 3  
1 5Z1T GLY A 4  ? UNP O60885 ? ? 'expression tag' 31 4  
1 5Z1T HIS A 5  ? UNP O60885 ? ? 'expression tag' 32 5  
1 5Z1T HIS A 6  ? UNP O60885 ? ? 'expression tag' 33 6  
1 5Z1T HIS A 7  ? UNP O60885 ? ? 'expression tag' 34 7  
1 5Z1T HIS A 8  ? UNP O60885 ? ? 'expression tag' 35 8  
1 5Z1T HIS A 9  ? UNP O60885 ? ? 'expression tag' 36 9  
1 5Z1T HIS A 10 ? UNP O60885 ? ? 'expression tag' 37 10 
1 5Z1T LEU A 11 ? UNP O60885 ? ? 'expression tag' 38 11 
1 5Z1T VAL A 12 ? UNP O60885 ? ? 'expression tag' 39 12 
1 5Z1T PRO A 13 ? UNP O60885 ? ? 'expression tag' 40 13 
1 5Z1T ARG A 14 ? UNP O60885 ? ? 'expression tag' 41 14 
1 5Z1T GLY A 15 ? UNP O60885 ? ? 'expression tag' 42 15 
1 5Z1T SER A 16 ? UNP O60885 ? ? 'expression tag' 43 16 
# 
_pdbx_struct_assembly.id                   1 
_pdbx_struct_assembly.details              author_and_software_defined_assembly 
_pdbx_struct_assembly.method_details       PISA 
_pdbx_struct_assembly.oligomeric_details   monomeric 
_pdbx_struct_assembly.oligomeric_count     1 
# 
loop_
_pdbx_struct_assembly_prop.biol_id 
_pdbx_struct_assembly_prop.type 
_pdbx_struct_assembly_prop.value 
_pdbx_struct_assembly_prop.details 
1 'ABSA (A^2)' 120  ? 
1 MORE         1    ? 
1 'SSA (A^2)'  8790 ? 
# 
_pdbx_struct_assembly_gen.assembly_id       1 
_pdbx_struct_assembly_gen.oper_expression   1 
_pdbx_struct_assembly_gen.asym_id_list      A,B,C,D,E,F,G,H,I 
# 
_pdbx_struct_assembly_auth_evidence.id                     1 
_pdbx_struct_assembly_auth_evidence.assembly_id            1 
_pdbx_struct_assembly_auth_evidence.experimental_support   none 
_pdbx_struct_assembly_auth_evidence.details                ? 
# 
_pdbx_struct_oper_list.id                   1 
_pdbx_struct_oper_list.type                 'identity operation' 
_pdbx_struct_oper_list.name                 1_555 
_pdbx_struct_oper_list.symmetry_operation   x,y,z 
_pdbx_struct_oper_list.matrix[1][1]         1.0000000000 
_pdbx_struct_oper_list.matrix[1][2]         0.0000000000 
_pdbx_struct_oper_list.matrix[1][3]         0.0000000000 
_pdbx_struct_oper_list.vector[1]            0.0000000000 
_pdbx_struct_oper_list.matrix[2][1]         0.0000000000 
_pdbx_struct_oper_list.matrix[2][2]         1.0000000000 
_pdbx_struct_oper_list.matrix[2][3]         0.0000000000 
_pdbx_struct_oper_list.vector[2]            0.0000000000 
_pdbx_struct_oper_list.matrix[3][1]         0.0000000000 
_pdbx_struct_oper_list.matrix[3][2]         0.0000000000 
_pdbx_struct_oper_list.matrix[3][3]         1.0000000000 
_pdbx_struct_oper_list.vector[3]            0.0000000000 
# 
loop_
_struct_conf.conf_type_id 
_struct_conf.id 
_struct_conf.pdbx_PDB_helix_id 
_struct_conf.beg_label_comp_id 
_struct_conf.beg_label_asym_id 
_struct_conf.beg_label_seq_id 
_struct_conf.pdbx_beg_PDB_ins_code 
_struct_conf.end_label_comp_id 
_struct_conf.end_label_asym_id 
_struct_conf.end_label_seq_id 
_struct_conf.pdbx_end_PDB_ins_code 
_struct_conf.beg_auth_comp_id 
_struct_conf.beg_auth_asym_id 
_struct_conf.beg_auth_seq_id 
_struct_conf.end_auth_comp_id 
_struct_conf.end_auth_asym_id 
_struct_conf.end_auth_seq_id 
_struct_conf.pdbx_PDB_helix_class 
_struct_conf.details 
_struct_conf.pdbx_PDB_helix_length 
HELX_P HELX_P1 AA1 THR A 33  ? VAL A 42  ? THR A 60  VAL A 69  1 ? 10 
HELX_P HELX_P2 AA2 VAL A 42  ? LYS A 49  ? VAL A 69  LYS A 76  1 ? 8  
HELX_P HELX_P3 AA3 ALA A 53  ? GLN A 57  ? ALA A 80  GLN A 84  5 ? 5  
HELX_P HELX_P4 AA4 ASP A 69  ? ILE A 74  ? ASP A 96  ILE A 101 1 ? 6  
HELX_P HELX_P5 AA5 ASP A 79  ? ASN A 89  ? ASP A 106 ASN A 116 1 ? 11 
HELX_P HELX_P6 AA6 ASN A 94  ? ASN A 113 ? ASN A 121 ASN A 140 1 ? 20 
HELX_P HELX_P7 AA7 ASP A 117 ? ASN A 135 ? ASP A 144 ASN A 162 1 ? 19 
# 
_struct_conf_type.id          HELX_P 
_struct_conf_type.criteria    ? 
_struct_conf_type.reference   ? 
# 
_struct_mon_prot_cis.pdbx_id                1 
_struct_mon_prot_cis.label_comp_id          VAL 
_struct_mon_prot_cis.label_seq_id           12 
_struct_mon_prot_cis.label_asym_id          A 
_struct_mon_prot_cis.label_alt_id           . 
_struct_mon_prot_cis.pdbx_PDB_ins_code      ? 
_struct_mon_prot_cis.auth_comp_id           VAL 
_struct_mon_prot_cis.auth_seq_id            39 
_struct_mon_prot_cis.auth_asym_id           A 
_struct_mon_prot_cis.pdbx_label_comp_id_2   PRO 
_struct_mon_prot_cis.pdbx_label_seq_id_2    13 
_struct_mon_prot_cis.pdbx_label_asym_id_2   A 
_struct_mon_prot_cis.pdbx_PDB_ins_code_2    ? 
_struct_mon_prot_cis.pdbx_auth_comp_id_2    PRO 
_struct_mon_prot_cis.pdbx_auth_seq_id_2     40 
_struct_mon_prot_cis.pdbx_auth_asym_id_2    A 
_struct_mon_prot_cis.pdbx_PDB_model_num     1 
_struct_mon_prot_cis.pdbx_omega_angle       -4.98 
# 
loop_
_struct_site.id 
_struct_site.pdbx_evidence_code 
_struct_site.pdbx_auth_asym_id 
_struct_site.pdbx_auth_comp_id 
_struct_site.pdbx_auth_seq_id 
_struct_site.pdbx_auth_ins_code 
_struct_site.pdbx_num_residues 
_struct_site.details 
AC1 Software A EFN 201 ? 13 'binding site for residue EFN A 201' 
AC2 Software A NO3 202 ? 6  'binding site for residue NO3 A 202' 
AC3 Software A NO3 203 ? 9  'binding site for residue NO3 A 203' 
AC4 Software A EDO 204 ? 5  'binding site for residue EDO A 204' 
AC5 Software A EDO 205 ? 6  'binding site for residue EDO A 205' 
AC6 Software A GOL 206 ? 8  'binding site for residue GOL A 206' 
AC7 Software A GOL 207 ? 2  'binding site for residue GOL A 207' 
# 
loop_
_struct_site_gen.id 
_struct_site_gen.site_id 
_struct_site_gen.pdbx_num_res 
_struct_site_gen.label_comp_id 
_struct_site_gen.label_asym_id 
_struct_site_gen.label_seq_id 
_struct_site_gen.pdbx_auth_ins_code 
_struct_site_gen.auth_comp_id 
_struct_site_gen.auth_asym_id 
_struct_site_gen.auth_seq_id 
_struct_site_gen.label_atom_id 
_struct_site_gen.label_alt_id 
_struct_site_gen.symmetry 
_struct_site_gen.details 
1  AC1 13 TRP A 54  ? TRP A 81  . ? 1_555 ? 
2  AC1 13 VAL A 60  ? VAL A 87  . ? 1_555 ? 
3  AC1 13 LEU A 67  ? LEU A 94  . ? 1_555 ? 
4  AC1 13 LYS A 72  ? LYS A 99  . ? 4_555 ? 
5  AC1 13 ILE A 73  ? ILE A 100 . ? 4_555 ? 
6  AC1 13 ASN A 113 ? ASN A 140 . ? 1_555 ? 
7  AC1 13 ILE A 119 ? ILE A 146 . ? 1_555 ? 
8  AC1 13 MET A 122 ? MET A 149 . ? 1_555 ? 
9  AC1 13 EDO F .   ? EDO A 205 . ? 1_555 ? 
10 AC1 13 HOH I .   ? HOH A 308 . ? 1_555 ? 
11 AC1 13 HOH I .   ? HOH A 328 . ? 1_555 ? 
12 AC1 13 HOH I .   ? HOH A 336 . ? 1_555 ? 
13 AC1 13 HOH I .   ? HOH A 353 . ? 1_555 ? 
14 AC2 6  PRO A 29  ? PRO A 56  . ? 3_455 ? 
15 AC2 6  LYS A 30  ? LYS A 57  . ? 3_455 ? 
16 AC2 6  TYR A 71  ? TYR A 98  . ? 1_555 ? 
17 AC2 6  LYS A 72  ? LYS A 99  . ? 1_555 ? 
18 AC2 6  LYS A 75  ? LYS A 102 . ? 1_555 ? 
19 AC2 6  ASP A 118 ? ASP A 145 . ? 4_455 ? 
20 AC3 9  HIS A 7   ? HIS A 34  . ? 1_555 ? 
21 AC3 9  HIS A 8   ? HIS A 35  . ? 1_555 ? 
22 AC3 9  HIS A 9   ? HIS A 36  . ? 1_555 ? 
23 AC3 9  HIS A 10  ? HIS A 37  . ? 1_555 ? 
24 AC3 9  LEU A 11  ? LEU A 38  . ? 1_555 ? 
25 AC3 9  VAL A 12  ? VAL A 39  . ? 1_555 ? 
26 AC3 9  GLN A 96  ? GLN A 123 . ? 1_565 ? 
27 AC3 9  ILE A 99  ? ILE A 126 . ? 1_565 ? 
28 AC3 9  ASN A 103 ? ASN A 130 . ? 1_565 ? 
29 AC4 5  ILE A 73  ? ILE A 100 . ? 1_555 ? 
30 AC4 5  ILE A 74  ? ILE A 101 . ? 1_555 ? 
31 AC4 5  LYS A 75  ? LYS A 102 . ? 1_555 ? 
32 AC4 5  THR A 76  ? THR A 103 . ? 1_555 ? 
33 AC4 5  ASN A 108 ? ASN A 135 . ? 1_555 ? 
34 AC5 6  ASN A 113 ? ASN A 140 . ? 1_555 ? 
35 AC5 6  ASP A 117 ? ASP A 144 . ? 1_555 ? 
36 AC5 6  ASP A 118 ? ASP A 145 . ? 1_555 ? 
37 AC5 6  ILE A 119 ? ILE A 146 . ? 1_555 ? 
38 AC5 6  EFN B .   ? EFN A 201 . ? 1_555 ? 
39 AC5 6  HOH I .   ? HOH A 305 . ? 1_555 ? 
40 AC6 8  PRO A 19  ? PRO A 46  . ? 1_555 ? 
41 AC6 8  PRO A 20  ? PRO A 47  . ? 1_555 ? 
42 AC6 8  PRO A 21  ? PRO A 48  . ? 1_555 ? 
43 AC6 8  ARG A 31  ? ARG A 58  . ? 3_455 ? 
44 AC6 8  TRP A 93  ? TRP A 120 . ? 3_455 ? 
45 AC6 8  ASN A 94  ? ASN A 121 . ? 3_455 ? 
46 AC6 8  HOH I .   ? HOH A 315 . ? 1_555 ? 
47 AC6 8  HOH I .   ? HOH A 322 . ? 3_455 ? 
48 AC7 2  ASN A 66  ? ASN A 93  . ? 4_455 ? 
49 AC7 2  GLU A 136 ? GLU A 163 . ? 4_445 ? 
# 
_pdbx_validate_close_contact.id               1 
_pdbx_validate_close_contact.PDB_model_num    1 
_pdbx_validate_close_contact.auth_atom_id_1   O 
_pdbx_validate_close_contact.auth_asym_id_1   A 
_pdbx_validate_close_contact.auth_comp_id_1   HOH 
_pdbx_validate_close_contact.auth_seq_id_1    301 
_pdbx_validate_close_contact.PDB_ins_code_1   ? 
_pdbx_validate_close_contact.label_alt_id_1   ? 
_pdbx_validate_close_contact.auth_atom_id_2   O 
_pdbx_validate_close_contact.auth_asym_id_2   A 
_pdbx_validate_close_contact.auth_comp_id_2   HOH 
_pdbx_validate_close_contact.auth_seq_id_2    349 
_pdbx_validate_close_contact.PDB_ins_code_2   ? 
_pdbx_validate_close_contact.label_alt_id_2   ? 
_pdbx_validate_close_contact.dist             2.05 
# 
loop_
_pdbx_validate_rmsd_angle.id 
_pdbx_validate_rmsd_angle.PDB_model_num 
_pdbx_validate_rmsd_angle.auth_atom_id_1 
_pdbx_validate_rmsd_angle.auth_asym_id_1 
_pdbx_validate_rmsd_angle.auth_comp_id_1 
_pdbx_validate_rmsd_angle.auth_seq_id_1 
_pdbx_validate_rmsd_angle.PDB_ins_code_1 
_pdbx_validate_rmsd_angle.label_alt_id_1 
_pdbx_validate_rmsd_angle.auth_atom_id_2 
_pdbx_validate_rmsd_angle.auth_asym_id_2 
_pdbx_validate_rmsd_angle.auth_comp_id_2 
_pdbx_validate_rmsd_angle.auth_seq_id_2 
_pdbx_validate_rmsd_angle.PDB_ins_code_2 
_pdbx_validate_rmsd_angle.label_alt_id_2 
_pdbx_validate_rmsd_angle.auth_atom_id_3 
_pdbx_validate_rmsd_angle.auth_asym_id_3 
_pdbx_validate_rmsd_angle.auth_comp_id_3 
_pdbx_validate_rmsd_angle.auth_seq_id_3 
_pdbx_validate_rmsd_angle.PDB_ins_code_3 
_pdbx_validate_rmsd_angle.label_alt_id_3 
_pdbx_validate_rmsd_angle.angle_value 
_pdbx_validate_rmsd_angle.angle_target_value 
_pdbx_validate_rmsd_angle.angle_deviation 
_pdbx_validate_rmsd_angle.angle_standard_deviation 
_pdbx_validate_rmsd_angle.linker_flag 
1 1 NE A ARG 113 ? ? CZ A ARG 113 ? ? NH1 A ARG 113 ? ? 123.61 120.30 3.31  0.50 N 
2 1 NE A ARG 113 ? ? CZ A ARG 113 ? ? NH2 A ARG 113 ? ? 116.19 120.30 -4.11 0.50 N 
# 
loop_
_pdbx_validate_torsion.id 
_pdbx_validate_torsion.PDB_model_num 
_pdbx_validate_torsion.auth_comp_id 
_pdbx_validate_torsion.auth_asym_id 
_pdbx_validate_torsion.auth_seq_id 
_pdbx_validate_torsion.PDB_ins_code 
_pdbx_validate_torsion.label_alt_id 
_pdbx_validate_torsion.phi 
_pdbx_validate_torsion.psi 
1 1 ASN A 52 ? ? -171.52 98.90 
2 1 LEU A 94 ? ? -116.82 69.38 
# 
loop_
_pdbx_unobs_or_zero_occ_residues.id 
_pdbx_unobs_or_zero_occ_residues.PDB_model_num 
_pdbx_unobs_or_zero_occ_residues.polymer_flag 
_pdbx_unobs_or_zero_occ_residues.occupancy_flag 
_pdbx_unobs_or_zero_occ_residues.auth_asym_id 
_pdbx_unobs_or_zero_occ_residues.auth_comp_id 
_pdbx_unobs_or_zero_occ_residues.auth_seq_id 
_pdbx_unobs_or_zero_occ_residues.PDB_ins_code 
_pdbx_unobs_or_zero_occ_residues.label_asym_id 
_pdbx_unobs_or_zero_occ_residues.label_comp_id 
_pdbx_unobs_or_zero_occ_residues.label_seq_id 
1 1 Y 1 A MET 28  ? A MET 1   
2 1 Y 1 A LYS 29  ? A LYS 2   
3 1 Y 1 A LYS 30  ? A LYS 3   
4 1 Y 1 A GLY 31  ? A GLY 4   
5 1 Y 1 A HIS 32  ? A HIS 5   
6 1 Y 1 A GLU 168 ? A GLU 141 
# 
loop_
_chem_comp_atom.comp_id 
_chem_comp_atom.atom_id 
_chem_comp_atom.type_symbol 
_chem_comp_atom.pdbx_aromatic_flag 
_chem_comp_atom.pdbx_stereo_config 
_chem_comp_atom.pdbx_ordinal 
ALA N    N  N N 1   
ALA CA   C  N S 2   
ALA C    C  N N 3   
ALA O    O  N N 4   
ALA CB   C  N N 5   
ALA OXT  O  N N 6   
ALA H    H  N N 7   
ALA H2   H  N N 8   
ALA HA   H  N N 9   
ALA HB1  H  N N 10  
ALA HB2  H  N N 11  
ALA HB3  H  N N 12  
ALA HXT  H  N N 13  
ARG N    N  N N 14  
ARG CA   C  N S 15  
ARG C    C  N N 16  
ARG O    O  N N 17  
ARG CB   C  N N 18  
ARG CG   C  N N 19  
ARG CD   C  N N 20  
ARG NE   N  N N 21  
ARG CZ   C  N N 22  
ARG NH1  N  N N 23  
ARG NH2  N  N N 24  
ARG OXT  O  N N 25  
ARG H    H  N N 26  
ARG H2   H  N N 27  
ARG HA   H  N N 28  
ARG HB2  H  N N 29  
ARG HB3  H  N N 30  
ARG HG2  H  N N 31  
ARG HG3  H  N N 32  
ARG HD2  H  N N 33  
ARG HD3  H  N N 34  
ARG HE   H  N N 35  
ARG HH11 H  N N 36  
ARG HH12 H  N N 37  
ARG HH21 H  N N 38  
ARG HH22 H  N N 39  
ARG HXT  H  N N 40  
ASN N    N  N N 41  
ASN CA   C  N S 42  
ASN C    C  N N 43  
ASN O    O  N N 44  
ASN CB   C  N N 45  
ASN CG   C  N N 46  
ASN OD1  O  N N 47  
ASN ND2  N  N N 48  
ASN OXT  O  N N 49  
ASN H    H  N N 50  
ASN H2   H  N N 51  
ASN HA   H  N N 52  
ASN HB2  H  N N 53  
ASN HB3  H  N N 54  
ASN HD21 H  N N 55  
ASN HD22 H  N N 56  
ASN HXT  H  N N 57  
ASP N    N  N N 58  
ASP CA   C  N S 59  
ASP C    C  N N 60  
ASP O    O  N N 61  
ASP CB   C  N N 62  
ASP CG   C  N N 63  
ASP OD1  O  N N 64  
ASP OD2  O  N N 65  
ASP OXT  O  N N 66  
ASP H    H  N N 67  
ASP H2   H  N N 68  
ASP HA   H  N N 69  
ASP HB2  H  N N 70  
ASP HB3  H  N N 71  
ASP HD2  H  N N 72  
ASP HXT  H  N N 73  
CYS N    N  N N 74  
CYS CA   C  N R 75  
CYS C    C  N N 76  
CYS O    O  N N 77  
CYS CB   C  N N 78  
CYS SG   S  N N 79  
CYS OXT  O  N N 80  
CYS H    H  N N 81  
CYS H2   H  N N 82  
CYS HA   H  N N 83  
CYS HB2  H  N N 84  
CYS HB3  H  N N 85  
CYS HG   H  N N 86  
CYS HXT  H  N N 87  
EDO C1   C  N N 88  
EDO O1   O  N N 89  
EDO C2   C  N N 90  
EDO O2   O  N N 91  
EDO H11  H  N N 92  
EDO H12  H  N N 93  
EDO HO1  H  N N 94  
EDO H21  H  N N 95  
EDO H22  H  N N 96  
EDO HO2  H  N N 97  
EFN CAZ  C  N N 98  
EFN OAY  O  N N 99  
EFN CAT  C  Y N 100 
EFN CAU  C  Y N 101 
EFN CAV  C  Y N 102 
EFN CAW  C  Y N 103 
EFN BR   BR N N 104 
EFN CAX  C  Y N 105 
EFN CAS  C  Y N 106 
EFN SAP  S  N N 107 
EFN OAQ  O  N N 108 
EFN OAR  O  N N 109 
EFN NAO  N  N N 110 
EFN CAC  C  Y N 111 
EFN CAD  C  Y N 112 
EFN CAE  C  Y N 113 
EFN OAG  O  N N 114 
EFN CAH  C  N N 115 
EFN CAL  C  N N 116 
EFN CAM  C  N N 117 
EFN CAI  C  N N 118 
EFN OAK  O  N N 119 
EFN NAJ  N  N N 120 
EFN CAF  C  Y N 121 
EFN CAA  C  Y N 122 
EFN CAB  C  Y N 123 
EFN OAN  O  N N 124 
EFN H1   H  N N 125 
EFN H2   H  N N 126 
EFN H3   H  N N 127 
EFN H4   H  N N 128 
EFN H5   H  N N 129 
EFN H6   H  N N 130 
EFN H7   H  N N 131 
EFN H8   H  N N 132 
EFN H9   H  N N 133 
EFN H10  H  N N 134 
EFN H11  H  N N 135 
EFN H12  H  N N 136 
EFN H13  H  N N 137 
EFN H14  H  N N 138 
EFN H15  H  N N 139 
EFN H16  H  N N 140 
EFN H17  H  N N 141 
GLN N    N  N N 142 
GLN CA   C  N S 143 
GLN C    C  N N 144 
GLN O    O  N N 145 
GLN CB   C  N N 146 
GLN CG   C  N N 147 
GLN CD   C  N N 148 
GLN OE1  O  N N 149 
GLN NE2  N  N N 150 
GLN OXT  O  N N 151 
GLN H    H  N N 152 
GLN H2   H  N N 153 
GLN HA   H  N N 154 
GLN HB2  H  N N 155 
GLN HB3  H  N N 156 
GLN HG2  H  N N 157 
GLN HG3  H  N N 158 
GLN HE21 H  N N 159 
GLN HE22 H  N N 160 
GLN HXT  H  N N 161 
GLU N    N  N N 162 
GLU CA   C  N S 163 
GLU C    C  N N 164 
GLU O    O  N N 165 
GLU CB   C  N N 166 
GLU CG   C  N N 167 
GLU CD   C  N N 168 
GLU OE1  O  N N 169 
GLU OE2  O  N N 170 
GLU OXT  O  N N 171 
GLU H    H  N N 172 
GLU H2   H  N N 173 
GLU HA   H  N N 174 
GLU HB2  H  N N 175 
GLU HB3  H  N N 176 
GLU HG2  H  N N 177 
GLU HG3  H  N N 178 
GLU HE2  H  N N 179 
GLU HXT  H  N N 180 
GLY N    N  N N 181 
GLY CA   C  N N 182 
GLY C    C  N N 183 
GLY O    O  N N 184 
GLY OXT  O  N N 185 
GLY H    H  N N 186 
GLY H2   H  N N 187 
GLY HA2  H  N N 188 
GLY HA3  H  N N 189 
GLY HXT  H  N N 190 
GOL C1   C  N N 191 
GOL O1   O  N N 192 
GOL C2   C  N N 193 
GOL O2   O  N N 194 
GOL C3   C  N N 195 
GOL O3   O  N N 196 
GOL H11  H  N N 197 
GOL H12  H  N N 198 
GOL HO1  H  N N 199 
GOL H2   H  N N 200 
GOL HO2  H  N N 201 
GOL H31  H  N N 202 
GOL H32  H  N N 203 
GOL HO3  H  N N 204 
HIS N    N  N N 205 
HIS CA   C  N S 206 
HIS C    C  N N 207 
HIS O    O  N N 208 
HIS CB   C  N N 209 
HIS CG   C  Y N 210 
HIS ND1  N  Y N 211 
HIS CD2  C  Y N 212 
HIS CE1  C  Y N 213 
HIS NE2  N  Y N 214 
HIS OXT  O  N N 215 
HIS H    H  N N 216 
HIS H2   H  N N 217 
HIS HA   H  N N 218 
HIS HB2  H  N N 219 
HIS HB3  H  N N 220 
HIS HD1  H  N N 221 
HIS HD2  H  N N 222 
HIS HE1  H  N N 223 
HIS HE2  H  N N 224 
HIS HXT  H  N N 225 
HOH O    O  N N 226 
HOH H1   H  N N 227 
HOH H2   H  N N 228 
ILE N    N  N N 229 
ILE CA   C  N S 230 
ILE C    C  N N 231 
ILE O    O  N N 232 
ILE CB   C  N S 233 
ILE CG1  C  N N 234 
ILE CG2  C  N N 235 
ILE CD1  C  N N 236 
ILE OXT  O  N N 237 
ILE H    H  N N 238 
ILE H2   H  N N 239 
ILE HA   H  N N 240 
ILE HB   H  N N 241 
ILE HG12 H  N N 242 
ILE HG13 H  N N 243 
ILE HG21 H  N N 244 
ILE HG22 H  N N 245 
ILE HG23 H  N N 246 
ILE HD11 H  N N 247 
ILE HD12 H  N N 248 
ILE HD13 H  N N 249 
ILE HXT  H  N N 250 
LEU N    N  N N 251 
LEU CA   C  N S 252 
LEU C    C  N N 253 
LEU O    O  N N 254 
LEU CB   C  N N 255 
LEU CG   C  N N 256 
LEU CD1  C  N N 257 
LEU CD2  C  N N 258 
LEU OXT  O  N N 259 
LEU H    H  N N 260 
LEU H2   H  N N 261 
LEU HA   H  N N 262 
LEU HB2  H  N N 263 
LEU HB3  H  N N 264 
LEU HG   H  N N 265 
LEU HD11 H  N N 266 
LEU HD12 H  N N 267 
LEU HD13 H  N N 268 
LEU HD21 H  N N 269 
LEU HD22 H  N N 270 
LEU HD23 H  N N 271 
LEU HXT  H  N N 272 
LYS N    N  N N 273 
LYS CA   C  N S 274 
LYS C    C  N N 275 
LYS O    O  N N 276 
LYS CB   C  N N 277 
LYS CG   C  N N 278 
LYS CD   C  N N 279 
LYS CE   C  N N 280 
LYS NZ   N  N N 281 
LYS OXT  O  N N 282 
LYS H    H  N N 283 
LYS H2   H  N N 284 
LYS HA   H  N N 285 
LYS HB2  H  N N 286 
LYS HB3  H  N N 287 
LYS HG2  H  N N 288 
LYS HG3  H  N N 289 
LYS HD2  H  N N 290 
LYS HD3  H  N N 291 
LYS HE2  H  N N 292 
LYS HE3  H  N N 293 
LYS HZ1  H  N N 294 
LYS HZ2  H  N N 295 
LYS HZ3  H  N N 296 
LYS HXT  H  N N 297 
MET N    N  N N 298 
MET CA   C  N S 299 
MET C    C  N N 300 
MET O    O  N N 301 
MET CB   C  N N 302 
MET CG   C  N N 303 
MET SD   S  N N 304 
MET CE   C  N N 305 
MET OXT  O  N N 306 
MET H    H  N N 307 
MET H2   H  N N 308 
MET HA   H  N N 309 
MET HB2  H  N N 310 
MET HB3  H  N N 311 
MET HG2  H  N N 312 
MET HG3  H  N N 313 
MET HE1  H  N N 314 
MET HE2  H  N N 315 
MET HE3  H  N N 316 
MET HXT  H  N N 317 
NO3 N    N  N N 318 
NO3 O1   O  N N 319 
NO3 O2   O  N N 320 
NO3 O3   O  N N 321 
PHE N    N  N N 322 
PHE CA   C  N S 323 
PHE C    C  N N 324 
PHE O    O  N N 325 
PHE CB   C  N N 326 
PHE CG   C  Y N 327 
PHE CD1  C  Y N 328 
PHE CD2  C  Y N 329 
PHE CE1  C  Y N 330 
PHE CE2  C  Y N 331 
PHE CZ   C  Y N 332 
PHE OXT  O  N N 333 
PHE H    H  N N 334 
PHE H2   H  N N 335 
PHE HA   H  N N 336 
PHE HB2  H  N N 337 
PHE HB3  H  N N 338 
PHE HD1  H  N N 339 
PHE HD2  H  N N 340 
PHE HE1  H  N N 341 
PHE HE2  H  N N 342 
PHE HZ   H  N N 343 
PHE HXT  H  N N 344 
PRO N    N  N N 345 
PRO CA   C  N S 346 
PRO C    C  N N 347 
PRO O    O  N N 348 
PRO CB   C  N N 349 
PRO CG   C  N N 350 
PRO CD   C  N N 351 
PRO OXT  O  N N 352 
PRO H    H  N N 353 
PRO HA   H  N N 354 
PRO HB2  H  N N 355 
PRO HB3  H  N N 356 
PRO HG2  H  N N 357 
PRO HG3  H  N N 358 
PRO HD2  H  N N 359 
PRO HD3  H  N N 360 
PRO HXT  H  N N 361 
SER N    N  N N 362 
SER CA   C  N S 363 
SER C    C  N N 364 
SER O    O  N N 365 
SER CB   C  N N 366 
SER OG   O  N N 367 
SER OXT  O  N N 368 
SER H    H  N N 369 
SER H2   H  N N 370 
SER HA   H  N N 371 
SER HB2  H  N N 372 
SER HB3  H  N N 373 
SER HG   H  N N 374 
SER HXT  H  N N 375 
THR N    N  N N 376 
THR CA   C  N S 377 
THR C    C  N N 378 
THR O    O  N N 379 
THR CB   C  N R 380 
THR OG1  O  N N 381 
THR CG2  C  N N 382 
THR OXT  O  N N 383 
THR H    H  N N 384 
THR H2   H  N N 385 
THR HA   H  N N 386 
THR HB   H  N N 387 
THR HG1  H  N N 388 
THR HG21 H  N N 389 
THR HG22 H  N N 390 
THR HG23 H  N N 391 
THR HXT  H  N N 392 
TRP N    N  N N 393 
TRP CA   C  N S 394 
TRP C    C  N N 395 
TRP O    O  N N 396 
TRP CB   C  N N 397 
TRP CG   C  Y N 398 
TRP CD1  C  Y N 399 
TRP CD2  C  Y N 400 
TRP NE1  N  Y N 401 
TRP CE2  C  Y N 402 
TRP CE3  C  Y N 403 
TRP CZ2  C  Y N 404 
TRP CZ3  C  Y N 405 
TRP CH2  C  Y N 406 
TRP OXT  O  N N 407 
TRP H    H  N N 408 
TRP H2   H  N N 409 
TRP HA   H  N N 410 
TRP HB2  H  N N 411 
TRP HB3  H  N N 412 
TRP HD1  H  N N 413 
TRP HE1  H  N N 414 
TRP HE3  H  N N 415 
TRP HZ2  H  N N 416 
TRP HZ3  H  N N 417 
TRP HH2  H  N N 418 
TRP HXT  H  N N 419 
TYR N    N  N N 420 
TYR CA   C  N S 421 
TYR C    C  N N 422 
TYR O    O  N N 423 
TYR CB   C  N N 424 
TYR CG   C  Y N 425 
TYR CD1  C  Y N 426 
TYR CD2  C  Y N 427 
TYR CE1  C  Y N 428 
TYR CE2  C  Y N 429 
TYR CZ   C  Y N 430 
TYR OH   O  N N 431 
TYR OXT  O  N N 432 
TYR H    H  N N 433 
TYR H2   H  N N 434 
TYR HA   H  N N 435 
TYR HB2  H  N N 436 
TYR HB3  H  N N 437 
TYR HD1  H  N N 438 
TYR HD2  H  N N 439 
TYR HE1  H  N N 440 
TYR HE2  H  N N 441 
TYR HH   H  N N 442 
TYR HXT  H  N N 443 
VAL N    N  N N 444 
VAL CA   C  N S 445 
VAL C    C  N N 446 
VAL O    O  N N 447 
VAL CB   C  N N 448 
VAL CG1  C  N N 449 
VAL CG2  C  N N 450 
VAL OXT  O  N N 451 
VAL H    H  N N 452 
VAL H2   H  N N 453 
VAL HA   H  N N 454 
VAL HB   H  N N 455 
VAL HG11 H  N N 456 
VAL HG12 H  N N 457 
VAL HG13 H  N N 458 
VAL HG21 H  N N 459 
VAL HG22 H  N N 460 
VAL HG23 H  N N 461 
VAL HXT  H  N N 462 
# 
loop_
_chem_comp_bond.comp_id 
_chem_comp_bond.atom_id_1 
_chem_comp_bond.atom_id_2 
_chem_comp_bond.value_order 
_chem_comp_bond.pdbx_aromatic_flag 
_chem_comp_bond.pdbx_stereo_config 
_chem_comp_bond.pdbx_ordinal 
ALA N   CA   sing N N 1   
ALA N   H    sing N N 2   
ALA N   H2   sing N N 3   
ALA CA  C    sing N N 4   
ALA CA  CB   sing N N 5   
ALA CA  HA   sing N N 6   
ALA C   O    doub N N 7   
ALA C   OXT  sing N N 8   
ALA CB  HB1  sing N N 9   
ALA CB  HB2  sing N N 10  
ALA CB  HB3  sing N N 11  
ALA OXT HXT  sing N N 12  
ARG N   CA   sing N N 13  
ARG N   H    sing N N 14  
ARG N   H2   sing N N 15  
ARG CA  C    sing N N 16  
ARG CA  CB   sing N N 17  
ARG CA  HA   sing N N 18  
ARG C   O    doub N N 19  
ARG C   OXT  sing N N 20  
ARG CB  CG   sing N N 21  
ARG CB  HB2  sing N N 22  
ARG CB  HB3  sing N N 23  
ARG CG  CD   sing N N 24  
ARG CG  HG2  sing N N 25  
ARG CG  HG3  sing N N 26  
ARG CD  NE   sing N N 27  
ARG CD  HD2  sing N N 28  
ARG CD  HD3  sing N N 29  
ARG NE  CZ   sing N N 30  
ARG NE  HE   sing N N 31  
ARG CZ  NH1  sing N N 32  
ARG CZ  NH2  doub N N 33  
ARG NH1 HH11 sing N N 34  
ARG NH1 HH12 sing N N 35  
ARG NH2 HH21 sing N N 36  
ARG NH2 HH22 sing N N 37  
ARG OXT HXT  sing N N 38  
ASN N   CA   sing N N 39  
ASN N   H    sing N N 40  
ASN N   H2   sing N N 41  
ASN CA  C    sing N N 42  
ASN CA  CB   sing N N 43  
ASN CA  HA   sing N N 44  
ASN C   O    doub N N 45  
ASN C   OXT  sing N N 46  
ASN CB  CG   sing N N 47  
ASN CB  HB2  sing N N 48  
ASN CB  HB3  sing N N 49  
ASN CG  OD1  doub N N 50  
ASN CG  ND2  sing N N 51  
ASN ND2 HD21 sing N N 52  
ASN ND2 HD22 sing N N 53  
ASN OXT HXT  sing N N 54  
ASP N   CA   sing N N 55  
ASP N   H    sing N N 56  
ASP N   H2   sing N N 57  
ASP CA  C    sing N N 58  
ASP CA  CB   sing N N 59  
ASP CA  HA   sing N N 60  
ASP C   O    doub N N 61  
ASP C   OXT  sing N N 62  
ASP CB  CG   sing N N 63  
ASP CB  HB2  sing N N 64  
ASP CB  HB3  sing N N 65  
ASP CG  OD1  doub N N 66  
ASP CG  OD2  sing N N 67  
ASP OD2 HD2  sing N N 68  
ASP OXT HXT  sing N N 69  
CYS N   CA   sing N N 70  
CYS N   H    sing N N 71  
CYS N   H2   sing N N 72  
CYS CA  C    sing N N 73  
CYS CA  CB   sing N N 74  
CYS CA  HA   sing N N 75  
CYS C   O    doub N N 76  
CYS C   OXT  sing N N 77  
CYS CB  SG   sing N N 78  
CYS CB  HB2  sing N N 79  
CYS CB  HB3  sing N N 80  
CYS SG  HG   sing N N 81  
CYS OXT HXT  sing N N 82  
EDO C1  O1   sing N N 83  
EDO C1  C2   sing N N 84  
EDO C1  H11  sing N N 85  
EDO C1  H12  sing N N 86  
EDO O1  HO1  sing N N 87  
EDO C2  O2   sing N N 88  
EDO C2  H21  sing N N 89  
EDO C2  H22  sing N N 90  
EDO O2  HO2  sing N N 91  
EFN CAV CAU  doub Y N 92  
EFN CAV CAW  sing Y N 93  
EFN CAU CAT  sing Y N 94  
EFN CAZ OAY  sing N N 95  
EFN BR  CAW  sing N N 96  
EFN CAW CAX  doub Y N 97  
EFN CAT OAY  sing N N 98  
EFN CAT CAS  doub Y N 99  
EFN CAX CAS  sing Y N 100 
EFN CAS SAP  sing N N 101 
EFN OAN CAB  sing N N 102 
EFN OAR SAP  doub N N 103 
EFN SAP NAO  sing N N 104 
EFN SAP OAQ  doub N N 105 
EFN CAB CAA  doub Y N 106 
EFN CAB CAC  sing Y N 107 
EFN CAA CAF  sing Y N 108 
EFN NAO CAC  sing N N 109 
EFN CAC CAD  doub Y N 110 
EFN CAF NAJ  sing N N 111 
EFN CAF CAE  doub Y N 112 
EFN NAJ CAI  sing N N 113 
EFN CAD CAE  sing Y N 114 
EFN CAE OAG  sing N N 115 
EFN OAG CAH  sing N N 116 
EFN CAI OAK  doub N N 117 
EFN CAI CAH  sing N N 118 
EFN CAH CAM  sing N N 119 
EFN CAH CAL  sing N N 120 
EFN CAZ H1   sing N N 121 
EFN CAZ H2   sing N N 122 
EFN CAZ H3   sing N N 123 
EFN CAU H4   sing N N 124 
EFN CAV H5   sing N N 125 
EFN CAX H6   sing N N 126 
EFN NAO H7   sing N N 127 
EFN CAD H8   sing N N 128 
EFN CAL H9   sing N N 129 
EFN CAL H10  sing N N 130 
EFN CAL H11  sing N N 131 
EFN CAM H12  sing N N 132 
EFN CAM H13  sing N N 133 
EFN CAM H14  sing N N 134 
EFN NAJ H15  sing N N 135 
EFN CAA H16  sing N N 136 
EFN OAN H17  sing N N 137 
GLN N   CA   sing N N 138 
GLN N   H    sing N N 139 
GLN N   H2   sing N N 140 
GLN CA  C    sing N N 141 
GLN CA  CB   sing N N 142 
GLN CA  HA   sing N N 143 
GLN C   O    doub N N 144 
GLN C   OXT  sing N N 145 
GLN CB  CG   sing N N 146 
GLN CB  HB2  sing N N 147 
GLN CB  HB3  sing N N 148 
GLN CG  CD   sing N N 149 
GLN CG  HG2  sing N N 150 
GLN CG  HG3  sing N N 151 
GLN CD  OE1  doub N N 152 
GLN CD  NE2  sing N N 153 
GLN NE2 HE21 sing N N 154 
GLN NE2 HE22 sing N N 155 
GLN OXT HXT  sing N N 156 
GLU N   CA   sing N N 157 
GLU N   H    sing N N 158 
GLU N   H2   sing N N 159 
GLU CA  C    sing N N 160 
GLU CA  CB   sing N N 161 
GLU CA  HA   sing N N 162 
GLU C   O    doub N N 163 
GLU C   OXT  sing N N 164 
GLU CB  CG   sing N N 165 
GLU CB  HB2  sing N N 166 
GLU CB  HB3  sing N N 167 
GLU CG  CD   sing N N 168 
GLU CG  HG2  sing N N 169 
GLU CG  HG3  sing N N 170 
GLU CD  OE1  doub N N 171 
GLU CD  OE2  sing N N 172 
GLU OE2 HE2  sing N N 173 
GLU OXT HXT  sing N N 174 
GLY N   CA   sing N N 175 
GLY N   H    sing N N 176 
GLY N   H2   sing N N 177 
GLY CA  C    sing N N 178 
GLY CA  HA2  sing N N 179 
GLY CA  HA3  sing N N 180 
GLY C   O    doub N N 181 
GLY C   OXT  sing N N 182 
GLY OXT HXT  sing N N 183 
GOL C1  O1   sing N N 184 
GOL C1  C2   sing N N 185 
GOL C1  H11  sing N N 186 
GOL C1  H12  sing N N 187 
GOL O1  HO1  sing N N 188 
GOL C2  O2   sing N N 189 
GOL C2  C3   sing N N 190 
GOL C2  H2   sing N N 191 
GOL O2  HO2  sing N N 192 
GOL C3  O3   sing N N 193 
GOL C3  H31  sing N N 194 
GOL C3  H32  sing N N 195 
GOL O3  HO3  sing N N 196 
HIS N   CA   sing N N 197 
HIS N   H    sing N N 198 
HIS N   H2   sing N N 199 
HIS CA  C    sing N N 200 
HIS CA  CB   sing N N 201 
HIS CA  HA   sing N N 202 
HIS C   O    doub N N 203 
HIS C   OXT  sing N N 204 
HIS CB  CG   sing N N 205 
HIS CB  HB2  sing N N 206 
HIS CB  HB3  sing N N 207 
HIS CG  ND1  sing Y N 208 
HIS CG  CD2  doub Y N 209 
HIS ND1 CE1  doub Y N 210 
HIS ND1 HD1  sing N N 211 
HIS CD2 NE2  sing Y N 212 
HIS CD2 HD2  sing N N 213 
HIS CE1 NE2  sing Y N 214 
HIS CE1 HE1  sing N N 215 
HIS NE2 HE2  sing N N 216 
HIS OXT HXT  sing N N 217 
HOH O   H1   sing N N 218 
HOH O   H2   sing N N 219 
ILE N   CA   sing N N 220 
ILE N   H    sing N N 221 
ILE N   H2   sing N N 222 
ILE CA  C    sing N N 223 
ILE CA  CB   sing N N 224 
ILE CA  HA   sing N N 225 
ILE C   O    doub N N 226 
ILE C   OXT  sing N N 227 
ILE CB  CG1  sing N N 228 
ILE CB  CG2  sing N N 229 
ILE CB  HB   sing N N 230 
ILE CG1 CD1  sing N N 231 
ILE CG1 HG12 sing N N 232 
ILE CG1 HG13 sing N N 233 
ILE CG2 HG21 sing N N 234 
ILE CG2 HG22 sing N N 235 
ILE CG2 HG23 sing N N 236 
ILE CD1 HD11 sing N N 237 
ILE CD1 HD12 sing N N 238 
ILE CD1 HD13 sing N N 239 
ILE OXT HXT  sing N N 240 
LEU N   CA   sing N N 241 
LEU N   H    sing N N 242 
LEU N   H2   sing N N 243 
LEU CA  C    sing N N 244 
LEU CA  CB   sing N N 245 
LEU CA  HA   sing N N 246 
LEU C   O    doub N N 247 
LEU C   OXT  sing N N 248 
LEU CB  CG   sing N N 249 
LEU CB  HB2  sing N N 250 
LEU CB  HB3  sing N N 251 
LEU CG  CD1  sing N N 252 
LEU CG  CD2  sing N N 253 
LEU CG  HG   sing N N 254 
LEU CD1 HD11 sing N N 255 
LEU CD1 HD12 sing N N 256 
LEU CD1 HD13 sing N N 257 
LEU CD2 HD21 sing N N 258 
LEU CD2 HD22 sing N N 259 
LEU CD2 HD23 sing N N 260 
LEU OXT HXT  sing N N 261 
LYS N   CA   sing N N 262 
LYS N   H    sing N N 263 
LYS N   H2   sing N N 264 
LYS CA  C    sing N N 265 
LYS CA  CB   sing N N 266 
LYS CA  HA   sing N N 267 
LYS C   O    doub N N 268 
LYS C   OXT  sing N N 269 
LYS CB  CG   sing N N 270 
LYS CB  HB2  sing N N 271 
LYS CB  HB3  sing N N 272 
LYS CG  CD   sing N N 273 
LYS CG  HG2  sing N N 274 
LYS CG  HG3  sing N N 275 
LYS CD  CE   sing N N 276 
LYS CD  HD2  sing N N 277 
LYS CD  HD3  sing N N 278 
LYS CE  NZ   sing N N 279 
LYS CE  HE2  sing N N 280 
LYS CE  HE3  sing N N 281 
LYS NZ  HZ1  sing N N 282 
LYS NZ  HZ2  sing N N 283 
LYS NZ  HZ3  sing N N 284 
LYS OXT HXT  sing N N 285 
MET N   CA   sing N N 286 
MET N   H    sing N N 287 
MET N   H2   sing N N 288 
MET CA  C    sing N N 289 
MET CA  CB   sing N N 290 
MET CA  HA   sing N N 291 
MET C   O    doub N N 292 
MET C   OXT  sing N N 293 
MET CB  CG   sing N N 294 
MET CB  HB2  sing N N 295 
MET CB  HB3  sing N N 296 
MET CG  SD   sing N N 297 
MET CG  HG2  sing N N 298 
MET CG  HG3  sing N N 299 
MET SD  CE   sing N N 300 
MET CE  HE1  sing N N 301 
MET CE  HE2  sing N N 302 
MET CE  HE3  sing N N 303 
MET OXT HXT  sing N N 304 
NO3 N   O1   doub N N 305 
NO3 N   O2   sing N N 306 
NO3 N   O3   sing N N 307 
PHE N   CA   sing N N 308 
PHE N   H    sing N N 309 
PHE N   H2   sing N N 310 
PHE CA  C    sing N N 311 
PHE CA  CB   sing N N 312 
PHE CA  HA   sing N N 313 
PHE C   O    doub N N 314 
PHE C   OXT  sing N N 315 
PHE CB  CG   sing N N 316 
PHE CB  HB2  sing N N 317 
PHE CB  HB3  sing N N 318 
PHE CG  CD1  doub Y N 319 
PHE CG  CD2  sing Y N 320 
PHE CD1 CE1  sing Y N 321 
PHE CD1 HD1  sing N N 322 
PHE CD2 CE2  doub Y N 323 
PHE CD2 HD2  sing N N 324 
PHE CE1 CZ   doub Y N 325 
PHE CE1 HE1  sing N N 326 
PHE CE2 CZ   sing Y N 327 
PHE CE2 HE2  sing N N 328 
PHE CZ  HZ   sing N N 329 
PHE OXT HXT  sing N N 330 
PRO N   CA   sing N N 331 
PRO N   CD   sing N N 332 
PRO N   H    sing N N 333 
PRO CA  C    sing N N 334 
PRO CA  CB   sing N N 335 
PRO CA  HA   sing N N 336 
PRO C   O    doub N N 337 
PRO C   OXT  sing N N 338 
PRO CB  CG   sing N N 339 
PRO CB  HB2  sing N N 340 
PRO CB  HB3  sing N N 341 
PRO CG  CD   sing N N 342 
PRO CG  HG2  sing N N 343 
PRO CG  HG3  sing N N 344 
PRO CD  HD2  sing N N 345 
PRO CD  HD3  sing N N 346 
PRO OXT HXT  sing N N 347 
SER N   CA   sing N N 348 
SER N   H    sing N N 349 
SER N   H2   sing N N 350 
SER CA  C    sing N N 351 
SER CA  CB   sing N N 352 
SER CA  HA   sing N N 353 
SER C   O    doub N N 354 
SER C   OXT  sing N N 355 
SER CB  OG   sing N N 356 
SER CB  HB2  sing N N 357 
SER CB  HB3  sing N N 358 
SER OG  HG   sing N N 359 
SER OXT HXT  sing N N 360 
THR N   CA   sing N N 361 
THR N   H    sing N N 362 
THR N   H2   sing N N 363 
THR CA  C    sing N N 364 
THR CA  CB   sing N N 365 
THR CA  HA   sing N N 366 
THR C   O    doub N N 367 
THR C   OXT  sing N N 368 
THR CB  OG1  sing N N 369 
THR CB  CG2  sing N N 370 
THR CB  HB   sing N N 371 
THR OG1 HG1  sing N N 372 
THR CG2 HG21 sing N N 373 
THR CG2 HG22 sing N N 374 
THR CG2 HG23 sing N N 375 
THR OXT HXT  sing N N 376 
TRP N   CA   sing N N 377 
TRP N   H    sing N N 378 
TRP N   H2   sing N N 379 
TRP CA  C    sing N N 380 
TRP CA  CB   sing N N 381 
TRP CA  HA   sing N N 382 
TRP C   O    doub N N 383 
TRP C   OXT  sing N N 384 
TRP CB  CG   sing N N 385 
TRP CB  HB2  sing N N 386 
TRP CB  HB3  sing N N 387 
TRP CG  CD1  doub Y N 388 
TRP CG  CD2  sing Y N 389 
TRP CD1 NE1  sing Y N 390 
TRP CD1 HD1  sing N N 391 
TRP CD2 CE2  doub Y N 392 
TRP CD2 CE3  sing Y N 393 
TRP NE1 CE2  sing Y N 394 
TRP NE1 HE1  sing N N 395 
TRP CE2 CZ2  sing Y N 396 
TRP CE3 CZ3  doub Y N 397 
TRP CE3 HE3  sing N N 398 
TRP CZ2 CH2  doub Y N 399 
TRP CZ2 HZ2  sing N N 400 
TRP CZ3 CH2  sing Y N 401 
TRP CZ3 HZ3  sing N N 402 
TRP CH2 HH2  sing N N 403 
TRP OXT HXT  sing N N 404 
TYR N   CA   sing N N 405 
TYR N   H    sing N N 406 
TYR N   H2   sing N N 407 
TYR CA  C    sing N N 408 
TYR CA  CB   sing N N 409 
TYR CA  HA   sing N N 410 
TYR C   O    doub N N 411 
TYR C   OXT  sing N N 412 
TYR CB  CG   sing N N 413 
TYR CB  HB2  sing N N 414 
TYR CB  HB3  sing N N 415 
TYR CG  CD1  doub Y N 416 
TYR CG  CD2  sing Y N 417 
TYR CD1 CE1  sing Y N 418 
TYR CD1 HD1  sing N N 419 
TYR CD2 CE2  doub Y N 420 
TYR CD2 HD2  sing N N 421 
TYR CE1 CZ   doub Y N 422 
TYR CE1 HE1  sing N N 423 
TYR CE2 CZ   sing Y N 424 
TYR CE2 HE2  sing N N 425 
TYR CZ  OH   sing N N 426 
TYR OH  HH   sing N N 427 
TYR OXT HXT  sing N N 428 
VAL N   CA   sing N N 429 
VAL N   H    sing N N 430 
VAL N   H2   sing N N 431 
VAL CA  C    sing N N 432 
VAL CA  CB   sing N N 433 
VAL CA  HA   sing N N 434 
VAL C   O    doub N N 435 
VAL C   OXT  sing N N 436 
VAL CB  CG1  sing N N 437 
VAL CB  CG2  sing N N 438 
VAL CB  HB   sing N N 439 
VAL CG1 HG11 sing N N 440 
VAL CG1 HG12 sing N N 441 
VAL CG1 HG13 sing N N 442 
VAL CG2 HG21 sing N N 443 
VAL CG2 HG22 sing N N 444 
VAL CG2 HG23 sing N N 445 
VAL OXT HXT  sing N N 446 
# 
_atom_sites.entry_id                    5Z1T 
_atom_sites.fract_transf_matrix[1][1]   0.00208299 
_atom_sites.fract_transf_matrix[1][2]   0.01503749 
_atom_sites.fract_transf_matrix[1][3]   -0.02410840 
_atom_sites.fract_transf_matrix[2][1]   -0.00637884 
_atom_sites.fract_transf_matrix[2][2]   0.01744153 
_atom_sites.fract_transf_matrix[2][3]   0.01032793 
_atom_sites.fract_transf_matrix[3][1]   0.01217948 
_atom_sites.fract_transf_matrix[3][2]   0.00279786 
_atom_sites.fract_transf_matrix[3][3]   0.00279747 
_atom_sites.fract_transf_vector[1]      -0.343104 
_atom_sites.fract_transf_vector[2]      -0.012306 
_atom_sites.fract_transf_vector[3]      0.105434 
# 
loop_
_atom_type.symbol 
BR 
C  
N  
O  
S  
# 
loop_
_atom_site.group_PDB 
_atom_site.id 
_atom_site.type_symbol 
_atom_site.label_atom_id 
_atom_site.label_alt_id 
_atom_site.label_comp_id 
_atom_site.label_asym_id 
_atom_site.label_entity_id 
_atom_site.label_seq_id 
_atom_site.pdbx_PDB_ins_code 
_atom_site.Cartn_x 
_atom_site.Cartn_y 
_atom_site.Cartn_z 
_atom_site.occupancy 
_atom_site.B_iso_or_equiv 
_atom_site.pdbx_formal_charge 
_atom_site.auth_seq_id 
_atom_site.auth_comp_id 
_atom_site.auth_asym_id 
_atom_site.auth_atom_id 
_atom_site.pdbx_PDB_model_num 
ATOM   1    N  N   . HIS A 1 6   ? -14.493 26.620  32.928  1.00 46.52 ? 33  HIS A N   1 
ATOM   2    C  CA  . HIS A 1 6   ? -13.170 26.638  32.231  1.00 42.22 ? 33  HIS A CA  1 
ATOM   3    C  C   . HIS A 1 6   ? -13.283 26.645  30.680  1.00 36.77 ? 33  HIS A C   1 
ATOM   4    O  O   . HIS A 1 6   ? -14.090 25.953  30.042  1.00 31.63 ? 33  HIS A O   1 
ATOM   5    C  CB  . HIS A 1 6   ? -12.252 25.532  32.750  1.00 44.90 ? 33  HIS A CB  1 
ATOM   6    C  CG  . HIS A 1 6   ? -10.798 25.765  32.486  1.00 50.11 ? 33  HIS A CG  1 
ATOM   7    N  ND1 . HIS A 1 6   ? -9.921  24.738  32.216  1.00 54.75 ? 33  HIS A ND1 1 
ATOM   8    C  CD2 . HIS A 1 6   ? -10.062 26.904  32.459  1.00 54.73 ? 33  HIS A CD2 1 
ATOM   9    C  CE1 . HIS A 1 6   ? -8.710  25.231  32.027  1.00 55.65 ? 33  HIS A CE1 1 
ATOM   10   N  NE2 . HIS A 1 6   ? -8.769  26.543  32.162  1.00 56.03 ? 33  HIS A NE2 1 
ATOM   11   N  N   . HIS A 1 7   ? -12.449 27.495  30.104  1.00 30.29 ? 34  HIS A N   1 
ATOM   12   C  CA  . HIS A 1 7   ? -12.544 27.924  28.715  1.00 26.93 ? 34  HIS A CA  1 
ATOM   13   C  C   . HIS A 1 7   ? -11.597 27.171  27.774  1.00 26.22 ? 34  HIS A C   1 
ATOM   14   O  O   . HIS A 1 7   ? -11.516 27.522  26.588  1.00 25.13 ? 34  HIS A O   1 
ATOM   15   C  CB  . HIS A 1 7   ? -12.242 29.432  28.614  1.00 28.62 ? 34  HIS A CB  1 
ATOM   16   C  CG  . HIS A 1 7   ? -13.065 30.271  29.550  1.00 30.77 ? 34  HIS A CG  1 
ATOM   17   N  ND1 . HIS A 1 7   ? -14.435 30.167  29.621  1.00 31.67 ? 34  HIS A ND1 1 
ATOM   18   C  CD2 . HIS A 1 7   ? -12.709 31.233  30.442  1.00 31.14 ? 34  HIS A CD2 1 
ATOM   19   C  CE1 . HIS A 1 7   ? -14.893 31.021  30.525  1.00 31.79 ? 34  HIS A CE1 1 
ATOM   20   N  NE2 . HIS A 1 7   ? -13.864 31.678  31.035  1.00 36.49 ? 34  HIS A NE2 1 
ATOM   21   N  N   . HIS A 1 8   ? -10.922 26.127  28.268  1.00 25.99 ? 35  HIS A N   1 
ATOM   22   C  CA  . HIS A 1 8   ? -10.192 25.196  27.403  1.00 26.47 ? 35  HIS A CA  1 
ATOM   23   C  C   . HIS A 1 8   ? -11.203 24.127  26.992  1.00 25.48 ? 35  HIS A C   1 
ATOM   24   O  O   . HIS A 1 8   ? -11.685 23.338  27.831  1.00 26.84 ? 35  HIS A O   1 
ATOM   25   C  CB  . HIS A 1 8   ? -8.997  24.564  28.113  1.00 27.36 ? 35  HIS A CB  1 
ATOM   26   C  CG  . HIS A 1 8   ? -7.993  23.930  27.188  1.00 29.46 ? 35  HIS A CG  1 
ATOM   27   N  ND1 . HIS A 1 8   ? -8.297  23.483  25.922  1.00 34.40 ? 35  HIS A ND1 1 
ATOM   28   C  CD2 . HIS A 1 8   ? -6.676  23.658  27.361  1.00 33.42 ? 35  HIS A CD2 1 
ATOM   29   C  CE1 . HIS A 1 8   ? -7.223  22.974  25.348  1.00 32.09 ? 35  HIS A CE1 1 
ATOM   30   N  NE2 . HIS A 1 8   ? -6.220  23.082  26.200  1.00 33.32 ? 35  HIS A NE2 1 
ATOM   31   N  N   . HIS A 1 9   ? -11.554 24.149  25.710  1.00 22.57 ? 36  HIS A N   1 
ATOM   32   C  CA  . HIS A 1 9   ? -12.585 23.248  25.122  1.00 24.10 ? 36  HIS A CA  1 
ATOM   33   C  C   . HIS A 1 9   ? -11.991 22.088  24.276  1.00 26.16 ? 36  HIS A C   1 
ATOM   34   O  O   . HIS A 1 9   ? -12.738 21.323  23.651  1.00 24.62 ? 36  HIS A O   1 
ATOM   35   C  CB  . HIS A 1 9   ? -13.633 24.055  24.311  1.00 25.07 ? 36  HIS A CB  1 
ATOM   36   C  CG  . HIS A 1 9   ? -14.486 24.989  25.148  1.00 24.85 ? 36  HIS A CG  1 
ATOM   37   N  ND1 . HIS A 1 9   ? -15.544 25.688  24.610  1.00 27.50 ? 36  HIS A ND1 1 
ATOM   38   C  CD2 . HIS A 1 9   ? -14.452 25.324  26.459  1.00 24.79 ? 36  HIS A CD2 1 
ATOM   39   C  CE1 . HIS A 1 9   ? -16.122 26.418  25.549  1.00 25.92 ? 36  HIS A CE1 1 
ATOM   40   N  NE2 . HIS A 1 9   ? -15.491 26.202  26.682  1.00 26.83 ? 36  HIS A NE2 1 
ATOM   41   N  N   . HIS A 1 10  ? -10.663 21.958  24.288  1.00 24.48 ? 37  HIS A N   1 
ATOM   42   C  CA  . HIS A 1 10  ? -9.900  20.889  23.619  1.00 24.26 ? 37  HIS A CA  1 
ATOM   43   C  C   . HIS A 1 10  ? -10.146 20.843  22.117  1.00 24.23 ? 37  HIS A C   1 
ATOM   44   O  O   . HIS A 1 10  ? -10.270 19.760  21.524  1.00 24.23 ? 37  HIS A O   1 
ATOM   45   C  CB  . HIS A 1 10  ? -10.202 19.518  24.243  1.00 27.07 ? 37  HIS A CB  1 
ATOM   46   C  CG  . HIS A 1 10  ? -10.136 19.533  25.725  1.00 29.80 ? 37  HIS A CG  1 
ATOM   47   N  ND1 . HIS A 1 10  ? -9.031  19.126  26.435  1.00 34.87 ? 37  HIS A ND1 1 
ATOM   48   C  CD2 . HIS A 1 10  ? -11.038 19.960  26.633  1.00 33.16 ? 37  HIS A CD2 1 
ATOM   49   C  CE1 . HIS A 1 10  ? -9.268  19.277  27.727  1.00 36.80 ? 37  HIS A CE1 1 
ATOM   50   N  NE2 . HIS A 1 10  ? -10.484 19.781  27.873  1.00 38.00 ? 37  HIS A NE2 1 
ATOM   51   N  N   . LEU A 1 11  ? -10.250 22.016  21.505  1.00 21.28 ? 38  LEU A N   1 
ATOM   52   C  CA  . LEU A 1 11  ? -10.398 22.139  20.054  1.00 20.34 ? 38  LEU A CA  1 
ATOM   53   C  C   . LEU A 1 11  ? -9.040  22.080  19.382  1.00 21.00 ? 38  LEU A C   1 
ATOM   54   O  O   . LEU A 1 11  ? -8.974  21.914  18.175  1.00 21.30 ? 38  LEU A O   1 
ATOM   55   C  CB  . LEU A 1 11  ? -11.134 23.437  19.714  1.00 19.37 ? 38  LEU A CB  1 
ATOM   56   C  CG  . LEU A 1 11  ? -12.569 23.530  20.236  1.00 20.08 ? 38  LEU A CG  1 
ATOM   57   C  CD1 . LEU A 1 11  ? -13.164 24.912  20.127  1.00 19.71 ? 38  LEU A CD1 1 
ATOM   58   C  CD2 . LEU A 1 11  ? -13.467 22.504  19.529  1.00 20.75 ? 38  LEU A CD2 1 
ATOM   59   N  N   . VAL A 1 12  ? -7.975  22.258  20.151  1.00 19.75 ? 39  VAL A N   1 
ATOM   60   C  CA  . VAL A 1 12  ? -6.605  21.999  19.728  1.00 20.76 ? 39  VAL A CA  1 
ATOM   61   C  C   . VAL A 1 12  ? -5.867  21.270  20.880  1.00 21.64 ? 39  VAL A C   1 
ATOM   62   O  O   . VAL A 1 12  ? -6.320  21.330  22.045  1.00 23.06 ? 39  VAL A O   1 
ATOM   63   C  CB  . VAL A 1 12  ? -5.835  23.283  19.290  1.00 20.68 ? 39  VAL A CB  1 
ATOM   64   C  CG1 . VAL A 1 12  ? -6.293  23.712  17.904  1.00 20.31 ? 39  VAL A CG1 1 
ATOM   65   C  CG2 . VAL A 1 12  ? -5.951  24.426  20.283  1.00 20.81 ? 39  VAL A CG2 1 
ATOM   66   N  N   . PRO A 1 13  ? -4.777  20.556  20.581  1.00 20.58 ? 40  PRO A N   1 
ATOM   67   C  CA  . PRO A 1 13  ? -4.224  20.285  19.240  1.00 20.19 ? 40  PRO A CA  1 
ATOM   68   C  C   . PRO A 1 13  ? -5.113  19.349  18.429  1.00 21.63 ? 40  PRO A C   1 
ATOM   69   O  O   . PRO A 1 13  ? -6.023  18.696  18.996  1.00 21.26 ? 40  PRO A O   1 
ATOM   70   C  CB  . PRO A 1 13  ? -2.883  19.608  19.559  1.00 20.36 ? 40  PRO A CB  1 
ATOM   71   C  CG  . PRO A 1 13  ? -3.191  18.900  20.794  1.00 21.46 ? 40  PRO A CG  1 
ATOM   72   C  CD  . PRO A 1 13  ? -3.993  19.885  21.620  1.00 21.69 ? 40  PRO A CD  1 
ATOM   73   N  N   . ARG A 1 14  ? -4.852  19.330  17.118  1.00 19.32 ? 41  ARG A N   1 
ATOM   74   C  CA  . ARG A 1 14  ? -5.604  18.540  16.118  1.00 22.12 ? 41  ARG A CA  1 
ATOM   75   C  C   . ARG A 1 14  ? -4.957  17.178  15.858  1.00 23.36 ? 41  ARG A C   1 
ATOM   76   O  O   . ARG A 1 14  ? -3.814  16.924  16.259  1.00 23.20 ? 41  ARG A O   1 
ATOM   77   C  CB  . ARG A 1 14  ? -5.765  19.323  14.795  1.00 23.25 ? 41  ARG A CB  1 
ATOM   78   C  CG  . ARG A 1 14  ? -6.229  20.775  14.924  1.00 23.72 ? 41  ARG A CG  1 
ATOM   79   C  CD  . ARG A 1 14  ? -7.629  20.866  15.483  1.00 22.98 ? 41  ARG A CD  1 
ATOM   80   N  NE  . ARG A 1 14  ? -8.627  20.300  14.586  1.00 21.54 ? 41  ARG A NE  1 
ATOM   81   C  CZ  . ARG A 1 14  ? -9.928  20.254  14.860  1.00 20.47 ? 41  ARG A CZ  1 
ATOM   82   N  NH1 . ARG A 1 14  ? -10.764 19.746  13.947  1.00 21.49 ? 41  ARG A NH1 1 
ATOM   83   N  NH2 . ARG A 1 14  ? -10.394 20.793  15.995  1.00 20.47 ? 41  ARG A NH2 1 
ATOM   84   N  N   . GLY A 1 15  ? -5.720  16.313  15.198  1.00 22.01 ? 42  GLY A N   1 
ATOM   85   C  CA  . GLY A 1 15  ? -5.244  15.092  14.535  1.00 23.35 ? 42  GLY A CA  1 
ATOM   86   C  C   . GLY A 1 15  ? -4.261  15.372  13.425  1.00 23.53 ? 42  GLY A C   1 
ATOM   87   O  O   . GLY A 1 15  ? -3.939  16.546  13.104  1.00 25.07 ? 42  GLY A O   1 
ATOM   88   N  N   . SER A 1 16  ? -3.758  14.283  12.845  1.00 21.52 ? 43  SER A N   1 
ATOM   89   C  CA  . SER A 1 16  ? -2.816  14.400  11.760  1.00 20.66 ? 43  SER A CA  1 
ATOM   90   C  C   . SER A 1 16  ? -2.715  12.967  11.203  1.00 17.30 ? 43  SER A C   1 
ATOM   91   O  O   . SER A 1 16  ? -3.131  11.976  11.810  1.00 18.18 ? 43  SER A O   1 
ATOM   92   C  CB  . SER A 1 16  ? -1.439  14.939  12.278  1.00 19.27 ? 43  SER A CB  1 
ATOM   93   O  OG  . SER A 1 16  ? -0.965  14.130  13.396  1.00 22.76 ? 43  SER A OG  1 
ATOM   94   N  N   . ASN A 1 17  ? -2.068  12.928  10.085  1.00 18.13 ? 44  ASN A N   1 
ATOM   95   C  CA  . ASN A 1 17  ? -1.665  11.674  9.506   1.00 17.14 ? 44  ASN A CA  1 
ATOM   96   C  C   . ASN A 1 17  ? -0.303  11.367  10.077  1.00 16.28 ? 44  ASN A C   1 
ATOM   97   O  O   . ASN A 1 17  ? 0.477   12.281  10.359  1.00 17.57 ? 44  ASN A O   1 
ATOM   98   C  CB  . ASN A 1 17  ? -1.593  11.823  8.022   1.00 17.87 ? 44  ASN A CB  1 
ATOM   99   C  CG  . ASN A 1 17  ? -2.954  12.019  7.384   1.00 17.66 ? 44  ASN A CG  1 
ATOM   100  O  OD1 . ASN A 1 17  ? -3.899  11.318  7.694   1.00 18.32 ? 44  ASN A OD1 1 
ATOM   101  N  ND2 . ASN A 1 17  ? -3.032  13.020  6.487   1.00 19.03 ? 44  ASN A ND2 1 
ATOM   102  N  N   . PRO A 1 18  ? 0.022   10.104  10.231  1.00 15.47 ? 45  PRO A N   1 
ATOM   103  C  CA  . PRO A 1 18  ? 1.385   9.768   10.613  1.00 14.51 ? 45  PRO A CA  1 
ATOM   104  C  C   . PRO A 1 18  ? 2.345   9.989   9.475   1.00 14.82 ? 45  PRO A C   1 
ATOM   105  O  O   . PRO A 1 18  ? 1.936   10.134  8.326   1.00 15.63 ? 45  PRO A O   1 
ATOM   106  C  CB  . PRO A 1 18  ? 1.301   8.250   10.891  1.00 14.90 ? 45  PRO A CB  1 
ATOM   107  C  CG  . PRO A 1 18  ? 0.210   7.799   9.969   1.00 15.98 ? 45  PRO A CG  1 
ATOM   108  C  CD  . PRO A 1 18  ? -0.750  8.919   9.825   1.00 15.95 ? 45  PRO A CD  1 
ATOM   109  N  N   . PRO A 1 19  ? 3.636   10.011  9.779   1.00 15.83 ? 46  PRO A N   1 
ATOM   110  C  CA  . PRO A 1 19  ? 4.601   10.032  8.684   1.00 17.76 ? 46  PRO A CA  1 
ATOM   111  C  C   . PRO A 1 19  ? 4.420   8.793   7.847   1.00 17.10 ? 46  PRO A C   1 
ATOM   112  O  O   . PRO A 1 19  ? 4.138   7.714   8.378   1.00 18.28 ? 46  PRO A O   1 
ATOM   113  C  CB  . PRO A 1 19  ? 5.958   10.028  9.371   1.00 19.09 ? 46  PRO A CB  1 
ATOM   114  C  CG  . PRO A 1 19  ? 5.700   9.562   10.761  1.00 20.36 ? 46  PRO A CG  1 
ATOM   115  C  CD  . PRO A 1 19  ? 4.254   9.913   11.100  1.00 16.92 ? 46  PRO A CD  1 
ATOM   116  N  N   . PRO A 1 20  ? 4.614   8.945   6.533   1.00 16.03 ? 47  PRO A N   1 
ATOM   117  C  CA  . PRO A 1 20  ? 4.431   7.820   5.651   1.00 16.42 ? 47  PRO A CA  1 
ATOM   118  C  C   . PRO A 1 20  ? 5.559   6.816   5.766   1.00 15.46 ? 47  PRO A C   1 
ATOM   119  O  O   . PRO A 1 20  ? 6.632   7.126   6.316   1.00 17.31 ? 47  PRO A O   1 
ATOM   120  C  CB  . PRO A 1 20  ? 4.399   8.483   4.269   1.00 17.89 ? 47  PRO A CB  1 
ATOM   121  C  CG  . PRO A 1 20  ? 5.295   9.609   4.397   1.00 18.98 ? 47  PRO A CG  1 
ATOM   122  C  CD  . PRO A 1 20  ? 5.061   10.124  5.806   1.00 18.50 ? 47  PRO A CD  1 
ATOM   123  N  N   . PRO A 1 21  ? 5.349   5.613   5.280   1.00 14.75 ? 48  PRO A N   1 
ATOM   124  C  CA  . PRO A 1 21  ? 6.445   4.637   5.238   1.00 14.98 ? 48  PRO A CA  1 
ATOM   125  C  C   . PRO A 1 21  ? 7.657   5.134   4.465   1.00 15.76 ? 48  PRO A C   1 
ATOM   126  O  O   . PRO A 1 21  ? 7.526   5.870   3.489   1.00 14.97 ? 48  PRO A O   1 
ATOM   127  C  CB  . PRO A 1 21  ? 5.805   3.451   4.525   1.00 16.21 ? 48  PRO A CB  1 
ATOM   128  C  CG  . PRO A 1 21  ? 4.361   3.609   4.754   1.00 15.84 ? 48  PRO A CG  1 
ATOM   129  C  CD  . PRO A 1 21  ? 4.127   5.052   4.641   1.00 15.36 ? 48  PRO A CD  1 
ATOM   130  N  N   . GLU A 1 22  ? 8.865   4.745   4.899   1.00 16.05 ? 49  GLU A N   1 
ATOM   131  C  CA  . GLU A 1 22  ? 10.030  5.146   4.139   1.00 17.33 ? 49  GLU A CA  1 
ATOM   132  C  C   . GLU A 1 22  ? 10.057  4.550   2.754   1.00 15.42 ? 49  GLU A C   1 
ATOM   133  O  O   . GLU A 1 22  ? 9.549   3.450   2.523   1.00 14.58 ? 49  GLU A O   1 
ATOM   134  C  CB  . GLU A 1 22  ? 11.341  4.772   4.866   1.00 19.74 ? 49  GLU A CB  1 
ATOM   135  C  CG  . GLU A 1 22  ? 11.627  3.278   4.900   1.00 24.58 ? 49  GLU A CG  1 
ATOM   136  C  CD  . GLU A 1 22  ? 12.875  2.891   5.698   1.00 27.56 ? 49  GLU A CD  1 
ATOM   137  O  OE1 . GLU A 1 22  ? 13.334  1.699   5.666   1.00 27.02 ? 49  GLU A OE1 1 
ATOM   138  O  OE2 . GLU A 1 22  ? 13.374  3.777   6.406   1.00 31.57 ? 49  GLU A OE2 1 
ATOM   139  N  N   . THR A 1 23  ? 10.629  5.321   1.826   1.00 15.46 ? 50  THR A N   1 
ATOM   140  C  CA  . THR A 1 23  ? 10.885  4.861   0.487   1.00 15.77 ? 50  THR A CA  1 
ATOM   141  C  C   . THR A 1 23  ? 12.367  4.840   0.121   1.00 14.47 ? 50  THR A C   1 
ATOM   142  O  O   . THR A 1 23  ? 12.680  4.387   -0.975  1.00 16.57 ? 50  THR A O   1 
ATOM   143  C  CB  . THR A 1 23  ? 10.115  5.681   -0.516  1.00 16.28 ? 50  THR A CB  1 
ATOM   144  O  OG1 . THR A 1 23  ? 10.504  7.053   -0.408  1.00 19.75 ? 50  THR A OG1 1 
ATOM   145  C  CG2 . THR A 1 23  ? 8.615   5.540   -0.255  1.00 17.13 ? 50  THR A CG2 1 
ATOM   146  N  N   . SER A 1 24  ? 13.201  5.198   1.089   1.00 15.79 ? 51  SER A N   1 
ATOM   147  C  CA  . SER A 1 24  ? 14.643  5.232   0.962   1.00 18.07 ? 51  SER A CA  1 
ATOM   148  C  C   . SER A 1 24  ? 15.155  4.782   2.275   1.00 16.83 ? 51  SER A C   1 
ATOM   149  O  O   . SER A 1 24  ? 14.584  5.062   3.335   1.00 18.82 ? 51  SER A O   1 
ATOM   150  C  CB  . SER A 1 24  ? 15.119  6.668   0.729   1.00 22.21 ? 51  SER A CB  1 
ATOM   151  O  OG  . SER A 1 24  ? 14.998  6.895   -0.644  1.00 29.08 ? 51  SER A OG  1 
ATOM   152  N  N   . ASN A 1 25  ? 16.326  4.201   2.248   1.00 16.42 ? 52  ASN A N   1 
ATOM   153  C  CA  . ASN A 1 25  ? 17.040  3.844   3.474   1.00 16.79 ? 52  ASN A CA  1 
ATOM   154  C  C   . ASN A 1 25  ? 18.440  3.393   3.041   1.00 16.86 ? 52  ASN A C   1 
ATOM   155  O  O   . ASN A 1 25  ? 18.621  2.252   2.649   1.00 16.07 ? 52  ASN A O   1 
ATOM   156  C  CB  . ASN A 1 25  ? 16.346  2.734   4.283   1.00 17.42 ? 52  ASN A CB  1 
ATOM   157  C  CG  . ASN A 1 25  ? 17.111  2.346   5.537   1.00 18.01 ? 52  ASN A CG  1 
ATOM   158  O  OD1 . ASN A 1 25  ? 18.318  2.633   5.694   1.00 18.34 ? 52  ASN A OD1 1 
ATOM   159  N  ND2 . ASN A 1 25  ? 16.392  1.673   6.468   1.00 19.87 ? 52  ASN A ND2 1 
ATOM   160  N  N   . PRO A 1 26  ? 19.439  4.289   3.140   1.00 15.49 ? 53  PRO A N   1 
ATOM   161  C  CA  . PRO A 1 26  ? 20.745  3.906   2.604   1.00 15.71 ? 53  PRO A CA  1 
ATOM   162  C  C   . PRO A 1 26  ? 21.336  2.667   3.188   1.00 15.85 ? 53  PRO A C   1 
ATOM   163  O  O   . PRO A 1 26  ? 22.042  1.949   2.479   1.00 15.75 ? 53  PRO A O   1 
ATOM   164  C  CB  . PRO A 1 26  ? 21.604  5.128   2.925   1.00 16.35 ? 53  PRO A CB  1 
ATOM   165  C  CG  . PRO A 1 26  ? 20.645  6.261   2.908   1.00 16.49 ? 53  PRO A CG  1 
ATOM   166  C  CD  . PRO A 1 26  ? 19.384  5.735   3.496   1.00 16.42 ? 53  PRO A CD  1 
ATOM   167  N  N   . ASN A 1 27  ? 21.124  2.388   4.482   1.00 14.75 ? 54  ASN A N   1 
ATOM   168  C  CA  . ASN A 1 27  ? 21.667  1.213   5.090   1.00 14.34 ? 54  ASN A CA  1 
ATOM   169  C  C   . ASN A 1 27  ? 20.863  -0.068  4.932   1.00 15.40 ? 54  ASN A C   1 
ATOM   170  O  O   . ASN A 1 27  ? 21.308  -1.135  5.416   1.00 17.03 ? 54  ASN A O   1 
ATOM   171  C  CB  . ASN A 1 27  ? 21.947  1.467   6.551   1.00 15.43 ? 54  ASN A CB  1 
ATOM   172  C  CG  . ASN A 1 27  ? 23.133  2.366   6.743   1.00 14.96 ? 54  ASN A CG  1 
ATOM   173  O  OD1 . ASN A 1 27  ? 24.176  2.146   6.133   1.00 16.95 ? 54  ASN A OD1 1 
ATOM   174  N  ND2 . ASN A 1 27  ? 23.032  3.244   7.709   1.00 16.12 ? 54  ASN A ND2 1 
ATOM   175  N  N   . LYS A 1 28  ? 19.700  0.010   4.305   1.00 15.69 ? 55  LYS A N   1 
ATOM   176  C  CA  . LYS A 1 28  ? 18.967  -1.238  3.973   1.00 15.85 ? 55  LYS A CA  1 
ATOM   177  C  C   . LYS A 1 28  ? 19.613  -1.994  2.796   1.00 15.76 ? 55  LYS A C   1 
ATOM   178  O  O   . LYS A 1 28  ? 19.960  -1.365  1.834   1.00 15.16 ? 55  LYS A O   1 
ATOM   179  C  CB  . LYS A 1 28  ? 17.519  -0.928  3.666   1.00 15.61 ? 55  LYS A CB  1 
ATOM   180  C  CG  . LYS A 1 28  ? 16.715  -2.189  3.474   1.00 15.18 ? 55  LYS A CG  1 
ATOM   181  C  CD  . LYS A 1 28  ? 15.311  -1.925  2.982   1.00 14.98 ? 55  LYS A CD  1 
ATOM   182  C  CE  . LYS A 1 28  ? 14.548  -3.203  2.654   1.00 14.09 ? 55  LYS A CE  1 
ATOM   183  N  NZ  . LYS A 1 28  ? 15.212  -4.003  1.606   1.00 14.17 ? 55  LYS A NZ  1 
ATOM   184  N  N   . PRO A 1 29  ? 19.759  -3.328  2.942   1.00 15.33 ? 56  PRO A N   1 
ATOM   185  C  CA  . PRO A 1 29  ? 20.260  -4.108  1.801   1.00 16.43 ? 56  PRO A CA  1 
ATOM   186  C  C   . PRO A 1 29  ? 19.274  -4.102  0.633   1.00 15.80 ? 56  PRO A C   1 
ATOM   187  O  O   . PRO A 1 29  ? 18.071  -4.183  0.862   1.00 16.81 ? 56  PRO A O   1 
ATOM   188  C  CB  . PRO A 1 29  ? 20.397  -5.520  2.360   1.00 17.81 ? 56  PRO A CB  1 
ATOM   189  C  CG  . PRO A 1 29  ? 20.298  -5.435  3.819   1.00 18.83 ? 56  PRO A CG  1 
ATOM   190  C  CD  . PRO A 1 29  ? 19.577  -4.149  4.138   1.00 16.19 ? 56  PRO A CD  1 
ATOM   191  N  N   . LYS A 1 30  ? 19.805  -3.984  -0.568  1.00 14.47 ? 57  LYS A N   1 
ATOM   192  C  CA  . LYS A 1 30  ? 18.997  -3.820  -1.823  1.00 16.15 ? 57  LYS A CA  1 
ATOM   193  C  C   . LYS A 1 30  ? 19.592  -4.622  -2.932  1.00 17.46 ? 57  LYS A C   1 
ATOM   194  O  O   . LYS A 1 30  ? 20.810  -4.758  -2.996  1.00 17.48 ? 57  LYS A O   1 
ATOM   195  C  CB  . LYS A 1 30  ? 19.102  -2.377  -2.335  1.00 20.19 ? 57  LYS A CB  1 
ATOM   196  C  CG  . LYS A 1 30  ? 18.555  -1.409  -1.377  1.00 23.47 ? 57  LYS A CG  1 
ATOM   197  C  CD  . LYS A 1 30  ? 18.751  0.033   -1.816  1.00 20.88 ? 57  LYS A CD  1 
ATOM   198  C  CE  . LYS A 1 30  ? 18.332  0.852   -0.645  1.00 22.79 ? 57  LYS A CE  1 
ATOM   199  N  NZ  . LYS A 1 30  ? 19.450  0.987   0.323   1.00 19.39 ? 57  LYS A NZ  1 
ATOM   200  N  N   . ARG A 1 31  ? 18.767  -5.111  -3.852  1.00 17.49 ? 58  ARG A N   1 
ATOM   201  C  CA  . ARG A 1 31  ? 19.244  -5.776  -5.058  1.00 19.76 ? 58  ARG A CA  1 
ATOM   202  C  C   . ARG A 1 31  ? 18.306  -5.462  -6.173  1.00 24.50 ? 58  ARG A C   1 
ATOM   203  O  O   . ARG A 1 31  ? 17.133  -5.129  -5.943  1.00 24.95 ? 58  ARG A O   1 
ATOM   204  C  CB  . ARG A 1 31  ? 19.211  -7.286  -4.935  1.00 20.75 ? 58  ARG A CB  1 
ATOM   205  C  CG  . ARG A 1 31  ? 20.190  -7.792  -3.955  1.00 22.34 ? 58  ARG A CG  1 
ATOM   206  C  CD  . ARG A 1 31  ? 20.352  -9.258  -3.976  1.00 22.55 ? 58  ARG A CD  1 
ATOM   207  N  NE  . ARG A 1 31  ? 19.116  -9.951  -3.790  1.00 25.57 ? 58  ARG A NE  1 
ATOM   208  C  CZ  . ARG A 1 31  ? 18.986  -11.263 -3.662  1.00 28.98 ? 58  ARG A CZ  1 
ATOM   209  N  NH1 . ARG A 1 31  ? 20.043  -12.071 -3.618  1.00 30.19 ? 58  ARG A NH1 1 
ATOM   210  N  NH2 . ARG A 1 31  ? 17.758  -11.773 -3.508  1.00 28.70 ? 58  ARG A NH2 1 
ATOM   211  N  N   . GLN A 1 32  ? 18.820  -5.613  -7.384  1.00 23.77 ? 59  GLN A N   1 
ATOM   212  C  CA  . GLN A 1 32  ? 17.983  -5.680  -8.562  1.00 26.60 ? 59  GLN A CA  1 
ATOM   213  C  C   . GLN A 1 32  ? 17.868  -7.148  -8.962  1.00 27.56 ? 59  GLN A C   1 
ATOM   214  O  O   . GLN A 1 32  ? 18.864  -7.903  -8.972  1.00 27.13 ? 59  GLN A O   1 
ATOM   215  C  CB  . GLN A 1 32  ? 18.579  -4.803  -9.644  1.00 31.28 ? 59  GLN A CB  1 
ATOM   216  C  CG  . GLN A 1 32  ? 18.411  -3.330  -9.320  1.00 33.99 ? 59  GLN A CG  1 
ATOM   217  C  CD  . GLN A 1 32  ? 19.109  -2.390  -10.299 1.00 41.91 ? 59  GLN A CD  1 
ATOM   218  O  OE1 . GLN A 1 32  ? 18.755  -2.333  -11.473 1.00 46.22 ? 59  GLN A OE1 1 
ATOM   219  N  NE2 . GLN A 1 32  ? 20.086  -1.627  -9.810  1.00 45.61 ? 59  GLN A NE2 1 
ATOM   220  N  N   . THR A 1 33  ? 16.654  -7.634  -9.163  1.00 22.20 ? 60  THR A N   1 
ATOM   221  C  CA  . THR A 1 33  ? 16.432  -8.991  -9.603  1.00 20.91 ? 60  THR A CA  1 
ATOM   222  C  C   . THR A 1 33  ? 15.369  -9.037  -10.684 1.00 22.68 ? 60  THR A C   1 
ATOM   223  O  O   . THR A 1 33  ? 14.577  -8.095  -10.843 1.00 22.32 ? 60  THR A O   1 
ATOM   224  C  CB  . THR A 1 33  ? 15.961  -9.914  -8.508  1.00 22.74 ? 60  THR A CB  1 
ATOM   225  O  OG1 . THR A 1 33  ? 14.589  -9.613  -8.209  1.00 20.88 ? 60  THR A OG1 1 
ATOM   226  C  CG2 . THR A 1 33  ? 16.783  -9.742  -7.234  1.00 21.50 ? 60  THR A CG2 1 
ATOM   227  N  N   . ASN A 1 34  ? 15.337  -10.159 -11.390 1.00 24.35 ? 61  ASN A N   1 
ATOM   228  C  CA  . ASN A 1 34  ? 14.388  -10.335 -12.469 1.00 26.84 ? 61  ASN A CA  1 
ATOM   229  C  C   . ASN A 1 34  ? 12.977  -10.221 -11.943 1.00 22.45 ? 61  ASN A C   1 
ATOM   230  O  O   . ASN A 1 34  ? 12.093  -9.641  -12.623 1.00 23.83 ? 61  ASN A O   1 
ATOM   231  C  CB  . ASN A 1 34  ? 14.604  -11.683 -13.199 1.00 29.05 ? 61  ASN A CB  1 
ATOM   232  C  CG  . ASN A 1 34  ? 15.718  -11.620 -14.221 1.00 36.28 ? 61  ASN A CG  1 
ATOM   233  O  OD1 . ASN A 1 34  ? 16.159  -10.543 -14.626 1.00 44.31 ? 61  ASN A OD1 1 
ATOM   234  N  ND2 . ASN A 1 34  ? 16.184  -12.789 -14.649 1.00 41.36 ? 61  ASN A ND2 1 
ATOM   235  N  N   . GLN A 1 35  ? 12.739  -10.807 -10.789 1.00 23.43 ? 62  GLN A N   1 
ATOM   236  C  CA  . GLN A 1 35  ? 11.403  -10.815 -10.172 1.00 19.28 ? 62  GLN A CA  1 
ATOM   237  C  C   . GLN A 1 35  ? 10.997  -9.397  -9.743  1.00 19.68 ? 62  GLN A C   1 
ATOM   238  O  O   . GLN A 1 35  ? 9.858   -8.978  -10.005 1.00 19.45 ? 62  GLN A O   1 
ATOM   239  C  CB  . GLN A 1 35  ? 11.293  -11.822 -9.037  1.00 21.51 ? 62  GLN A CB  1 
ATOM   240  C  CG  . GLN A 1 35  ? 11.577  -13.263 -9.482  1.00 23.50 ? 62  GLN A CG  1 
ATOM   241  C  CD  . GLN A 1 35  ? 11.456  -14.247 -8.352  1.00 25.28 ? 62  GLN A CD  1 
ATOM   242  O  OE1 . GLN A 1 35  ? 11.737  -13.884 -7.224  1.00 23.84 ? 62  GLN A OE1 1 
ATOM   243  N  NE2 . GLN A 1 35  ? 11.013  -15.475 -8.620  1.00 24.06 ? 62  GLN A NE2 1 
ATOM   244  N  N   . LEU A 1 36  ? 11.937  -8.586  -9.253  1.00 18.23 ? 63  LEU A N   1 
ATOM   245  C  CA  . LEU A 1 36  ? 11.610  -7.240  -8.848  1.00 17.33 ? 63  LEU A CA  1 
ATOM   246  C  C   . LEU A 1 36  ? 11.368  -6.302  -10.069 1.00 18.93 ? 63  LEU A C   1 
ATOM   247  O  O   . LEU A 1 36  ? 10.482  -5.421  -10.041 1.00 18.47 ? 63  LEU A O   1 
ATOM   248  C  CB  . LEU A 1 36  ? 12.686  -6.692  -7.890  1.00 16.80 ? 63  LEU A CB  1 
ATOM   249  C  CG  . LEU A 1 36  ? 12.685  -7.214  -6.481  1.00 16.08 ? 63  LEU A CG  1 
ATOM   250  C  CD1 . LEU A 1 36  ? 14.040  -6.831  -5.897  1.00 16.48 ? 63  LEU A CD1 1 
ATOM   251  C  CD2 . LEU A 1 36  ? 11.540  -6.543  -5.745  1.00 15.24 ? 63  LEU A CD2 1 
ATOM   252  N  N   . GLN A 1 37  ? 12.110  -6.478  -11.163 1.00 19.88 ? 64  GLN A N   1 
ATOM   253  C  CA  . GLN A 1 37  ? 11.843  -5.760  -12.401 1.00 22.28 ? 64  GLN A CA  1 
ATOM   254  C  C   . GLN A 1 37  ? 10.438  -6.081  -12.912 1.00 19.54 ? 64  GLN A C   1 
ATOM   255  O  O   . GLN A 1 37  ? 9.731   -5.154  -13.306 1.00 20.55 ? 64  GLN A O   1 
ATOM   256  C  CB  . GLN A 1 37  ? 12.893  -6.177  -13.443 1.00 23.01 ? 64  GLN A CB  1 
ATOM   257  C  CG  . GLN A 1 37  ? 14.192  -5.445  -13.170 1.00 29.82 ? 64  GLN A CG  1 
ATOM   258  C  CD  . GLN A 1 37  ? 15.377  -5.912  -13.997 1.00 35.63 ? 64  GLN A CD  1 
ATOM   259  O  OE1 . GLN A 1 37  ? 15.425  -7.036  -14.500 1.00 40.45 ? 64  GLN A OE1 1 
ATOM   260  N  NE2 . GLN A 1 37  ? 16.369  -5.043  -14.107 1.00 41.00 ? 64  GLN A NE2 1 
ATOM   261  N  N   . TYR A 1 38  ? 10.066  -7.346  -12.834 1.00 19.73 ? 65  TYR A N   1 
ATOM   262  C  CA  . TYR A 1 38  ? 8.712   -7.765  -13.242 1.00 20.20 ? 65  TYR A CA  1 
ATOM   263  C  C   . TYR A 1 38  ? 7.663   -7.125  -12.322 1.00 20.86 ? 65  TYR A C   1 
ATOM   264  O  O   . TYR A 1 38  ? 6.603   -6.660  -12.789 1.00 19.12 ? 65  TYR A O   1 
ATOM   265  C  CB  . TYR A 1 38  ? 8.599   -9.263  -13.262 1.00 21.57 ? 65  TYR A CB  1 
ATOM   266  C  CG  . TYR A 1 38  ? 7.208   -9.842  -13.578 1.00 21.90 ? 65  TYR A CG  1 
ATOM   267  C  CD1 . TYR A 1 38  ? 6.333   -10.178 -12.569 1.00 23.52 ? 65  TYR A CD1 1 
ATOM   268  C  CD2 . TYR A 1 38  ? 6.843   -10.148 -14.887 1.00 23.08 ? 65  TYR A CD2 1 
ATOM   269  C  CE1 . TYR A 1 38  ? 5.103   -10.748 -12.816 1.00 22.43 ? 65  TYR A CE1 1 
ATOM   270  C  CE2 . TYR A 1 38  ? 5.594   -10.722 -15.165 1.00 22.86 ? 65  TYR A CE2 1 
ATOM   271  C  CZ  . TYR A 1 38  ? 4.737   -11.037 -14.119 1.00 24.06 ? 65  TYR A CZ  1 
ATOM   272  O  OH  . TYR A 1 38  ? 3.518   -11.630 -14.348 1.00 26.27 ? 65  TYR A OH  1 
ATOM   273  N  N   . LEU A 1 39  ? 7.953   -7.071  -11.030 1.00 17.01 ? 66  LEU A N   1 
ATOM   274  C  CA  . LEU A 1 39  ? 7.004   -6.491  -10.079 1.00 16.77 ? 66  LEU A CA  1 
ATOM   275  C  C   . LEU A 1 39  ? 6.750   -5.036  -10.377 1.00 17.66 ? 66  LEU A C   1 
ATOM   276  O  O   . LEU A 1 39  ? 5.628   -4.547  -10.189 1.00 17.40 ? 66  LEU A O   1 
ATOM   277  C  CB  . LEU A 1 39  ? 7.493   -6.752  -8.641  1.00 16.30 ? 66  LEU A CB  1 
ATOM   278  C  CG  . LEU A 1 39  ? 7.193   -8.147  -8.077  1.00 17.94 ? 66  LEU A CG  1 
ATOM   279  C  CD1 . LEU A 1 39  ? 8.096   -8.488  -6.887  1.00 17.88 ? 66  LEU A CD1 1 
ATOM   280  C  CD2 . LEU A 1 39  ? 5.745   -8.262  -7.700  1.00 20.03 ? 66  LEU A CD2 1 
ATOM   281  N  N   . LEU A 1 40  ? 7.714   -4.305  -10.888 1.00 16.84 ? 67  LEU A N   1 
ATOM   282  C  CA  . LEU A 1 40  ? 7.501   -2.923  -11.297 1.00 18.86 ? 67  LEU A CA  1 
ATOM   283  C  C   . LEU A 1 40  ? 6.809   -2.828  -12.661 1.00 21.02 ? 67  LEU A C   1 
ATOM   284  O  O   . LEU A 1 40  ? 5.768   -2.148  -12.797 1.00 20.49 ? 67  LEU A O   1 
ATOM   285  C  CB  . LEU A 1 40  ? 8.806   -2.100  -11.310 1.00 19.43 ? 67  LEU A CB  1 
ATOM   286  C  CG  . LEU A 1 40  ? 8.728   -0.634  -11.696 1.00 20.80 ? 67  LEU A CG  1 
ATOM   287  C  CD1 . LEU A 1 40  ? 7.703   0.168   -10.875 1.00 22.02 ? 67  LEU A CD1 1 
ATOM   288  C  CD2 . LEU A 1 40  ? 10.047  0.096   -11.596 1.00 22.47 ? 67  LEU A CD2 1 
ATOM   289  N  N   . ARG A 1 41  ? 7.400   -3.466  -13.671 1.00 21.60 ? 68  ARG A N   1 
ATOM   290  C  CA  . ARG A 1 41  ? 7.030   -3.207  -15.074 1.00 23.82 ? 68  ARG A CA  1 
ATOM   291  C  C   . ARG A 1 41  ? 5.682   -3.823  -15.360 1.00 22.86 ? 68  ARG A C   1 
ATOM   292  O  O   . ARG A 1 41  ? 4.890   -3.176  -16.087 1.00 25.29 ? 68  ARG A O   1 
ATOM   293  C  CB  . ARG A 1 41  ? 8.120   -3.760  -16.004 1.00 24.41 ? 68  ARG A CB  1 
ATOM   294  C  CG  . ARG A 1 41  ? 7.941   -3.499  -17.503 1.00 27.81 ? 68  ARG A CG  1 
ATOM   295  C  CD  . ARG A 1 41  ? 8.904   -4.396  -18.335 1.00 26.74 ? 68  ARG A CD  1 
ATOM   296  N  NE  . ARG A 1 41  ? 8.500   -5.810  -18.289 1.00 28.59 ? 68  ARG A NE  1 
ATOM   297  C  CZ  . ARG A 1 41  ? 9.102   -6.806  -17.632 1.00 30.91 ? 68  ARG A CZ  1 
ATOM   298  N  NH1 . ARG A 1 41  ? 8.563   -8.015  -17.647 1.00 31.55 ? 68  ARG A NH1 1 
ATOM   299  N  NH2 . ARG A 1 41  ? 10.218  -6.622  -16.926 1.00 34.27 ? 68  ARG A NH2 1 
ATOM   300  N  N   . VAL A 1 42  ? 5.366   -4.972  -14.744 1.00 21.68 ? 69  VAL A N   1 
ATOM   301  C  CA  . VAL A 1 42  ? 4.104   -5.672  -14.959 1.00 22.33 ? 69  VAL A CA  1 
ATOM   302  C  C   . VAL A 1 42  ? 3.103   -5.562  -13.799 1.00 23.30 ? 69  VAL A C   1 
ATOM   303  O  O   . VAL A 1 42  ? 1.923   -5.239  -14.020 1.00 23.50 ? 69  VAL A O   1 
ATOM   304  C  CB  . VAL A 1 42  ? 4.348   -7.155  -15.280 1.00 23.47 ? 69  VAL A CB  1 
ATOM   305  C  CG1 . VAL A 1 42  ? 3.051   -7.922  -15.425 1.00 25.75 ? 69  VAL A CG1 1 
ATOM   306  C  CG2 . VAL A 1 42  ? 5.168   -7.278  -16.557 1.00 25.05 ? 69  VAL A CG2 1 
ATOM   307  N  N   . VAL A 1 43  ? 3.491   -5.904  -12.583 1.00 19.86 ? 70  VAL A N   1 
ATOM   308  C  CA  . VAL A 1 43  ? 2.503   -6.034  -11.522 1.00 19.79 ? 70  VAL A CA  1 
ATOM   309  C  C   . VAL A 1 43  ? 2.025   -4.641  -11.084 1.00 20.27 ? 70  VAL A C   1 
ATOM   310  O  O   . VAL A 1 43  ? 0.823   -4.267  -11.190 1.00 19.58 ? 70  VAL A O   1 
ATOM   311  C  CB  . VAL A 1 43  ? 3.025   -6.870  -10.325 1.00 19.30 ? 70  VAL A CB  1 
ATOM   312  C  CG1 . VAL A 1 43  ? 1.999   -6.952  -9.209  1.00 19.76 ? 70  VAL A CG1 1 
ATOM   313  C  CG2 . VAL A 1 43  ? 3.422   -8.274  -10.780 1.00 20.93 ? 70  VAL A CG2 1 
ATOM   314  N  N   . LEU A 1 44  ? 2.942   -3.831  -10.609 1.00 17.80 ? 71  LEU A N   1 
ATOM   315  C  CA  . LEU A 1 44  ? 2.603   -2.536  -10.107 1.00 17.28 ? 71  LEU A CA  1 
ATOM   316  C  C   . LEU A 1 44  ? 1.973   -1.721  -11.253 1.00 20.19 ? 71  LEU A C   1 
ATOM   317  O  O   . LEU A 1 44  ? 0.920   -1.114  -11.056 1.00 20.04 ? 71  LEU A O   1 
ATOM   318  C  CB  . LEU A 1 44  ? 3.827   -1.829  -9.523  1.00 17.93 ? 71  LEU A CB  1 
ATOM   319  C  CG  . LEU A 1 44  ? 3.692   -0.399  -8.959  1.00 18.75 ? 71  LEU A CG  1 
ATOM   320  C  CD1 . LEU A 1 44  ? 3.472   0.714   -9.956  1.00 19.66 ? 71  LEU A CD1 1 
ATOM   321  C  CD2 . LEU A 1 44  ? 2.623   -0.388  -7.869  1.00 19.37 ? 71  LEU A CD2 1 
ATOM   322  N  N   . LYS A 1 45  ? 2.577   -1.681  -12.440 1.00 21.55 ? 72  LYS A N   1 
ATOM   323  C  CA  . LYS A 1 45  ? 2.080   -0.733  -13.458 1.00 24.33 ? 72  LYS A CA  1 
ATOM   324  C  C   . LYS A 1 45  ? 0.726   -1.136  -14.004 1.00 25.40 ? 72  LYS A C   1 
ATOM   325  O  O   . LYS A 1 45  ? -0.060  -0.248  -14.355 1.00 27.83 ? 72  LYS A O   1 
ATOM   326  C  CB  . LYS A 1 45  ? 3.125   -0.423  -14.515 1.00 28.01 ? 72  LYS A CB  1 
ATOM   327  C  CG  . LYS A 1 45  ? 4.156   0.531   -13.949 1.00 31.91 ? 72  LYS A CG  1 
ATOM   328  C  CD  . LYS A 1 45  ? 5.291   0.853   -14.896 1.00 36.76 ? 72  LYS A CD  1 
ATOM   329  C  CE  . LYS A 1 45  ? 6.299   1.729   -14.175 1.00 41.84 ? 72  LYS A CE  1 
ATOM   330  N  NZ  . LYS A 1 45  ? 7.059   2.552   -15.150 1.00 43.87 ? 72  LYS A NZ  1 
ATOM   331  N  N   . THR A 1 46  ? 0.360   -2.397  -13.922 1.00 24.51 ? 73  THR A N   1 
ATOM   332  C  CA  . THR A 1 46  ? -0.976  -2.786  -14.378 1.00 26.77 ? 73  THR A CA  1 
ATOM   333  C  C   . THR A 1 46  ? -2.003  -2.436  -13.327 1.00 25.03 ? 73  THR A C   1 
ATOM   334  O  O   . THR A 1 46  ? -3.107  -1.986  -13.679 1.00 23.31 ? 73  THR A O   1 
ATOM   335  C  CB  . THR A 1 46  ? -1.085  -4.242  -14.798 1.00 30.07 ? 73  THR A CB  1 
ATOM   336  O  OG1 . THR A 1 46  ? -0.922  -5.118  -13.691 1.00 38.35 ? 73  THR A OG1 1 
ATOM   337  C  CG2 . THR A 1 46  ? -0.063  -4.549  -15.845 1.00 26.56 ? 73  THR A CG2 1 
ATOM   338  N  N   . LEU A 1 47  ? -1.716  -2.690  -12.057 1.00 21.03 ? 74  LEU A N   1 
ATOM   339  C  CA  . LEU A 1 47  ? -2.641  -2.324  -11.006 1.00 20.07 ? 74  LEU A CA  1 
ATOM   340  C  C   . LEU A 1 47  ? -2.798  -0.831  -10.934 1.00 20.62 ? 74  LEU A C   1 
ATOM   341  O  O   . LEU A 1 47  ? -3.901  -0.353  -10.686 1.00 17.91 ? 74  LEU A O   1 
ATOM   342  C  CB  . LEU A 1 47  ? -2.155  -2.839  -9.637  1.00 21.01 ? 74  LEU A CB  1 
ATOM   343  C  CG  . LEU A 1 47  ? -2.121  -4.361  -9.516  1.00 26.12 ? 74  LEU A CG  1 
ATOM   344  C  CD1 . LEU A 1 47  ? -1.616  -4.689  -8.115  1.00 27.72 ? 74  LEU A CD1 1 
ATOM   345  C  CD2 . LEU A 1 47  ? -3.463  -5.023  -9.742  1.00 28.82 ? 74  LEU A CD2 1 
ATOM   346  N  N   . TRP A 1 48  ? -1.731  -0.077  -11.098 1.00 18.61 ? 75  TRP A N   1 
ATOM   347  C  CA  . TRP A 1 48  ? -1.720  1.377   -10.976 1.00 19.77 ? 75  TRP A CA  1 
ATOM   348  C  C   . TRP A 1 48  ? -2.695  2.060   -11.937 1.00 19.73 ? 75  TRP A C   1 
ATOM   349  O  O   . TRP A 1 48  ? -3.353  3.030   -11.551 1.00 22.50 ? 75  TRP A O   1 
ATOM   350  C  CB  . TRP A 1 48  ? -0.273  1.902   -11.182 1.00 20.72 ? 75  TRP A CB  1 
ATOM   351  C  CG  . TRP A 1 48  ? -0.083  3.314   -10.897 1.00 20.60 ? 75  TRP A CG  1 
ATOM   352  C  CD1 . TRP A 1 48  ? -0.139  4.341   -11.796 1.00 21.65 ? 75  TRP A CD1 1 
ATOM   353  C  CD2 . TRP A 1 48  ? 0.204   3.923   -9.632  1.00 17.61 ? 75  TRP A CD2 1 
ATOM   354  N  NE1 . TRP A 1 48  ? 0.017   5.520   -11.186 1.00 21.41 ? 75  TRP A NE1 1 
ATOM   355  C  CE2 . TRP A 1 48  ? 0.274   5.313   -9.848  1.00 19.43 ? 75  TRP A CE2 1 
ATOM   356  C  CE3 . TRP A 1 48  ? 0.389   3.442   -8.345  1.00 17.10 ? 75  TRP A CE3 1 
ATOM   357  C  CZ2 . TRP A 1 48  ? 0.546   6.211   -8.831  1.00 17.70 ? 75  TRP A CZ2 1 
ATOM   358  C  CZ3 . TRP A 1 48  ? 0.650   4.332   -7.348  1.00 15.59 ? 75  TRP A CZ3 1 
ATOM   359  C  CH2 . TRP A 1 48  ? 0.742   5.692   -7.579  1.00 16.06 ? 75  TRP A CH2 1 
ATOM   360  N  N   . LYS A 1 49  ? -2.753  1.548   -13.153 1.00 21.26 ? 76  LYS A N   1 
ATOM   361  C  CA  . LYS A 1 49  ? -3.587  2.106   -14.220 1.00 20.96 ? 76  LYS A CA  1 
ATOM   362  C  C   . LYS A 1 49  ? -5.054  1.656   -14.101 1.00 21.35 ? 76  LYS A C   1 
ATOM   363  O  O   . LYS A 1 49  ? -5.917  2.072   -14.884 1.00 21.65 ? 76  LYS A O   1 
ATOM   364  C  CB  . LYS A 1 49  ? -3.040  1.639   -15.581 1.00 26.93 ? 76  LYS A CB  1 
ATOM   365  C  CG  . LYS A 1 49  ? -1.659  2.129   -15.975 1.00 33.63 ? 76  LYS A CG  1 
ATOM   366  C  CD  . LYS A 1 49  ? -1.124  1.299   -17.162 1.00 39.87 ? 76  LYS A CD  1 
ATOM   367  C  CE  . LYS A 1 49  ? -0.698  2.137   -18.352 1.00 47.98 ? 76  LYS A CE  1 
ATOM   368  N  NZ  . LYS A 1 49  ? 0.519   2.953   -18.065 1.00 52.03 ? 76  LYS A NZ  1 
ATOM   369  N  N   . HIS A 1 50  ? -5.368  0.767   -13.181 1.00 15.24 ? 77  HIS A N   1 
ATOM   370  C  CA  . HIS A 1 50  ? -6.718  0.216   -13.054 1.00 15.55 ? 77  HIS A CA  1 
ATOM   371  C  C   . HIS A 1 50  ? -7.637  1.260   -12.414 1.00 15.76 ? 77  HIS A C   1 
ATOM   372  O  O   . HIS A 1 50  ? -7.241  2.041   -11.566 1.00 15.33 ? 77  HIS A O   1 
ATOM   373  C  CB  . HIS A 1 50  ? -6.688  -1.011  -12.174 1.00 14.99 ? 77  HIS A CB  1 
ATOM   374  C  CG  . HIS A 1 50  ? -7.911  -1.844  -12.241 1.00 14.77 ? 77  HIS A CG  1 
ATOM   375  N  ND1 . HIS A 1 50  ? -9.078  -1.542  -11.573 1.00 14.71 ? 77  HIS A ND1 1 
ATOM   376  C  CD2 . HIS A 1 50  ? -8.178  -2.968  -12.931 1.00 15.95 ? 77  HIS A CD2 1 
ATOM   377  C  CE1 . HIS A 1 50  ? -9.992  -2.456  -11.820 1.00 15.47 ? 77  HIS A CE1 1 
ATOM   378  N  NE2 . HIS A 1 50  ? -9.472  -3.339  -12.653 1.00 16.92 ? 77  HIS A NE2 1 
ATOM   379  N  N   . GLN A 1 51  ? -8.879  1.312   -12.914 1.00 16.44 ? 78  GLN A N   1 
ATOM   380  C  CA  . GLN A 1 51  ? -9.859  2.256   -12.379 1.00 15.75 ? 78  GLN A CA  1 
ATOM   381  C  C   . GLN A 1 51  ? -10.215 2.097   -10.906 1.00 14.63 ? 78  GLN A C   1 
ATOM   382  O  O   . GLN A 1 51  ? -10.820 3.008   -10.343 1.00 14.83 ? 78  GLN A O   1 
ATOM   383  C  CB  . GLN A 1 51  ? -11.176 2.217   -13.188 1.00 17.24 ? 78  GLN A CB  1 
ATOM   384  C  CG  . GLN A 1 51  ? -11.880 0.915   -13.088 1.00 16.60 ? 78  GLN A CG  1 
ATOM   385  C  CD  . GLN A 1 51  ? -13.325 0.953   -13.531 1.00 19.00 ? 78  GLN A CD  1 
ATOM   386  O  OE1 . GLN A 1 51  ? -13.937 2.049   -13.639 1.00 23.22 ? 78  GLN A OE1 1 
ATOM   387  N  NE2 . GLN A 1 51  ? -13.903 -0.193  -13.749 1.00 17.62 ? 78  GLN A NE2 1 
ATOM   388  N  N   . PHE A 1 52  ? -9.777  1.009   -10.272 1.00 13.40 ? 79  PHE A N   1 
ATOM   389  C  CA  . PHE A 1 52  ? -9.965  0.841   -8.848  1.00 13.93 ? 79  PHE A CA  1 
ATOM   390  C  C   . PHE A 1 52  ? -8.728  1.181   -8.048  1.00 14.69 ? 79  PHE A C   1 
ATOM   391  O  O   . PHE A 1 52  ? -8.759  1.039   -6.822  1.00 14.62 ? 79  PHE A O   1 
ATOM   392  C  CB  . PHE A 1 52  ? -10.395 -0.580  -8.527  1.00 14.37 ? 79  PHE A CB  1 
ATOM   393  C  CG  . PHE A 1 52  ? -11.763 -0.982  -9.004  1.00 14.07 ? 79  PHE A CG  1 
ATOM   394  C  CD1 . PHE A 1 52  ? -12.726 -0.092  -9.451  1.00 14.65 ? 79  PHE A CD1 1 
ATOM   395  C  CD2 . PHE A 1 52  ? -12.107 -2.346  -8.969  1.00 14.53 ? 79  PHE A CD2 1 
ATOM   396  C  CE1 . PHE A 1 52  ? -13.952 -0.559  -9.915  1.00 15.43 ? 79  PHE A CE1 1 
ATOM   397  C  CE2 . PHE A 1 52  ? -13.321 -2.802  -9.384  1.00 15.46 ? 79  PHE A CE2 1 
ATOM   398  C  CZ  . PHE A 1 52  ? -14.252 -1.929  -9.874  1.00 15.37 ? 79  PHE A CZ  1 
ATOM   399  N  N   . ALA A 1 53  ? -7.679  1.669   -8.683  1.00 14.62 ? 80  ALA A N   1 
ATOM   400  C  CA  . ALA A 1 53  ? -6.419  1.883   -7.959  1.00 14.80 ? 80  ALA A CA  1 
ATOM   401  C  C   . ALA A 1 53  ? -6.443  3.069   -7.058  1.00 14.59 ? 80  ALA A C   1 
ATOM   402  O  O   . ALA A 1 53  ? -5.673  3.134   -6.108  1.00 14.60 ? 80  ALA A O   1 
ATOM   403  C  CB  . ALA A 1 53  ? -5.284  2.056   -8.946  1.00 14.95 ? 80  ALA A CB  1 
ATOM   404  N  N   . TRP A 1 54  ? -7.238  4.110   -7.364  1.00 14.25 ? 81  TRP A N   1 
ATOM   405  C  CA  . TRP A 1 54  ? -7.067  5.381   -6.736  1.00 13.41 ? 81  TRP A CA  1 
ATOM   406  C  C   . TRP A 1 54  ? -7.059  5.438   -5.194  1.00 12.47 ? 81  TRP A C   1 
ATOM   407  O  O   . TRP A 1 54  ? -6.322  6.257   -4.667  1.00 14.02 ? 81  TRP A O   1 
ATOM   408  C  CB  . TRP A 1 54  ? -8.055  6.433   -7.327  1.00 13.79 ? 81  TRP A CB  1 
ATOM   409  C  CG  . TRP A 1 54  ? -9.478  6.078   -7.245  1.00 14.05 ? 81  TRP A CG  1 
ATOM   410  C  CD1 . TRP A 1 54  ? -10.210 5.363   -8.160  1.00 13.37 ? 81  TRP A CD1 1 
ATOM   411  C  CD2 . TRP A 1 54  ? -10.385 6.376   -6.165  1.00 12.14 ? 81  TRP A CD2 1 
ATOM   412  N  NE1 . TRP A 1 54  ? -11.517 5.182   -7.718  1.00 14.37 ? 81  TRP A NE1 1 
ATOM   413  C  CE2 . TRP A 1 54  ? -11.647 5.814   -6.518  1.00 13.55 ? 81  TRP A CE2 1 
ATOM   414  C  CE3 . TRP A 1 54  ? -10.288 7.061   -4.934  1.00 13.68 ? 81  TRP A CE3 1 
ATOM   415  C  CZ2 . TRP A 1 54  ? -12.766 5.928   -5.705  1.00 13.97 ? 81  TRP A CZ2 1 
ATOM   416  C  CZ3 . TRP A 1 54  ? -11.463 7.149   -4.169  1.00 13.49 ? 81  TRP A CZ3 1 
ATOM   417  C  CH2 . TRP A 1 54  ? -12.643 6.572   -4.566  1.00 13.48 ? 81  TRP A CH2 1 
ATOM   418  N  N   . PRO A 1 55  ? -7.882  4.617   -4.479  1.00 12.78 ? 82  PRO A N   1 
ATOM   419  C  CA  . PRO A 1 55  ? -7.817  4.722   -3.027  1.00 12.10 ? 82  PRO A CA  1 
ATOM   420  C  C   . PRO A 1 55  ? -6.470  4.239   -2.492  1.00 12.68 ? 82  PRO A C   1 
ATOM   421  O  O   . PRO A 1 55  ? -6.191  4.443   -1.304  1.00 13.78 ? 82  PRO A O   1 
ATOM   422  C  CB  . PRO A 1 55  ? -8.927  3.802   -2.530  1.00 12.79 ? 82  PRO A CB  1 
ATOM   423  C  CG  . PRO A 1 55  ? -9.885  3.693   -3.714  1.00 12.51 ? 82  PRO A CG  1 
ATOM   424  C  CD  . PRO A 1 55  ? -8.938  3.670   -4.880  1.00 12.44 ? 82  PRO A CD  1 
ATOM   425  N  N   . PHE A 1 56  ? -5.744  3.487   -3.331  1.00 12.38 ? 83  PHE A N   1 
ATOM   426  C  CA  . PHE A 1 56  ? -4.533  2.757   -2.947  1.00 12.95 ? 83  PHE A CA  1 
ATOM   427  C  C   . PHE A 1 56  ? -3.293  3.403   -3.514  1.00 14.22 ? 83  PHE A C   1 
ATOM   428  O  O   . PHE A 1 56  ? -2.177  2.868   -3.288  1.00 14.76 ? 83  PHE A O   1 
ATOM   429  C  CB  . PHE A 1 56  ? -4.679  1.286   -3.418  1.00 14.20 ? 83  PHE A CB  1 
ATOM   430  C  CG  . PHE A 1 56  ? -5.895  0.624   -2.904  1.00 13.51 ? 83  PHE A CG  1 
ATOM   431  C  CD1 . PHE A 1 56  ? -6.062  0.230   -1.576  1.00 14.05 ? 83  PHE A CD1 1 
ATOM   432  C  CD2 . PHE A 1 56  ? -6.985  0.485   -3.730  1.00 12.97 ? 83  PHE A CD2 1 
ATOM   433  C  CE1 . PHE A 1 56  ? -7.237  -0.340  -1.120  1.00 13.98 ? 83  PHE A CE1 1 
ATOM   434  C  CE2 . PHE A 1 56  ? -8.173  -0.083  -3.287  1.00 14.16 ? 83  PHE A CE2 1 
ATOM   435  C  CZ  . PHE A 1 56  ? -8.337  -0.504  -1.970  1.00 13.55 ? 83  PHE A CZ  1 
ATOM   436  N  N   . GLN A 1 57  ? -3.362  4.557   -4.165  1.00 13.26 ? 84  GLN A N   1 
ATOM   437  C  CA  . GLN A 1 57  ? -2.201  5.161   -4.871  1.00 14.24 ? 84  GLN A CA  1 
ATOM   438  C  C   . GLN A 1 57  ? -1.337  6.063   -3.987  1.00 14.11 ? 84  GLN A C   1 
ATOM   439  O  O   . GLN A 1 57  ? -0.379  6.651   -4.472  1.00 16.06 ? 84  GLN A O   1 
ATOM   440  C  CB  . GLN A 1 57  ? -2.674  5.943   -6.116  1.00 15.37 ? 84  GLN A CB  1 
ATOM   441  C  CG  . GLN A 1 57  ? -3.037  5.043   -7.246  1.00 16.00 ? 84  GLN A CG  1 
ATOM   442  C  CD  . GLN A 1 57  ? -3.613  5.813   -8.419  1.00 17.25 ? 84  GLN A CD  1 
ATOM   443  O  OE1 . GLN A 1 57  ? -4.260  6.838   -8.233  1.00 19.22 ? 84  GLN A OE1 1 
ATOM   444  N  NE2 . GLN A 1 57  ? -3.378  5.321   -9.611  1.00 19.02 ? 84  GLN A NE2 1 
ATOM   445  N  N   . GLN A 1 58  ? -1.720  6.193   -2.715  1.00 12.85 ? 85  GLN A N   1 
ATOM   446  C  CA  . GLN A 1 58  ? -1.026  7.111   -1.803  1.00 14.10 ? 85  GLN A CA  1 
ATOM   447  C  C   . GLN A 1 58  ? -1.280  6.656   -0.387  1.00 13.08 ? 85  GLN A C   1 
ATOM   448  O  O   . GLN A 1 58  ? -2.266  5.946   -0.143  1.00 13.44 ? 85  GLN A O   1 
ATOM   449  C  CB  . GLN A 1 58  ? -1.435  8.560   -1.972  1.00 14.47 ? 85  GLN A CB  1 
ATOM   450  C  CG  . GLN A 1 58  ? -2.905  8.811   -1.707  1.00 15.68 ? 85  GLN A CG  1 
ATOM   451  C  CD  . GLN A 1 58  ? -3.842  8.288   -2.795  1.00 15.35 ? 85  GLN A CD  1 
ATOM   452  O  OE1 . GLN A 1 58  ? -3.555  8.532   -3.987  1.00 18.55 ? 85  GLN A OE1 1 
ATOM   453  N  NE2 . GLN A 1 58  ? -4.915  7.573   -2.404  1.00 17.75 ? 85  GLN A NE2 1 
ATOM   454  N  N   . PRO A 1 59  ? -0.411  7.020   0.550   1.00 13.82 ? 86  PRO A N   1 
ATOM   455  C  CA  . PRO A 1 59  ? -0.712  6.779   1.953   1.00 14.71 ? 86  PRO A CA  1 
ATOM   456  C  C   . PRO A 1 59  ? -2.088  7.280   2.318   1.00 15.43 ? 86  PRO A C   1 
ATOM   457  O  O   . PRO A 1 59  ? -2.516  8.329   1.847   1.00 16.81 ? 86  PRO A O   1 
ATOM   458  C  CB  . PRO A 1 59  ? 0.401   7.538   2.673   1.00 15.12 ? 86  PRO A CB  1 
ATOM   459  C  CG  . PRO A 1 59  ? 1.553   7.518   1.720   1.00 14.47 ? 86  PRO A CG  1 
ATOM   460  C  CD  . PRO A 1 59  ? 0.915   7.617   0.376   1.00 14.94 ? 86  PRO A CD  1 
ATOM   461  N  N   . VAL A 1 60  ? -2.811  6.546   3.150   1.00 13.20 ? 87  VAL A N   1 
ATOM   462  C  CA  . VAL A 1 60  ? -4.167  6.903   3.487   1.00 14.17 ? 87  VAL A CA  1 
ATOM   463  C  C   . VAL A 1 60  ? -4.158  8.265   4.165   1.00 14.81 ? 87  VAL A C   1 
ATOM   464  O  O   . VAL A 1 60  ? -3.516  8.489   5.206   1.00 15.17 ? 87  VAL A O   1 
ATOM   465  C  CB  . VAL A 1 60  ? -4.824  5.854   4.355   1.00 13.76 ? 87  VAL A CB  1 
ATOM   466  C  CG1 . VAL A 1 60  ? -6.187  6.348   4.931   1.00 14.68 ? 87  VAL A CG1 1 
ATOM   467  C  CG2 . VAL A 1 60  ? -5.018  4.576   3.545   1.00 14.12 ? 87  VAL A CG2 1 
ATOM   468  N  N   . ASP A 1 61  ? -4.863  9.212   3.559   1.00 15.27 ? 88  ASP A N   1 
ATOM   469  C  CA  . ASP A 1 61  ? -5.052  10.553  4.140   1.00 17.34 ? 88  ASP A CA  1 
ATOM   470  C  C   . ASP A 1 61  ? -6.310  10.526  4.988   1.00 17.99 ? 88  ASP A C   1 
ATOM   471  O  O   . ASP A 1 61  ? -7.427  10.856  4.534   1.00 17.31 ? 88  ASP A O   1 
ATOM   472  C  CB  . ASP A 1 61  ? -5.135  11.594  3.042   1.00 19.15 ? 88  ASP A CB  1 
ATOM   473  C  CG  . ASP A 1 61  ? -5.154  13.025  3.604   1.00 20.94 ? 88  ASP A CG  1 
ATOM   474  O  OD1 . ASP A 1 61  ? -5.462  13.214  4.802   1.00 20.03 ? 88  ASP A OD1 1 
ATOM   475  O  OD2 . ASP A 1 61  ? -4.865  13.936  2.807   1.00 26.09 ? 88  ASP A OD2 1 
ATOM   476  N  N   . ALA A 1 62  ? -6.133  10.080  6.222   1.00 17.66 ? 89  ALA A N   1 
ATOM   477  C  CA  . ALA A 1 62  ? -7.210  9.925   7.195   1.00 17.75 ? 89  ALA A CA  1 
ATOM   478  C  C   . ALA A 1 62  ? -7.880  11.250  7.546   1.00 18.65 ? 89  ALA A C   1 
ATOM   479  O  O   . ALA A 1 62  ? -9.072  11.247  7.857   1.00 20.07 ? 89  ALA A O   1 
ATOM   480  C  CB  . ALA A 1 62  ? -6.725  9.208   8.455   1.00 18.51 ? 89  ALA A CB  1 
ATOM   481  N  N   . VAL A 1 63  ? -7.124  12.342  7.474   1.00 19.41 ? 90  VAL A N   1 
ATOM   482  C  CA  . VAL A 1 63  ? -7.647  13.705  7.736   1.00 20.29 ? 90  VAL A CA  1 
ATOM   483  C  C   . VAL A 1 63  ? -8.623  14.079  6.622   1.00 21.59 ? 90  VAL A C   1 
ATOM   484  O  O   . VAL A 1 63  ? -9.832  14.309  6.888   1.00 24.21 ? 90  VAL A O   1 
ATOM   485  C  CB  . VAL A 1 63  ? -6.513  14.728  7.900   1.00 22.97 ? 90  VAL A CB  1 
ATOM   486  C  CG1 . VAL A 1 63  ? -7.069  16.158  7.990   1.00 23.23 ? 90  VAL A CG1 1 
ATOM   487  C  CG2 . VAL A 1 63  ? -5.725  14.399  9.166   1.00 22.37 ? 90  VAL A CG2 1 
ATOM   488  N  N   . LYS A 1 64  ? -8.138  14.104  5.382   1.00 21.00 ? 91  LYS A N   1 
ATOM   489  C  CA  . LYS A 1 64  ? -9.022  14.416  4.216   1.00 20.09 ? 91  LYS A CA  1 
ATOM   490  C  C   . LYS A 1 64  ? -10.239 13.525  4.130   1.00 20.34 ? 91  LYS A C   1 
ATOM   491  O  O   . LYS A 1 64  ? -11.384 13.952  3.848   1.00 21.94 ? 91  LYS A O   1 
ATOM   492  C  CB  . LYS A 1 64  ? -8.262  14.260  2.896   1.00 21.25 ? 91  LYS A CB  1 
ATOM   493  C  CG  . LYS A 1 64  ? -9.151  14.456  1.669   1.00 22.58 ? 91  LYS A CG  1 
ATOM   494  C  CD  . LYS A 1 64  ? -8.369  14.219  0.423   1.00 23.35 ? 91  LYS A CD  1 
ATOM   495  C  CE  . LYS A 1 64  ? -9.295  14.165  -0.771  1.00 23.34 ? 91  LYS A CE  1 
ATOM   496  N  NZ  . LYS A 1 64  ? -8.547  14.088  -2.051  1.00 26.26 ? 91  LYS A NZ  1 
ATOM   497  N  N   . LEU A 1 65  ? -10.059 12.231  4.312   1.00 20.62 ? 92  LEU A N   1 
ATOM   498  C  CA  . LEU A 1 65  ? -11.118 11.281  4.093   1.00 18.73 ? 92  LEU A CA  1 
ATOM   499  C  C   . LEU A 1 65  ? -12.080 11.147  5.273   1.00 18.45 ? 92  LEU A C   1 
ATOM   500  O  O   . LEU A 1 65  ? -13.022 10.358  5.232   1.00 20.53 ? 92  LEU A O   1 
ATOM   501  C  CB  . LEU A 1 65  ? -10.540 9.910   3.714   1.00 18.15 ? 92  LEU A CB  1 
ATOM   502  C  CG  . LEU A 1 65  ? -9.639  9.953   2.493   1.00 18.91 ? 92  LEU A CG  1 
ATOM   503  C  CD1 . LEU A 1 65  ? -8.959  8.604   2.329   1.00 17.62 ? 92  LEU A CD1 1 
ATOM   504  C  CD2 . LEU A 1 65  ? -10.416 10.326  1.253   1.00 18.23 ? 92  LEU A CD2 1 
ATOM   505  N  N   . ASN A 1 66  ? -11.771 11.879  6.356   1.00 19.75 ? 93  ASN A N   1 
ATOM   506  C  CA  . ASN A 1 66  ? -12.596 11.864  7.534   1.00 21.13 ? 93  ASN A CA  1 
ATOM   507  C  C   . ASN A 1 66  ? -12.690 10.470  8.089   1.00 20.70 ? 93  ASN A C   1 
ATOM   508  O  O   . ASN A 1 66  ? -13.735 9.943   8.354   1.00 19.41 ? 93  ASN A O   1 
ATOM   509  C  CB  . ASN A 1 66  ? -13.988 12.422  7.163   1.00 25.66 ? 93  ASN A CB  1 
ATOM   510  C  CG  . ASN A 1 66  ? -14.640 13.088  8.284   1.00 31.16 ? 93  ASN A CG  1 
ATOM   511  O  OD1 . ASN A 1 66  ? -14.038 13.310  9.334   1.00 33.19 ? 93  ASN A OD1 1 
ATOM   512  N  ND2 . ASN A 1 66  ? -15.893 13.466  8.066   1.00 35.02 ? 93  ASN A ND2 1 
ATOM   513  N  N   . LEU A 1 67  ? -11.515 9.809   8.203   1.00 18.05 ? 94  LEU A N   1 
ATOM   514  C  CA  . LEU A 1 67  ? -11.416 8.454   8.789   1.00 16.85 ? 94  LEU A CA  1 
ATOM   515  C  C   . LEU A 1 67  ? -10.557 8.514   10.058  1.00 18.20 ? 94  LEU A C   1 
ATOM   516  O  O   . LEU A 1 67  ? -9.415  7.986   10.103  1.00 16.65 ? 94  LEU A O   1 
ATOM   517  C  CB  . LEU A 1 67  ? -10.749 7.466   7.820   1.00 16.95 ? 94  LEU A CB  1 
ATOM   518  C  CG  . LEU A 1 67  ? -11.379 7.435   6.464   1.00 17.98 ? 94  LEU A CG  1 
ATOM   519  C  CD1 . LEU A 1 67  ? -10.630 6.482   5.569   1.00 17.04 ? 94  LEU A CD1 1 
ATOM   520  C  CD2 . LEU A 1 67  ? -12.819 6.890   6.525   1.00 17.91 ? 94  LEU A CD2 1 
ATOM   521  N  N   . PRO A 1 68  ? -11.063 9.144   11.127  1.00 16.39 ? 95  PRO A N   1 
ATOM   522  C  CA  . PRO A 1 68  ? -10.186 9.392   12.256  1.00 16.44 ? 95  PRO A CA  1 
ATOM   523  C  C   . PRO A 1 68  ? -9.795  8.161   13.013  1.00 15.97 ? 95  PRO A C   1 
ATOM   524  O  O   . PRO A 1 68  ? -8.816  8.202   13.758  1.00 15.51 ? 95  PRO A O   1 
ATOM   525  C  CB  . PRO A 1 68  ? -11.052 10.328  13.142  1.00 16.35 ? 95  PRO A CB  1 
ATOM   526  C  CG  . PRO A 1 68  ? -12.462 10.007  12.741  1.00 16.83 ? 95  PRO A CG  1 
ATOM   527  C  CD  . PRO A 1 68  ? -12.303 9.943   11.234  1.00 17.63 ? 95  PRO A CD  1 
ATOM   528  N  N   . ASP A 1 69  ? -10.458 7.031   12.804  1.00 14.45 ? 96  ASP A N   1 
ATOM   529  C  CA  . ASP A 1 69  ? -10.077 5.767   13.393  1.00 14.98 ? 96  ASP A CA  1 
ATOM   530  C  C   . ASP A 1 69  ? -9.036  5.002   12.596  1.00 14.67 ? 96  ASP A C   1 
ATOM   531  O  O   . ASP A 1 69  ? -8.604  3.965   13.030  1.00 15.35 ? 96  ASP A O   1 
ATOM   532  C  CB  . ASP A 1 69  ? -11.298 4.861   13.644  1.00 16.06 ? 96  ASP A CB  1 
ATOM   533  C  CG  . ASP A 1 69  ? -12.142 4.618   12.429  1.00 16.03 ? 96  ASP A CG  1 
ATOM   534  O  OD1 . ASP A 1 69  ? -11.864 5.204   11.391  1.00 18.22 ? 96  ASP A OD1 1 
ATOM   535  O  OD2 . ASP A 1 69  ? -13.108 3.843   12.554  1.00 20.12 ? 96  ASP A OD2 1 
ATOM   536  N  N   . TYR A 1 70  ? -8.675  5.473   11.386  1.00 14.12 ? 97  TYR A N   1 
ATOM   537  C  CA  . TYR A 1 70  ? -7.931  4.568   10.497  1.00 14.08 ? 97  TYR A CA  1 
ATOM   538  C  C   . TYR A 1 70  ? -6.565  4.133   11.095  1.00 13.14 ? 97  TYR A C   1 
ATOM   539  O  O   . TYR A 1 70  ? -6.280  2.979   11.118  1.00 13.77 ? 97  TYR A O   1 
ATOM   540  C  CB  . TYR A 1 70  ? -7.703  5.251   9.119   1.00 13.17 ? 97  TYR A CB  1 
ATOM   541  C  CG  . TYR A 1 70  ? -7.049  4.279   8.148   1.00 12.86 ? 97  TYR A CG  1 
ATOM   542  C  CD1 . TYR A 1 70  ? -7.797  3.337   7.499   1.00 12.37 ? 97  TYR A CD1 1 
ATOM   543  C  CD2 . TYR A 1 70  ? -5.674  4.278   7.943   1.00 13.22 ? 97  TYR A CD2 1 
ATOM   544  C  CE1 . TYR A 1 70  ? -7.209  2.383   6.660   1.00 13.39 ? 97  TYR A CE1 1 
ATOM   545  C  CE2 . TYR A 1 70  ? -5.055  3.348   7.098   1.00 12.82 ? 97  TYR A CE2 1 
ATOM   546  C  CZ  . TYR A 1 70  ? -5.828  2.400   6.465   1.00 14.54 ? 97  TYR A CZ  1 
ATOM   547  O  OH  . TYR A 1 70  ? -5.260  1.422   5.688   1.00 13.86 ? 97  TYR A OH  1 
ATOM   548  N  N   . TYR A 1 71  ? -5.785  5.093   11.559  1.00 12.77 ? 98  TYR A N   1 
ATOM   549  C  CA  . TYR A 1 71  ? -4.455  4.776   12.125  1.00 13.14 ? 98  TYR A CA  1 
ATOM   550  C  C   . TYR A 1 71  ? -4.560  4.315   13.575  1.00 13.90 ? 98  TYR A C   1 
ATOM   551  O  O   . TYR A 1 71  ? -3.514  3.949   14.166  1.00 14.38 ? 98  TYR A O   1 
ATOM   552  C  CB  . TYR A 1 71  ? -3.514  5.940   11.945  1.00 12.86 ? 98  TYR A CB  1 
ATOM   553  C  CG  . TYR A 1 71  ? -3.201  6.139   10.470  1.00 12.28 ? 98  TYR A CG  1 
ATOM   554  C  CD1 . TYR A 1 71  ? -2.446  5.206   9.806   1.00 12.52 ? 98  TYR A CD1 1 
ATOM   555  C  CD2 . TYR A 1 71  ? -3.681  7.229   9.749   1.00 12.04 ? 98  TYR A CD2 1 
ATOM   556  C  CE1 . TYR A 1 71  ? -2.119  5.366   8.478   1.00 12.77 ? 98  TYR A CE1 1 
ATOM   557  C  CE2 . TYR A 1 71  ? -3.359  7.417   8.405   1.00 13.04 ? 98  TYR A CE2 1 
ATOM   558  C  CZ  . TYR A 1 71  ? -2.555  6.482   7.768   1.00 12.46 ? 98  TYR A CZ  1 
ATOM   559  O  OH  . TYR A 1 71  ? -2.143  6.621   6.451   1.00 13.07 ? 98  TYR A OH  1 
ATOM   560  N  N   . LYS A 1 72  ? -5.757  4.307   14.162  1.00 13.72 ? 99  LYS A N   1 
ATOM   561  C  CA  . LYS A 1 72  ? -5.961  3.579   15.433  1.00 14.75 ? 99  LYS A CA  1 
ATOM   562  C  C   . LYS A 1 72  ? -6.027  2.099   15.192  1.00 14.51 ? 99  LYS A C   1 
ATOM   563  O  O   . LYS A 1 72  ? -5.625  1.280   16.032  1.00 15.31 ? 99  LYS A O   1 
ATOM   564  C  CB  . LYS A 1 72  ? -7.274  3.988   16.067  1.00 15.20 ? 99  LYS A CB  1 
ATOM   565  C  CG  . LYS A 1 72  ? -7.543  5.441   16.326  1.00 19.11 ? 99  LYS A CG  1 
ATOM   566  C  CD  . LYS A 1 72  ? -6.439  6.130   16.980  1.00 18.19 ? 99  LYS A CD  1 
ATOM   567  C  CE  . LYS A 1 72  ? -6.748  7.598   17.314  1.00 17.95 ? 99  LYS A CE  1 
ATOM   568  N  NZ  . LYS A 1 72  ? -5.447  8.252   17.665  1.00 18.83 ? 99  LYS A NZ  1 
ATOM   569  N  N   . ILE A 1 73  ? -6.599  1.707   14.046  1.00 14.16 ? 100 ILE A N   1 
ATOM   570  C  CA  . ILE A 1 73  ? -6.802  0.311   13.689  1.00 15.32 ? 100 ILE A CA  1 
ATOM   571  C  C   . ILE A 1 73  ? -5.638  -0.269  12.871  1.00 14.78 ? 100 ILE A C   1 
ATOM   572  O  O   . ILE A 1 73  ? -5.201  -1.406  13.066  1.00 15.94 ? 100 ILE A O   1 
ATOM   573  C  CB  . ILE A 1 73  ? -8.142  0.163   12.926  1.00 15.54 ? 100 ILE A CB  1 
ATOM   574  C  CG1 . ILE A 1 73  ? -9.315  0.515   13.866  1.00 17.12 ? 100 ILE A CG1 1 
ATOM   575  C  CG2 . ILE A 1 73  ? -8.312  -1.205  12.352  1.00 17.39 ? 100 ILE A CG2 1 
ATOM   576  C  CD1 . ILE A 1 73  ? -10.575 0.921   13.115  1.00 19.09 ? 100 ILE A CD1 1 
ATOM   577  N  N   . ILE A 1 74  ? -5.127  0.529   11.950  1.00 13.98 ? 101 ILE A N   1 
ATOM   578  C  CA  . ILE A 1 74  ? -4.069  0.089   11.039  1.00 13.85 ? 101 ILE A CA  1 
ATOM   579  C  C   . ILE A 1 74  ? -2.734  0.635   11.450  1.00 13.50 ? 101 ILE A C   1 
ATOM   580  O  O   . ILE A 1 74  ? -2.500  1.850   11.297  1.00 13.74 ? 101 ILE A O   1 
ATOM   581  C  CB  . ILE A 1 74  ? -4.434  0.516   9.602   1.00 13.86 ? 101 ILE A CB  1 
ATOM   582  C  CG1 . ILE A 1 74  ? -5.771  -0.134  9.151   1.00 14.64 ? 101 ILE A CG1 1 
ATOM   583  C  CG2 . ILE A 1 74  ? -3.313  0.174   8.656   1.00 14.21 ? 101 ILE A CG2 1 
ATOM   584  C  CD1 . ILE A 1 74  ? -5.795  -1.622  9.193   1.00 14.68 ? 101 ILE A CD1 1 
ATOM   585  N  N   . LYS A 1 75  ? -1.897  -0.244  11.994  1.00 13.82 ? 102 LYS A N   1 
ATOM   586  C  CA  . LYS A 1 75  ? -0.588  0.129   12.568  1.00 14.72 ? 102 LYS A CA  1 
ATOM   587  C  C   . LYS A 1 75  ? 0.562   -0.150  11.612  1.00 15.13 ? 102 LYS A C   1 
ATOM   588  O  O   . LYS A 1 75  ? 1.676   0.261   11.866  1.00 15.30 ? 102 LYS A O   1 
ATOM   589  C  CB  . LYS A 1 75  ? -0.316  -0.595  13.908  1.00 15.42 ? 102 LYS A CB  1 
ATOM   590  C  CG  . LYS A 1 75  ? -1.318  -0.368  15.009  1.00 17.17 ? 102 LYS A CG  1 
ATOM   591  C  CD  . LYS A 1 75  ? -1.553  1.126   15.231  1.00 17.48 ? 102 LYS A CD  1 
ATOM   592  C  CE  . LYS A 1 75  ? -2.304  1.484   16.485  1.00 18.40 ? 102 LYS A CE  1 
ATOM   593  N  NZ  . LYS A 1 75  ? -2.547  2.928   16.565  1.00 17.94 ? 102 LYS A NZ  1 
ATOM   594  N  N   A THR A 1 76  ? 0.283   -0.867  10.534  0.50 14.15 ? 103 THR A N   1 
ATOM   595  N  N   B THR A 1 76  ? 0.308   -0.855  10.517  0.50 14.81 ? 103 THR A N   1 
ATOM   596  C  CA  A THR A 1 76  ? 1.251   -1.152  9.476   0.50 14.11 ? 103 THR A CA  1 
ATOM   597  C  CA  B THR A 1 76  ? 1.310   -1.064  9.454   0.50 15.18 ? 103 THR A CA  1 
ATOM   598  C  C   A THR A 1 76  ? 0.662   -0.693  8.124   0.50 14.36 ? 103 THR A C   1 
ATOM   599  C  C   B THR A 1 76  ? 0.738   -0.660  8.093   0.50 14.85 ? 103 THR A C   1 
ATOM   600  O  O   A THR A 1 76  ? 0.251   -1.504  7.300   0.50 14.27 ? 103 THR A O   1 
ATOM   601  O  O   B THR A 1 76  ? 0.419   -1.467  7.228   0.50 14.40 ? 103 THR A O   1 
ATOM   602  C  CB  A THR A 1 76  ? 1.634   -2.660  9.451   0.50 15.67 ? 103 THR A CB  1 
ATOM   603  C  CB  B THR A 1 76  ? 1.800   -2.500  9.415   0.50 17.70 ? 103 THR A CB  1 
ATOM   604  O  OG1 A THR A 1 76  ? 1.945   -3.107  10.784  0.50 18.09 ? 103 THR A OG1 1 
ATOM   605  O  OG1 B THR A 1 76  ? 0.668   -3.336  9.193   0.50 23.10 ? 103 THR A OG1 1 
ATOM   606  C  CG2 A THR A 1 76  ? 2.848   -2.907  8.522   0.50 15.75 ? 103 THR A CG2 1 
ATOM   607  C  CG2 B THR A 1 76  ? 2.532   -2.831  10.741  0.50 17.09 ? 103 THR A CG2 1 
ATOM   608  N  N   . PRO A 1 77  ? 0.553   0.631   7.892   1.00 13.51 ? 104 PRO A N   1 
ATOM   609  C  CA  . PRO A 1 77  ? -0.017  1.133   6.662   1.00 13.56 ? 104 PRO A CA  1 
ATOM   610  C  C   . PRO A 1 77  ? 0.876   0.784   5.481   1.00 13.25 ? 104 PRO A C   1 
ATOM   611  O  O   . PRO A 1 77  ? 2.105   0.736   5.611   1.00 13.21 ? 104 PRO A O   1 
ATOM   612  C  CB  . PRO A 1 77  ? -0.080  2.652   6.872   1.00 15.48 ? 104 PRO A CB  1 
ATOM   613  C  CG  . PRO A 1 77  ? 0.602   2.897   8.174   1.00 14.49 ? 104 PRO A CG  1 
ATOM   614  C  CD  . PRO A 1 77  ? 0.944   1.659   8.852   1.00 14.38 ? 104 PRO A CD  1 
ATOM   615  N  N   . MET A 1 78  ? 0.251   0.603   4.324   1.00 12.26 ? 105 MET A N   1 
ATOM   616  C  CA  . MET A 1 78  ? 0.998   0.414   3.111   1.00 11.49 ? 105 MET A CA  1 
ATOM   617  C  C   . MET A 1 78  ? 0.108   0.749   1.950   1.00 11.56 ? 105 MET A C   1 
ATOM   618  O  O   . MET A 1 78  ? -1.125  0.493   2.026   1.00 13.24 ? 105 MET A O   1 
ATOM   619  C  CB  . MET A 1 78  ? 1.485   -1.042  3.002   1.00 11.73 ? 105 MET A CB  1 
ATOM   620  C  CG  . MET A 1 78  ? 2.452   -1.301  1.834   1.00 12.44 ? 105 MET A CG  1 
ATOM   621  S  SD  . MET A 1 78  ? 3.843   -0.120  1.655   1.00 13.73 ? 105 MET A SD  1 
ATOM   622  C  CE  . MET A 1 78  ? 4.666   -0.245  3.267   1.00 13.74 ? 105 MET A CE  1 
ATOM   623  N  N   . ASP A 1 79  ? 0.704   1.214   0.879   1.00 12.57 ? 106 ASP A N   1 
ATOM   624  C  CA  . ASP A 1 79  ? -0.054  1.679   -0.289  1.00 11.77 ? 106 ASP A CA  1 
ATOM   625  C  C   . ASP A 1 79  ? 0.799   1.543   -1.525  1.00 12.30 ? 106 ASP A C   1 
ATOM   626  O  O   . ASP A 1 79  ? 2.022   1.376   -1.456  1.00 12.46 ? 106 ASP A O   1 
ATOM   627  C  CB  . ASP A 1 79  ? -0.463  3.138   -0.113  1.00 13.26 ? 106 ASP A CB  1 
ATOM   628  C  CG  . ASP A 1 79  ? 0.759   4.056   -0.081  1.00 12.70 ? 106 ASP A CG  1 
ATOM   629  O  OD1 . ASP A 1 79  ? 1.430   4.130   0.984   1.00 13.58 ? 106 ASP A OD1 1 
ATOM   630  O  OD2 . ASP A 1 79  ? 1.097   4.577   -1.150  1.00 13.41 ? 106 ASP A OD2 1 
ATOM   631  N  N   . MET A 1 80  ? 0.164   1.606   -2.678  1.00 12.27 ? 107 MET A N   1 
ATOM   632  C  CA  . MET A 1 80  ? 0.900   1.408   -3.931  1.00 13.76 ? 107 MET A CA  1 
ATOM   633  C  C   . MET A 1 80  ? 1.786   2.567   -4.312  1.00 14.42 ? 107 MET A C   1 
ATOM   634  O  O   . MET A 1 80  ? 2.722   2.401   -5.139  1.00 14.72 ? 107 MET A O   1 
ATOM   635  C  CB  . MET A 1 80  ? -0.044  1.109   -5.109  1.00 14.66 ? 107 MET A CB  1 
ATOM   636  C  CG  . MET A 1 80  ? -0.747  -0.156  -5.023  1.00 14.91 ? 107 MET A CG  1 
ATOM   637  S  SD  . MET A 1 80  ? -1.374  -0.812  -6.592  1.00 17.06 ? 107 MET A SD  1 
ATOM   638  C  CE  . MET A 1 80  ? -2.658  0.323   -6.963  1.00 17.00 ? 107 MET A CE  1 
ATOM   639  N  N   . GLY A 1 81  ? 1.511   3.771   -3.846  1.00 13.62 ? 108 GLY A N   1 
ATOM   640  C  CA  . GLY A 1 81  ? 2.429   4.921   -4.067  1.00 14.22 ? 108 GLY A CA  1 
ATOM   641  C  C   . GLY A 1 81  ? 3.775   4.625   -3.442  1.00 13.10 ? 108 GLY A C   1 
ATOM   642  O  O   . GLY A 1 81  ? 4.813   4.821   -4.014  1.00 14.95 ? 108 GLY A O   1 
ATOM   643  N  N   . THR A 1 82  ? 3.726   4.206   -2.184  1.00 12.54 ? 109 THR A N   1 
ATOM   644  C  CA  . THR A 1 82  ? 4.913   3.780   -1.435  1.00 12.03 ? 109 THR A CA  1 
ATOM   645  C  C   . THR A 1 82  ? 5.592   2.623   -2.180  1.00 12.64 ? 109 THR A C   1 
ATOM   646  O  O   . THR A 1 82  ? 6.817   2.660   -2.338  1.00 12.14 ? 109 THR A O   1 
ATOM   647  C  CB  . THR A 1 82  ? 4.537   3.375   -0.014  1.00 12.70 ? 109 THR A CB  1 
ATOM   648  O  OG1 . THR A 1 82  ? 4.027   4.535   0.620   1.00 13.02 ? 109 THR A OG1 1 
ATOM   649  C  CG2 . THR A 1 82  ? 5.733   2.828   0.762   1.00 13.45 ? 109 THR A CG2 1 
ATOM   650  N  N   . ILE A 1 83  ? 4.860   1.596   -2.591  1.00 12.27 ? 110 ILE A N   1 
ATOM   651  C  CA  . ILE A 1 83  ? 5.477   0.439   -3.277  1.00 12.69 ? 110 ILE A CA  1 
ATOM   652  C  C   . ILE A 1 83  ? 6.121   0.896   -4.579  1.00 12.85 ? 110 ILE A C   1 
ATOM   653  O  O   . ILE A 1 83  ? 7.231   0.490   -4.904  1.00 12.44 ? 110 ILE A O   1 
ATOM   654  C  CB  . ILE A 1 83  ? 4.432   -0.654  -3.517  1.00 12.77 ? 110 ILE A CB  1 
ATOM   655  C  CG1 . ILE A 1 83  ? 3.950   -1.253  -2.167  1.00 13.31 ? 110 ILE A CG1 1 
ATOM   656  C  CG2 . ILE A 1 83  ? 4.982   -1.788  -4.376  1.00 14.08 ? 110 ILE A CG2 1 
ATOM   657  C  CD1 . ILE A 1 83  ? 2.688   -2.080  -2.288  1.00 14.01 ? 110 ILE A CD1 1 
ATOM   658  N  N   . LYS A 1 84  ? 5.427   1.749   -5.346  1.00 13.98 ? 111 LYS A N   1 
ATOM   659  C  CA  . LYS A 1 84  ? 5.958   2.262   -6.611  1.00 14.48 ? 111 LYS A CA  1 
ATOM   660  C  C   . LYS A 1 84  ? 7.284   2.976   -6.353  1.00 14.25 ? 111 LYS A C   1 
ATOM   661  O  O   . LYS A 1 84  ? 8.280   2.718   -7.083  1.00 14.47 ? 111 LYS A O   1 
ATOM   662  C  CB  . LYS A 1 84  ? 4.942   3.226   -7.252  1.00 16.77 ? 111 LYS A CB  1 
ATOM   663  C  CG  . LYS A 1 84  ? 5.379   3.784   -8.606  1.00 17.80 ? 111 LYS A CG  1 
ATOM   664  C  CD  . LYS A 1 84  ? 4.212   4.586   -9.161  1.00 21.00 ? 111 LYS A CD  1 
ATOM   665  C  CE  . LYS A 1 84  ? 4.468   4.975   -10.611 1.00 26.12 ? 111 LYS A CE  1 
ATOM   666  N  NZ  . LYS A 1 84  ? 5.350   6.162   -10.588 1.00 27.45 ? 111 LYS A NZ  1 
ATOM   667  N  N   . LYS A 1 85  ? 7.315   3.863   -5.373  1.00 14.13 ? 112 LYS A N   1 
ATOM   668  C  CA  . LYS A 1 85  ? 8.543   4.595   -5.092  1.00 16.28 ? 112 LYS A CA  1 
ATOM   669  C  C   . LYS A 1 85  ? 9.644   3.644   -4.626  1.00 16.11 ? 112 LYS A C   1 
ATOM   670  O  O   . LYS A 1 85  ? 10.828  3.780   -5.012  1.00 15.33 ? 112 LYS A O   1 
ATOM   671  C  CB  . LYS A 1 85  ? 8.339   5.699   -4.079  1.00 19.97 ? 112 LYS A CB  1 
ATOM   672  C  CG  . LYS A 1 85  ? 7.491   6.854   -4.530  1.00 27.42 ? 112 LYS A CG  1 
ATOM   673  C  CD  . LYS A 1 85  ? 7.828   8.168   -3.839  1.00 34.31 ? 112 LYS A CD  1 
ATOM   674  C  CE  . LYS A 1 85  ? 6.684   9.179   -3.873  1.00 39.72 ? 112 LYS A CE  1 
ATOM   675  N  NZ  . LYS A 1 85  ? 5.871   9.157   -2.626  1.00 42.91 ? 112 LYS A NZ  1 
ATOM   676  N  N   . ARG A 1 86  ? 9.302   2.682   -3.784  1.00 13.20 ? 113 ARG A N   1 
ATOM   677  C  CA  . ARG A 1 86  ? 10.301  1.707   -3.324  1.00 13.76 ? 113 ARG A CA  1 
ATOM   678  C  C   . ARG A 1 86  ? 10.876  0.940   -4.544  1.00 13.08 ? 113 ARG A C   1 
ATOM   679  O  O   . ARG A 1 86  ? 12.089  0.717   -4.627  1.00 13.94 ? 113 ARG A O   1 
ATOM   680  C  CB  . ARG A 1 86  ? 9.674   0.739   -2.305  1.00 13.02 ? 113 ARG A CB  1 
ATOM   681  C  CG  . ARG A 1 86  ? 9.489   1.312   -0.908  1.00 12.56 ? 113 ARG A CG  1 
ATOM   682  C  CD  . ARG A 1 86  ? 8.789   0.344   0.013   1.00 12.45 ? 113 ARG A CD  1 
ATOM   683  N  NE  . ARG A 1 86  ? 8.755   0.972   1.331   1.00 12.08 ? 113 ARG A NE  1 
ATOM   684  C  CZ  . ARG A 1 86  ? 8.488   0.333   2.462   1.00 13.54 ? 113 ARG A CZ  1 
ATOM   685  N  NH1 . ARG A 1 86  ? 8.151   -0.951  2.519   1.00 13.95 ? 113 ARG A NH1 1 
ATOM   686  N  NH2 . ARG A 1 86  ? 8.553   1.054   3.570   1.00 14.63 ? 113 ARG A NH2 1 
ATOM   687  N  N   . LEU A 1 87  ? 10.040  0.495   -5.455  1.00 13.52 ? 114 LEU A N   1 
ATOM   688  C  CA  . LEU A 1 87  ? 10.538  -0.200  -6.650  1.00 13.77 ? 114 LEU A CA  1 
ATOM   689  C  C   . LEU A 1 87  ? 11.374  0.698   -7.503  1.00 14.53 ? 114 LEU A C   1 
ATOM   690  O  O   . LEU A 1 87  ? 12.452  0.256   -7.947  1.00 15.28 ? 114 LEU A O   1 
ATOM   691  C  CB  . LEU A 1 87  ? 9.386   -0.742  -7.503  1.00 14.62 ? 114 LEU A CB  1 
ATOM   692  C  CG  . LEU A 1 87  ? 8.669   -1.918  -6.876  1.00 15.31 ? 114 LEU A CG  1 
ATOM   693  C  CD1 . LEU A 1 87  ? 7.304   -2.147  -7.557  1.00 14.80 ? 114 LEU A CD1 1 
ATOM   694  C  CD2 . LEU A 1 87  ? 9.519   -3.178  -6.977  1.00 15.35 ? 114 LEU A CD2 1 
ATOM   695  N  N   . GLU A 1 88  ? 10.954  1.938   -7.694  1.00 15.52 ? 115 GLU A N   1 
ATOM   696  C  CA  . GLU A 1 88  ? 11.762  2.924   -8.490  1.00 17.84 ? 115 GLU A CA  1 
ATOM   697  C  C   . GLU A 1 88  ? 13.104  3.188   -7.864  1.00 19.39 ? 115 GLU A C   1 
ATOM   698  O  O   . GLU A 1 88  ? 14.090  3.398   -8.562  1.00 21.39 ? 115 GLU A O   1 
ATOM   699  C  CB  . GLU A 1 88  ? 10.990  4.213   -8.727  1.00 20.09 ? 115 GLU A CB  1 
ATOM   700  C  CG  . GLU A 1 88  ? 9.811   3.988   -9.625  1.00 22.52 ? 115 GLU A CG  1 
ATOM   701  C  CD  . GLU A 1 88  ? 8.840   5.153   -9.638  1.00 22.19 ? 115 GLU A CD  1 
ATOM   702  O  OE1 . GLU A 1 88  ? 8.928   6.077   -8.806  1.00 26.26 ? 115 GLU A OE1 1 
ATOM   703  O  OE2 . GLU A 1 88  ? 7.916   5.048   -10.460 1.00 26.57 ? 115 GLU A OE2 1 
ATOM   704  N  N   . ASN A 1 89  ? 13.168  3.106   -6.546  1.00 17.03 ? 116 ASN A N   1 
ATOM   705  C  CA  . ASN A 1 89  ? 14.382  3.423   -5.782  1.00 17.85 ? 116 ASN A CA  1 
ATOM   706  C  C   . ASN A 1 89  ? 15.162  2.160   -5.505  1.00 17.97 ? 116 ASN A C   1 
ATOM   707  O  O   . ASN A 1 89  ? 16.143  2.234   -4.779  1.00 21.51 ? 116 ASN A O   1 
ATOM   708  C  CB  . ASN A 1 89  ? 14.010  4.053   -4.440  1.00 18.78 ? 116 ASN A CB  1 
ATOM   709  C  CG  . ASN A 1 89  ? 13.521  5.457   -4.560  1.00 22.17 ? 116 ASN A CG  1 
ATOM   710  O  OD1 . ASN A 1 89  ? 13.637  6.067   -5.609  1.00 25.51 ? 116 ASN A OD1 1 
ATOM   711  N  ND2 . ASN A 1 89  ? 12.969  5.991   -3.483  1.00 21.75 ? 116 ASN A ND2 1 
ATOM   712  N  N   . ASN A 1 90  ? 14.784  1.019   -6.054  1.00 17.83 ? 117 ASN A N   1 
ATOM   713  C  CA  . ASN A 1 90  ? 15.480  -0.235  -5.817  1.00 18.04 ? 117 ASN A CA  1 
ATOM   714  C  C   . ASN A 1 90  ? 15.629  -0.584  -4.348  1.00 17.61 ? 117 ASN A C   1 
ATOM   715  O  O   . ASN A 1 90  ? 16.618  -1.205  -3.935  1.00 19.02 ? 117 ASN A O   1 
ATOM   716  C  CB  . ASN A 1 90  ? 16.847  -0.228  -6.525  1.00 20.39 ? 117 ASN A CB  1 
ATOM   717  C  CG  . ASN A 1 90  ? 16.703  -0.057  -8.038  1.00 24.67 ? 117 ASN A CG  1 
ATOM   718  O  OD1 . ASN A 1 90  ? 15.950  -0.763  -8.682  1.00 28.33 ? 117 ASN A OD1 1 
ATOM   719  N  ND2 . ASN A 1 90  ? 17.433  0.868   -8.584  1.00 31.50 ? 117 ASN A ND2 1 
ATOM   720  N  N   . TYR A 1 91  ? 14.604  -0.285  -3.559  1.00 14.19 ? 118 TYR A N   1 
ATOM   721  C  CA  . TYR A 1 91  ? 14.600  -0.406  -2.090  1.00 13.92 ? 118 TYR A CA  1 
ATOM   722  C  C   . TYR A 1 91  ? 14.647  -1.850  -1.583  1.00 13.56 ? 118 TYR A C   1 
ATOM   723  O  O   . TYR A 1 91  ? 15.050  -2.109  -0.424  1.00 13.71 ? 118 TYR A O   1 
ATOM   724  C  CB  . TYR A 1 91  ? 13.327  0.265   -1.587  1.00 13.79 ? 118 TYR A CB  1 
ATOM   725  C  CG  . TYR A 1 91  ? 13.029  0.258   -0.109  1.00 13.15 ? 118 TYR A CG  1 
ATOM   726  C  CD1 . TYR A 1 91  ? 13.576  1.210   0.732   1.00 14.30 ? 118 TYR A CD1 1 
ATOM   727  C  CD2 . TYR A 1 91  ? 12.234  -0.716  0.489   1.00 13.56 ? 118 TYR A CD2 1 
ATOM   728  C  CE1 . TYR A 1 91  ? 13.262  1.242   2.074   1.00 14.02 ? 118 TYR A CE1 1 
ATOM   729  C  CE2 . TYR A 1 91  ? 11.957  -0.676  1.813   1.00 13.28 ? 118 TYR A CE2 1 
ATOM   730  C  CZ  . TYR A 1 91  ? 12.455  0.269   2.602   1.00 15.05 ? 118 TYR A CZ  1 
ATOM   731  O  OH  . TYR A 1 91  ? 12.148  0.240   3.935   1.00 18.03 ? 118 TYR A OH  1 
ATOM   732  N  N   . TYR A 1 92  ? 14.112  -2.765  -2.392  1.00 13.16 ? 119 TYR A N   1 
ATOM   733  C  CA  . TYR A 1 92  ? 13.919  -4.125  -1.948  1.00 13.00 ? 119 TYR A CA  1 
ATOM   734  C  C   . TYR A 1 92  ? 15.156  -5.002  -2.174  1.00 13.39 ? 119 TYR A C   1 
ATOM   735  O  O   . TYR A 1 92  ? 15.904  -4.784  -3.117  1.00 13.60 ? 119 TYR A O   1 
ATOM   736  C  CB  . TYR A 1 92  ? 12.747  -4.780  -2.678  1.00 12.82 ? 119 TYR A CB  1 
ATOM   737  C  CG  . TYR A 1 92  ? 11.398  -4.079  -2.419  1.00 12.38 ? 119 TYR A CG  1 
ATOM   738  C  CD1 . TYR A 1 92  ? 10.796  -4.127  -1.176  1.00 12.44 ? 119 TYR A CD1 1 
ATOM   739  C  CD2 . TYR A 1 92  ? 10.738  -3.352  -3.419  1.00 12.61 ? 119 TYR A CD2 1 
ATOM   740  C  CE1 . TYR A 1 92  ? 9.574   -3.568  -0.923  1.00 12.12 ? 119 TYR A CE1 1 
ATOM   741  C  CE2 . TYR A 1 92  ? 9.522   -2.786  -3.151  1.00 12.65 ? 119 TYR A CE2 1 
ATOM   742  C  CZ  . TYR A 1 92  ? 8.960   -2.886  -1.923  1.00 12.89 ? 119 TYR A CZ  1 
ATOM   743  O  OH  . TYR A 1 92  ? 7.707   -2.343  -1.755  1.00 12.96 ? 119 TYR A OH  1 
ATOM   744  N  N   . TRP A 1 93  ? 15.307  -6.001  -1.326  1.00 12.26 ? 120 TRP A N   1 
ATOM   745  C  CA  . TRP A 1 93  ? 16.320  -7.046  -1.459  1.00 13.65 ? 120 TRP A CA  1 
ATOM   746  C  C   . TRP A 1 93  ? 15.825  -8.191  -2.349  1.00 13.96 ? 120 TRP A C   1 
ATOM   747  O  O   . TRP A 1 93  ? 16.628  -8.824  -3.055  1.00 14.27 ? 120 TRP A O   1 
ATOM   748  C  CB  . TRP A 1 93  ? 16.726  -7.567  -0.087  1.00 13.16 ? 120 TRP A CB  1 
ATOM   749  C  CG  . TRP A 1 93  ? 17.715  -8.712  -0.115  1.00 13.85 ? 120 TRP A CG  1 
ATOM   750  C  CD1 . TRP A 1 93  ? 17.434  -10.026 -0.001  1.00 15.22 ? 120 TRP A CD1 1 
ATOM   751  C  CD2 . TRP A 1 93  ? 19.119  -8.604  -0.284  1.00 13.98 ? 120 TRP A CD2 1 
ATOM   752  N  NE1 . TRP A 1 93  ? 18.577  -10.748 -0.061  1.00 15.90 ? 120 TRP A NE1 1 
ATOM   753  C  CE2 . TRP A 1 93  ? 19.631  -9.896  -0.227  1.00 14.26 ? 120 TRP A CE2 1 
ATOM   754  C  CE3 . TRP A 1 93  ? 19.997  -7.530  -0.438  1.00 14.39 ? 120 TRP A CE3 1 
ATOM   755  C  CZ2 . TRP A 1 93  ? 21.000  -10.158 -0.342  1.00 15.86 ? 120 TRP A CZ2 1 
ATOM   756  C  CZ3 . TRP A 1 93  ? 21.379  -7.822  -0.538  1.00 15.42 ? 120 TRP A CZ3 1 
ATOM   757  C  CH2 . TRP A 1 93  ? 21.825  -9.118  -0.474  1.00 15.31 ? 120 TRP A CH2 1 
ATOM   758  N  N   . ASN A 1 94  ? 14.521  -8.506  -2.303  1.00 13.53 ? 121 ASN A N   1 
ATOM   759  C  CA  . ASN A 1 94  ? 13.981  -9.621  -3.079  1.00 14.14 ? 121 ASN A CA  1 
ATOM   760  C  C   . ASN A 1 94  ? 12.523  -9.388  -3.330  1.00 14.86 ? 121 ASN A C   1 
ATOM   761  O  O   . ASN A 1 94  ? 11.925  -8.420  -2.828  1.00 14.06 ? 121 ASN A O   1 
ATOM   762  C  CB  . ASN A 1 94  ? 14.192  -10.950 -2.347  1.00 14.68 ? 121 ASN A CB  1 
ATOM   763  C  CG  . ASN A 1 94  ? 13.544  -11.039 -0.966  1.00 16.88 ? 121 ASN A CG  1 
ATOM   764  O  OD1 . ASN A 1 94  ? 12.614  -10.346 -0.666  1.00 16.39 ? 121 ASN A OD1 1 
ATOM   765  N  ND2 . ASN A 1 94  ? 14.007  -11.996 -0.111  1.00 20.15 ? 121 ASN A ND2 1 
ATOM   766  N  N   . ALA A 1 95  ? 11.928  -10.281 -4.112  1.00 14.98 ? 122 ALA A N   1 
ATOM   767  C  CA  . ALA A 1 95  ? 10.534  -10.136 -4.497  1.00 15.86 ? 122 ALA A CA  1 
ATOM   768  C  C   . ALA A 1 95  ? 9.647   -10.292 -3.296  1.00 15.08 ? 122 ALA A C   1 
ATOM   769  O  O   . ALA A 1 95  ? 8.598   -9.605  -3.203  1.00 14.20 ? 122 ALA A O   1 
ATOM   770  C  CB  . ALA A 1 95  ? 10.218  -11.146 -5.612  1.00 17.02 ? 122 ALA A CB  1 
ATOM   771  N  N   . GLN A 1 96  ? 9.992   -11.122 -2.328  1.00 14.16 ? 123 GLN A N   1 
ATOM   772  C  CA  . GLN A 1 96  ? 9.172   -11.378 -1.171  1.00 14.76 ? 123 GLN A CA  1 
ATOM   773  C  C   . GLN A 1 96  ? 8.926   -10.110 -0.431  1.00 13.94 ? 123 GLN A C   1 
ATOM   774  O  O   . GLN A 1 96  ? 7.813   -9.860  0.019   1.00 14.13 ? 123 GLN A O   1 
ATOM   775  C  CB  . GLN A 1 96  ? 9.840   -12.379 -0.161  1.00 16.61 ? 123 GLN A CB  1 
ATOM   776  C  CG  . GLN A 1 96  ? 8.949   -12.910 0.974   1.00 18.66 ? 123 GLN A CG  1 
ATOM   777  C  CD  . GLN A 1 96  ? 8.697   -11.975 2.171   1.00 22.04 ? 123 GLN A CD  1 
ATOM   778  O  OE1 . GLN A 1 96  ? 9.593   -11.275 2.673   1.00 27.31 ? 123 GLN A OE1 1 
ATOM   779  N  NE2 . GLN A 1 96  ? 7.438   -11.974 2.649   1.00 24.19 ? 123 GLN A NE2 1 
ATOM   780  N  N   . GLU A 1 97  ? 9.930   -9.250  -0.255  1.00 14.25 ? 124 GLU A N   1 
ATOM   781  C  CA  . GLU A 1 97  ? 9.702   -8.034  0.511   1.00 13.99 ? 124 GLU A CA  1 
ATOM   782  C  C   . GLU A 1 97  ? 8.670   -7.137  -0.165  1.00 13.08 ? 124 GLU A C   1 
ATOM   783  O  O   . GLU A 1 97  ? 7.831   -6.544  0.515   1.00 13.95 ? 124 GLU A O   1 
ATOM   784  C  CB  . GLU A 1 97  ? 10.964  -7.207  0.682   1.00 14.52 ? 124 GLU A CB  1 
ATOM   785  C  CG  . GLU A 1 97  ? 12.042  -7.880  1.521   1.00 15.29 ? 124 GLU A CG  1 
ATOM   786  C  CD  . GLU A 1 97  ? 13.269  -7.030  1.699   1.00 15.49 ? 124 GLU A CD  1 
ATOM   787  O  OE1 . GLU A 1 97  ? 13.512  -6.140  0.878   1.00 13.39 ? 124 GLU A OE1 1 
ATOM   788  O  OE2 . GLU A 1 97  ? 13.989  -7.304  2.698   1.00 17.79 ? 124 GLU A OE2 1 
ATOM   789  N  N   . CYS A 1 98  ? 8.700   -7.064  -1.497  1.00 11.66 ? 125 CYS A N   1 
ATOM   790  C  CA  . CYS A 1 98  ? 7.710   -6.252  -2.221  1.00 12.30 ? 125 CYS A CA  1 
ATOM   791  C  C   . CYS A 1 98  ? 6.305   -6.873  -2.188  1.00 12.26 ? 125 CYS A C   1 
ATOM   792  O  O   . CYS A 1 98  ? 5.310   -6.202  -1.924  1.00 12.95 ? 125 CYS A O   1 
ATOM   793  C  CB  . CYS A 1 98  ? 8.172   -6.079  -3.657  1.00 13.02 ? 125 CYS A CB  1 
ATOM   794  S  SG  . CYS A 1 98  ? 6.991   -5.227  -4.741  1.00 14.55 ? 125 CYS A SG  1 
ATOM   795  N  N   . ILE A 1 99  ? 6.229   -8.175  -2.394  1.00 12.50 ? 126 ILE A N   1 
ATOM   796  C  CA  . ILE A 1 99  ? 4.953   -8.884  -2.317  1.00 12.70 ? 126 ILE A CA  1 
ATOM   797  C  C   . ILE A 1 99  ? 4.344   -8.748  -0.944  1.00 13.54 ? 126 ILE A C   1 
ATOM   798  O  O   . ILE A 1 99  ? 3.120   -8.564  -0.823  1.00 13.50 ? 126 ILE A O   1 
ATOM   799  C  CB  . ILE A 1 99  ? 5.177   -10.388 -2.669  1.00 13.57 ? 126 ILE A CB  1 
ATOM   800  C  CG1 . ILE A 1 99  ? 5.430   -10.470 -4.171  1.00 13.97 ? 126 ILE A CG1 1 
ATOM   801  C  CG2 . ILE A 1 99  ? 3.993   -11.264 -2.332  1.00 14.87 ? 126 ILE A CG2 1 
ATOM   802  C  CD1 . ILE A 1 99  ? 5.986   -11.795 -4.660  1.00 14.62 ? 126 ILE A CD1 1 
ATOM   803  N  N   . GLN A 1 100 ? 5.147   -8.805  0.104   1.00 12.60 ? 127 GLN A N   1 
ATOM   804  C  CA  . GLN A 1 100 ? 4.613   -8.632  1.447   1.00 13.79 ? 127 GLN A CA  1 
ATOM   805  C  C   . GLN A 1 100 ? 3.993   -7.234  1.596   1.00 13.51 ? 127 GLN A C   1 
ATOM   806  O  O   . GLN A 1 100 ? 2.998   -7.048  2.327   1.00 14.40 ? 127 GLN A O   1 
ATOM   807  C  CB  . GLN A 1 100 ? 5.708   -8.828  2.512   1.00 16.98 ? 127 GLN A CB  1 
ATOM   808  C  CG  . GLN A 1 100 ? 5.154   -8.705  3.954   1.00 23.61 ? 127 GLN A CG  1 
ATOM   809  C  CD  . GLN A 1 100 ? 6.012   -9.327  5.075   1.00 33.40 ? 127 GLN A CD  1 
ATOM   810  O  OE1 . GLN A 1 100 ? 5.632   -9.289  6.273   1.00 44.16 ? 127 GLN A OE1 1 
ATOM   811  N  NE2 . GLN A 1 100 ? 7.155   -9.892  4.721   1.00 36.67 ? 127 GLN A NE2 1 
ATOM   812  N  N   . ASP A 1 101 ? 4.586   -6.215  0.957   1.00 12.49 ? 128 ASP A N   1 
ATOM   813  C  CA  . ASP A 1 101 ? 3.985   -4.909  0.995   1.00 12.99 ? 128 ASP A CA  1 
ATOM   814  C  C   . ASP A 1 101 ? 2.603   -4.916  0.362   1.00 12.58 ? 128 ASP A C   1 
ATOM   815  O  O   . ASP A 1 101 ? 1.656   -4.327  0.886   1.00 11.76 ? 128 ASP A O   1 
ATOM   816  C  CB  . ASP A 1 101 ? 4.883   -3.817  0.369   1.00 12.91 ? 128 ASP A CB  1 
ATOM   817  C  CG  . ASP A 1 101 ? 6.029   -3.381  1.271   1.00 14.41 ? 128 ASP A CG  1 
ATOM   818  O  OD1 . ASP A 1 101 ? 6.015   -3.651  2.518   1.00 14.77 ? 128 ASP A OD1 1 
ATOM   819  O  OD2 . ASP A 1 101 ? 6.941   -2.741  0.683   1.00 14.43 ? 128 ASP A OD2 1 
ATOM   820  N  N   . PHE A 1 102 ? 2.449   -5.561  -0.780  1.00 12.24 ? 129 PHE A N   1 
ATOM   821  C  CA  . PHE A 1 102 ? 1.110   -5.647  -1.402  1.00 12.24 ? 129 PHE A CA  1 
ATOM   822  C  C   . PHE A 1 102 ? 0.165   -6.402  -0.481  1.00 12.48 ? 129 PHE A C   1 
ATOM   823  O  O   . PHE A 1 102 ? -0.969  -5.954  -0.269  1.00 12.24 ? 129 PHE A O   1 
ATOM   824  C  CB  . PHE A 1 102 ? 1.223   -6.412  -2.743  1.00 12.52 ? 129 PHE A CB  1 
ATOM   825  C  CG  . PHE A 1 102 ? 1.620   -5.557  -3.904  1.00 12.87 ? 129 PHE A CG  1 
ATOM   826  C  CD1 . PHE A 1 102 ? 0.703   -4.747  -4.584  1.00 13.67 ? 129 PHE A CD1 1 
ATOM   827  C  CD2 . PHE A 1 102 ? 2.907   -5.609  -4.412  1.00 14.03 ? 129 PHE A CD2 1 
ATOM   828  C  CE1 . PHE A 1 102 ? 1.068   -3.968  -5.700  1.00 15.42 ? 129 PHE A CE1 1 
ATOM   829  C  CE2 . PHE A 1 102 ? 3.272   -4.862  -5.510  1.00 14.40 ? 129 PHE A CE2 1 
ATOM   830  C  CZ  . PHE A 1 102 ? 2.353   -4.060  -6.196  1.00 15.02 ? 129 PHE A CZ  1 
ATOM   831  N  N   . ASN A 1 103 ? 0.616   -7.508  0.121   1.00 12.44 ? 130 ASN A N   1 
ATOM   832  C  CA  . ASN A 1 103 ? -0.245  -8.293  0.980   1.00 13.39 ? 130 ASN A CA  1 
ATOM   833  C  C   . ASN A 1 103 ? -0.695  -7.448  2.185   1.00 13.15 ? 130 ASN A C   1 
ATOM   834  O  O   . ASN A 1 103 ? -1.854  -7.538  2.601   1.00 14.52 ? 130 ASN A O   1 
ATOM   835  C  CB  . ASN A 1 103 ? 0.453   -9.520  1.520   1.00 15.71 ? 130 ASN A CB  1 
ATOM   836  C  CG  . ASN A 1 103 ? 0.818   -10.511 0.482   1.00 18.28 ? 130 ASN A CG  1 
ATOM   837  O  OD1 . ASN A 1 103 ? 0.238   -10.537 -0.566  1.00 19.71 ? 130 ASN A OD1 1 
ATOM   838  N  ND2 . ASN A 1 103 ? 1.771   -11.367 0.811   1.00 21.39 ? 130 ASN A ND2 1 
ATOM   839  N  N   . THR A 1 104 ? 0.209   -6.647  2.751   1.00 12.23 ? 131 THR A N   1 
ATOM   840  C  CA  . THR A 1 104 ? -0.152  -5.740  3.850   1.00 13.08 ? 131 THR A CA  1 
ATOM   841  C  C   . THR A 1 104 ? -1.224  -4.741  3.421   1.00 11.86 ? 131 THR A C   1 
ATOM   842  O  O   . THR A 1 104 ? -2.191  -4.539  4.158   1.00 12.97 ? 131 THR A O   1 
ATOM   843  C  CB  . THR A 1 104 ? 1.106   -5.022  4.327   1.00 13.73 ? 131 THR A CB  1 
ATOM   844  O  OG1 . THR A 1 104 ? 2.094   -5.954  4.788   1.00 14.11 ? 131 THR A OG1 1 
ATOM   845  C  CG2 . THR A 1 104 ? 0.853   -4.034  5.437   1.00 14.12 ? 131 THR A CG2 1 
ATOM   846  N  N   . MET A 1 105 ? -1.037  -4.137  2.249   1.00 11.23 ? 132 MET A N   1 
ATOM   847  C  CA  . MET A 1 105 ? -2.027  -3.226  1.744   1.00 11.99 ? 132 MET A CA  1 
ATOM   848  C  C   . MET A 1 105 ? -3.384  -3.857  1.658   1.00 12.41 ? 132 MET A C   1 
ATOM   849  O  O   . MET A 1 105 ? -4.386  -3.309  2.139   1.00 13.12 ? 132 MET A O   1 
ATOM   850  C  CB  . MET A 1 105 ? -1.581  -2.700  0.353   1.00 12.78 ? 132 MET A CB  1 
ATOM   851  C  CG  . MET A 1 105 ? -2.577  -1.732  -0.265  1.00 13.42 ? 132 MET A CG  1 
ATOM   852  S  SD  . MET A 1 105 ? -2.025  -1.229  -1.894  1.00 14.32 ? 132 MET A SD  1 
ATOM   853  C  CE  . MET A 1 105 ? -2.527  -2.659  -2.827  1.00 17.98 ? 132 MET A CE  1 
ATOM   854  N  N   . PHE A 1 106 ? -3.487  -5.033  1.052   1.00 12.82 ? 133 PHE A N   1 
ATOM   855  C  CA  . PHE A 1 106 ? -4.800  -5.674  0.903   1.00 12.87 ? 133 PHE A CA  1 
ATOM   856  C  C   . PHE A 1 106 ? -5.386  -6.071  2.268   1.00 12.87 ? 133 PHE A C   1 
ATOM   857  O  O   . PHE A 1 106 ? -6.572  -5.833  2.506   1.00 13.70 ? 133 PHE A O   1 
ATOM   858  C  CB  . PHE A 1 106 ? -4.666  -6.917  0.016   1.00 13.59 ? 133 PHE A CB  1 
ATOM   859  C  CG  . PHE A 1 106 ? -4.405  -6.598  -1.435  1.00 14.48 ? 133 PHE A CG  1 
ATOM   860  C  CD1 . PHE A 1 106 ? -5.225  -5.736  -2.126  1.00 17.09 ? 133 PHE A CD1 1 
ATOM   861  C  CD2 . PHE A 1 106 ? -3.288  -7.095  -2.107  1.00 16.47 ? 133 PHE A CD2 1 
ATOM   862  C  CE1 . PHE A 1 106 ? -4.968  -5.383  -3.461  1.00 18.12 ? 133 PHE A CE1 1 
ATOM   863  C  CE2 . PHE A 1 106 ? -3.052  -6.788  -3.459  1.00 15.92 ? 133 PHE A CE2 1 
ATOM   864  C  CZ  . PHE A 1 106 ? -3.909  -5.938  -4.151  1.00 17.67 ? 133 PHE A CZ  1 
ATOM   865  N  N   . THR A 1 107 ? -4.571  -6.679  3.117   1.00 13.48 ? 134 THR A N   1 
ATOM   866  C  CA  . THR A 1 107 ? -4.993  -7.086  4.445   1.00 15.19 ? 134 THR A CA  1 
ATOM   867  C  C   . THR A 1 107 ? -5.494  -5.896  5.227   1.00 13.95 ? 134 THR A C   1 
ATOM   868  O  O   . THR A 1 107 ? -6.567  -5.979  5.883   1.00 15.02 ? 134 THR A O   1 
ATOM   869  C  CB  . THR A 1 107 ? -3.877  -7.807  5.204   1.00 17.94 ? 134 THR A CB  1 
ATOM   870  O  OG1 . THR A 1 107 ? -3.684  -9.071  4.558   1.00 20.75 ? 134 THR A OG1 1 
ATOM   871  C  CG2 . THR A 1 107 ? -4.179  -7.976  6.740   1.00 19.12 ? 134 THR A CG2 1 
ATOM   872  N  N   . ASN A 1 108 ? -4.817  -4.746  5.180   1.00 13.28 ? 135 ASN A N   1 
ATOM   873  C  CA  . ASN A 1 108 ? -5.322  -3.574  5.869   1.00 13.49 ? 135 ASN A CA  1 
ATOM   874  C  C   . ASN A 1 108 ? -6.750  -3.251  5.452   1.00 13.50 ? 135 ASN A C   1 
ATOM   875  O  O   . ASN A 1 108 ? -7.609  -2.854  6.262   1.00 14.13 ? 135 ASN A O   1 
ATOM   876  C  CB  . ASN A 1 108 ? -4.431  -2.360  5.610   1.00 12.89 ? 135 ASN A CB  1 
ATOM   877  C  CG  . ASN A 1 108 ? -3.069  -2.451  6.255   1.00 12.84 ? 135 ASN A CG  1 
ATOM   878  O  OD1 . ASN A 1 108 ? -2.841  -3.267  7.165   1.00 15.04 ? 135 ASN A OD1 1 
ATOM   879  N  ND2 . ASN A 1 108 ? -2.130  -1.604  5.724   1.00 13.83 ? 135 ASN A ND2 1 
ATOM   880  N  N   . CYS A 1 109 ? -7.012  -3.352  4.145   1.00 12.95 ? 136 CYS A N   1 
ATOM   881  C  CA  . CYS A 1 109 ? -8.312  -2.988  3.607   1.00 13.57 ? 136 CYS A CA  1 
ATOM   882  C  C   . CYS A 1 109 ? -9.397  -3.950  4.153   1.00 13.68 ? 136 CYS A C   1 
ATOM   883  O  O   . CYS A 1 109 ? -10.456 -3.558  4.570   1.00 14.60 ? 136 CYS A O   1 
ATOM   884  C  CB  . CYS A 1 109 ? -8.202  -3.006  2.075   1.00 14.67 ? 136 CYS A CB  1 
ATOM   885  S  SG  . CYS A 1 109 ? -9.744  -2.495  1.336   1.00 16.77 ? 136 CYS A SG  1 
ATOM   886  N  N   . TYR A 1 110 ? -9.047  -5.221  4.208   1.00 14.23 ? 137 TYR A N   1 
ATOM   887  C  CA  . TYR A 1 110 ? -10.028 -6.195  4.687   1.00 14.62 ? 137 TYR A CA  1 
ATOM   888  C  C   . TYR A 1 110 ? -10.218 -6.073  6.168   1.00 17.38 ? 137 TYR A C   1 
ATOM   889  O  O   . TYR A 1 110 ? -11.364 -6.302  6.635   1.00 17.99 ? 137 TYR A O   1 
ATOM   890  C  CB  . TYR A 1 110 ? -9.652  -7.615  4.292   1.00 14.37 ? 137 TYR A CB  1 
ATOM   891  C  CG  . TYR A 1 110 ? -9.419  -7.788  2.791   1.00 14.91 ? 137 TYR A CG  1 
ATOM   892  C  CD1 . TYR A 1 110 ? -10.238 -7.169  1.869   1.00 17.11 ? 137 TYR A CD1 1 
ATOM   893  C  CD2 . TYR A 1 110 ? -8.342  -8.510  2.312   1.00 14.53 ? 137 TYR A CD2 1 
ATOM   894  C  CE1 . TYR A 1 110 ? -9.996  -7.300  0.515   1.00 17.43 ? 137 TYR A CE1 1 
ATOM   895  C  CE2 . TYR A 1 110 ? -8.072  -8.658  0.978   1.00 16.05 ? 137 TYR A CE2 1 
ATOM   896  C  CZ  . TYR A 1 110 ? -8.927  -8.033  0.061   1.00 17.66 ? 137 TYR A CZ  1 
ATOM   897  O  OH  . TYR A 1 110 ? -8.682  -8.125  -1.289  1.00 20.73 ? 137 TYR A OH  1 
ATOM   898  N  N   . ILE A 1 111 ? -9.184  -5.684  6.928   1.00 15.42 ? 138 ILE A N   1 
ATOM   899  C  CA  . ILE A 1 111 ? -9.383  -5.424  8.371   1.00 16.33 ? 138 ILE A CA  1 
ATOM   900  C  C   . ILE A 1 111 ? -10.289 -4.236  8.620   1.00 17.41 ? 138 ILE A C   1 
ATOM   901  O  O   . ILE A 1 111 ? -11.161 -4.233  9.496   1.00 17.56 ? 138 ILE A O   1 
ATOM   902  C  CB  . ILE A 1 111 ? -8.027  -5.198  9.052   1.00 19.06 ? 138 ILE A CB  1 
ATOM   903  C  CG1 . ILE A 1 111 ? -7.226  -6.481  9.111   1.00 19.39 ? 138 ILE A CG1 1 
ATOM   904  C  CG2 . ILE A 1 111 ? -8.192  -4.715  10.502  1.00 19.29 ? 138 ILE A CG2 1 
ATOM   905  C  CD1 . ILE A 1 111 ? -5.775  -6.309  9.572   1.00 22.25 ? 138 ILE A CD1 1 
ATOM   906  N  N   . TYR A 1 112 ? -9.987  -3.112  7.975   1.00 15.26 ? 139 TYR A N   1 
ATOM   907  C  CA  . TYR A 1 112 ? -10.586 -1.855  8.278   1.00 15.19 ? 139 TYR A CA  1 
ATOM   908  C  C   . TYR A 1 112 ? -12.058 -1.765  7.866   1.00 15.20 ? 139 TYR A C   1 
ATOM   909  O  O   . TYR A 1 112 ? -12.879 -1.058  8.543   1.00 17.15 ? 139 TYR A O   1 
ATOM   910  C  CB  . TYR A 1 112 ? -9.769  -0.669  7.708   1.00 14.63 ? 139 TYR A CB  1 
ATOM   911  C  CG  . TYR A 1 112 ? -10.362 0.664   8.030   1.00 14.33 ? 139 TYR A CG  1 
ATOM   912  C  CD1 . TYR A 1 112 ? -10.302 1.186   9.327   1.00 14.13 ? 139 TYR A CD1 1 
ATOM   913  C  CD2 . TYR A 1 112 ? -11.048 1.401   7.079   1.00 14.84 ? 139 TYR A CD2 1 
ATOM   914  C  CE1 . TYR A 1 112 ? -10.913 2.372   9.643   1.00 15.29 ? 139 TYR A CE1 1 
ATOM   915  C  CE2 . TYR A 1 112 ? -11.629 2.622   7.365   1.00 15.97 ? 139 TYR A CE2 1 
ATOM   916  C  CZ  . TYR A 1 112 ? -11.568 3.091   8.701   1.00 14.78 ? 139 TYR A CZ  1 
ATOM   917  O  OH  . TYR A 1 112 ? -12.224 4.288   8.989   1.00 17.55 ? 139 TYR A OH  1 
ATOM   918  N  N   . ASN A 1 113 ? -12.441 -2.404  6.759   1.00 15.65 ? 140 ASN A N   1 
ATOM   919  C  CA  . ASN A 1 113 ? -13.746 -2.140  6.142   1.00 16.55 ? 140 ASN A CA  1 
ATOM   920  C  C   . ASN A 1 113 ? -14.574 -3.403  6.320   1.00 21.78 ? 140 ASN A C   1 
ATOM   921  O  O   . ASN A 1 113 ? -14.124 -4.376  6.917   1.00 23.95 ? 140 ASN A O   1 
ATOM   922  C  CB  . ASN A 1 113 ? -13.542 -1.791  4.633   1.00 16.33 ? 140 ASN A CB  1 
ATOM   923  C  CG  . ASN A 1 113 ? -12.592 -0.619  4.439   1.00 15.14 ? 140 ASN A CG  1 
ATOM   924  O  OD1 . ASN A 1 113 ? -12.980 0.566   4.489   1.00 15.39 ? 140 ASN A OD1 1 
ATOM   925  N  ND2 . ASN A 1 113 ? -11.334 -0.957  4.134   1.00 14.27 ? 140 ASN A ND2 1 
ATOM   926  N  N   . LYS A 1 114 ? -15.789 -3.395  5.805   1.00 26.52 ? 141 LYS A N   1 
ATOM   927  C  CA  . LYS A 1 114 ? -16.698 -4.560  5.937   1.00 31.37 ? 141 LYS A CA  1 
ATOM   928  C  C   . LYS A 1 114 ? -16.860 -5.254  4.598   1.00 29.35 ? 141 LYS A C   1 
ATOM   929  O  O   . LYS A 1 114 ? -16.852 -4.576  3.583   1.00 24.12 ? 141 LYS A O   1 
ATOM   930  C  CB  . LYS A 1 114 ? -18.053 -4.079  6.429   1.00 36.55 ? 141 LYS A CB  1 
ATOM   931  C  CG  . LYS A 1 114 ? -17.994 -3.440  7.809   1.00 41.36 ? 141 LYS A CG  1 
ATOM   932  C  CD  . LYS A 1 114 ? -18.058 -1.919  7.738   1.00 44.91 ? 141 LYS A CD  1 
ATOM   933  C  CE  . LYS A 1 114 ? -17.471 -1.248  8.977   1.00 47.78 ? 141 LYS A CE  1 
ATOM   934  N  NZ  . LYS A 1 114 ? -17.496 0.238   8.836   1.00 51.34 ? 141 LYS A NZ  1 
ATOM   935  N  N   . PRO A 1 115 ? -17.037 -6.605  4.582   1.00 28.47 ? 142 PRO A N   1 
ATOM   936  C  CA  . PRO A 1 115 ? -17.301 -7.243  3.282   1.00 29.60 ? 142 PRO A CA  1 
ATOM   937  C  C   . PRO A 1 115 ? -18.482 -6.600  2.554   1.00 30.12 ? 142 PRO A C   1 
ATOM   938  O  O   . PRO A 1 115 ? -19.433 -6.167  3.191   1.00 31.29 ? 142 PRO A O   1 
ATOM   939  C  CB  . PRO A 1 115 ? -17.610 -8.710  3.647   1.00 32.00 ? 142 PRO A CB  1 
ATOM   940  C  CG  . PRO A 1 115 ? -16.997 -8.915  4.996   1.00 29.49 ? 142 PRO A CG  1 
ATOM   941  C  CD  . PRO A 1 115 ? -16.958 -7.584  5.689   1.00 29.95 ? 142 PRO A CD  1 
ATOM   942  N  N   . GLY A 1 116 ? -18.383 -6.489  1.243   1.00 27.77 ? 143 GLY A N   1 
ATOM   943  C  CA  . GLY A 1 116 ? -19.379 -5.770  0.442   1.00 27.41 ? 143 GLY A CA  1 
ATOM   944  C  C   . GLY A 1 116 ? -19.252 -4.266  0.313   1.00 26.10 ? 143 GLY A C   1 
ATOM   945  O  O   . GLY A 1 116 ? -19.881 -3.676  -0.579  1.00 26.95 ? 143 GLY A O   1 
ATOM   946  N  N   . ASP A 1 117 ? -18.468 -3.612  1.182   1.00 22.51 ? 144 ASP A N   1 
ATOM   947  C  CA  . ASP A 1 117 ? -18.186 -2.193  1.001   1.00 20.01 ? 144 ASP A CA  1 
ATOM   948  C  C   . ASP A 1 117 ? -17.551 -2.000  -0.398  1.00 17.89 ? 144 ASP A C   1 
ATOM   949  O  O   . ASP A 1 117 ? -16.798 -2.871  -0.849  1.00 18.09 ? 144 ASP A O   1 
ATOM   950  C  CB  . ASP A 1 117 ? -17.155 -1.699  2.035   1.00 22.96 ? 144 ASP A CB  1 
ATOM   951  C  CG  . ASP A 1 117 ? -17.753 -1.451  3.398   1.00 25.95 ? 144 ASP A CG  1 
ATOM   952  O  OD1 . ASP A 1 117 ? -19.008 -1.465  3.495   1.00 27.52 ? 144 ASP A OD1 1 
ATOM   953  O  OD2 . ASP A 1 117 ? -16.980 -1.188  4.365   1.00 27.22 ? 144 ASP A OD2 1 
ATOM   954  N  N   . ASP A 1 118 ? -17.796 -0.850  -1.028  1.00 16.67 ? 145 ASP A N   1 
ATOM   955  C  CA  . ASP A 1 118 ? -17.186 -0.546  -2.312  1.00 16.01 ? 145 ASP A CA  1 
ATOM   956  C  C   . ASP A 1 118 ? -15.649 -0.699  -2.268  1.00 14.33 ? 145 ASP A C   1 
ATOM   957  O  O   . ASP A 1 118 ? -15.033 -1.232  -3.212  1.00 14.80 ? 145 ASP A O   1 
ATOM   958  C  CB  . ASP A 1 118 ? -17.507 0.886   -2.745  1.00 17.40 ? 145 ASP A CB  1 
ATOM   959  C  CG  . ASP A 1 118 ? -18.817 1.016   -3.453  1.00 19.61 ? 145 ASP A CG  1 
ATOM   960  O  OD1 . ASP A 1 118 ? -19.367 0.012   -3.908  1.00 22.08 ? 145 ASP A OD1 1 
ATOM   961  O  OD2 . ASP A 1 118 ? -19.277 2.191   -3.583  1.00 21.63 ? 145 ASP A OD2 1 
ATOM   962  N  N   A ILE A 1 119 ? -15.017 -0.224  -1.205  0.50 14.05 ? 146 ILE A N   1 
ATOM   963  N  N   B ILE A 1 119 ? -15.026 -0.196  -1.198  0.50 14.51 ? 146 ILE A N   1 
ATOM   964  C  CA  A ILE A 1 119 ? -13.566 -0.296  -1.156  0.50 12.83 ? 146 ILE A CA  1 
ATOM   965  C  CA  B ILE A 1 119 ? -13.569 -0.281  -1.078  0.50 13.58 ? 146 ILE A CA  1 
ATOM   966  C  C   A ILE A 1 119 ? -13.072 -1.750  -1.078  0.50 13.83 ? 146 ILE A C   1 
ATOM   967  C  C   B ILE A 1 119 ? -13.086 -1.738  -1.079  0.50 14.33 ? 146 ILE A C   1 
ATOM   968  O  O   A ILE A 1 119 ? -12.010 -2.067  -1.595  0.50 13.12 ? 146 ILE A O   1 
ATOM   969  O  O   B ILE A 1 119 ? -12.039 -2.042  -1.634  0.50 13.83 ? 146 ILE A O   1 
ATOM   970  C  CB  A ILE A 1 119 ? -13.062 0.555   0.007   0.50 12.33 ? 146 ILE A CB  1 
ATOM   971  C  CB  B ILE A 1 119 ? -13.072 0.433   0.196   0.50 13.50 ? 146 ILE A CB  1 
ATOM   972  C  CG1 A ILE A 1 119 ? -11.580 0.859   -0.130  0.50 13.07 ? 146 ILE A CG1 1 
ATOM   973  C  CG1 B ILE A 1 119 ? -13.155 1.955   0.047   0.50 14.54 ? 146 ILE A CG1 1 
ATOM   974  C  CG2 A ILE A 1 119 ? -13.393 -0.104  1.333   0.50 12.31 ? 146 ILE A CG2 1 
ATOM   975  C  CG2 B ILE A 1 119 ? -11.653 0.013   0.514   0.50 13.64 ? 146 ILE A CG2 1 
ATOM   976  C  CD1 A ILE A 1 119 ? -11.236 1.877   -1.191  0.50 13.60 ? 146 ILE A CD1 1 
ATOM   977  C  CD1 B ILE A 1 119 ? -12.098 2.516   -0.886  0.50 14.80 ? 146 ILE A CD1 1 
ATOM   978  N  N   . VAL A 1 120 ? -13.837 -2.631  -0.441  1.00 14.06 ? 147 VAL A N   1 
ATOM   979  C  CA  . VAL A 1 120 ? -13.511 -4.023  -0.381  1.00 15.06 ? 147 VAL A CA  1 
ATOM   980  C  C   . VAL A 1 120 ? -13.698 -4.682  -1.759  1.00 15.29 ? 147 VAL A C   1 
ATOM   981  O  O   . VAL A 1 120 ? -12.833 -5.475  -2.166  1.00 15.76 ? 147 VAL A O   1 
ATOM   982  C  CB  . VAL A 1 120 ? -14.307 -4.741  0.744   1.00 15.72 ? 147 VAL A CB  1 
ATOM   983  C  CG1 . VAL A 1 120 ? -14.018 -6.237  0.712   1.00 16.93 ? 147 VAL A CG1 1 
ATOM   984  C  CG2 . VAL A 1 120 ? -13.869 -4.170  2.094   1.00 17.15 ? 147 VAL A CG2 1 
ATOM   985  N  N   . LEU A 1 121 ? -14.754 -4.317  -2.483  1.00 15.12 ? 148 LEU A N   1 
ATOM   986  C  CA  . LEU A 1 121 ? -14.922 -4.801  -3.861  1.00 16.97 ? 148 LEU A CA  1 
ATOM   987  C  C   . LEU A 1 121 ? -13.742 -4.410  -4.715  1.00 15.54 ? 148 LEU A C   1 
ATOM   988  O  O   . LEU A 1 121 ? -13.226 -5.221  -5.497  1.00 15.29 ? 148 LEU A O   1 
ATOM   989  C  CB  . LEU A 1 121 ? -16.233 -4.292  -4.495  1.00 18.21 ? 148 LEU A CB  1 
ATOM   990  C  CG  . LEU A 1 121 ? -17.548 -4.713  -3.811  1.00 21.67 ? 148 LEU A CG  1 
ATOM   991  C  CD1 . LEU A 1 121 ? -18.708 -3.998  -4.499  1.00 22.79 ? 148 LEU A CD1 1 
ATOM   992  C  CD2 . LEU A 1 121 ? -17.734 -6.228  -3.744  1.00 24.69 ? 148 LEU A CD2 1 
ATOM   993  N  N   . MET A 1 122 ? -13.241 -3.189  -4.531  1.00 14.13 ? 149 MET A N   1 
ATOM   994  C  CA  . MET A 1 122 ? -12.073 -2.731  -5.245  1.00 14.65 ? 149 MET A CA  1 
ATOM   995  C  C   . MET A 1 122 ? -10.833 -3.534  -4.916  1.00 15.68 ? 149 MET A C   1 
ATOM   996  O  O   . MET A 1 122 ? -10.088 -3.951  -5.798  1.00 15.15 ? 149 MET A O   1 
ATOM   997  C  CB  . MET A 1 122 ? -11.853 -1.252  -4.972  1.00 14.46 ? 149 MET A CB  1 
ATOM   998  C  CG  . MET A 1 122 ? -12.979 -0.404  -5.512  1.00 13.75 ? 149 MET A CG  1 
ATOM   999  S  SD  . MET A 1 122 ? -13.006 1.291   -4.842  1.00 16.04 ? 149 MET A SD  1 
ATOM   1000 C  CE  . MET A 1 122 ? -12.101 2.120   -6.116  1.00 15.19 ? 149 MET A CE  1 
ATOM   1001 N  N   . ALA A 1 123 ? -10.608 -3.709  -3.613  1.00 14.24 ? 150 ALA A N   1 
ATOM   1002 C  CA  . ALA A 1 123 ? -9.408  -4.458  -3.198  1.00 14.48 ? 150 ALA A CA  1 
ATOM   1003 C  C   . ALA A 1 123 ? -9.478  -5.871  -3.706  1.00 15.40 ? 150 ALA A C   1 
ATOM   1004 O  O   . ALA A 1 123 ? -8.449  -6.373  -4.176  1.00 16.16 ? 150 ALA A O   1 
ATOM   1005 C  CB  . ALA A 1 123 ? -9.280  -4.448  -1.666  1.00 15.58 ? 150 ALA A CB  1 
ATOM   1006 N  N   . GLU A 1 124 ? -10.649 -6.489  -3.665  1.00 15.44 ? 151 GLU A N   1 
ATOM   1007 C  CA  . GLU A 1 124 ? -10.825 -7.883  -4.133  1.00 16.84 ? 151 GLU A CA  1 
ATOM   1008 C  C   . GLU A 1 124 ? -10.459 -7.968  -5.602  1.00 17.52 ? 151 GLU A C   1 
ATOM   1009 O  O   . GLU A 1 124 ? -9.738  -8.893  -6.009  1.00 17.23 ? 151 GLU A O   1 
ATOM   1010 C  CB  . GLU A 1 124 ? -12.234 -8.474  -3.914  1.00 18.70 ? 151 GLU A CB  1 
ATOM   1011 C  CG  . GLU A 1 124 ? -12.636 -8.665  -2.459  1.00 22.15 ? 151 GLU A CG  1 
ATOM   1012 C  CD  . GLU A 1 124 ? -14.039 -9.230  -2.273  1.00 25.29 ? 151 GLU A CD  1 
ATOM   1013 O  OE1 . GLU A 1 124 ? -14.722 -9.592  -3.247  1.00 33.47 ? 151 GLU A OE1 1 
ATOM   1014 O  OE2 . GLU A 1 124 ? -14.446 -9.380  -1.102  1.00 31.60 ? 151 GLU A OE2 1 
ATOM   1015 N  N   . ALA A 1 125 ? -10.877 -7.006  -6.412  1.00 16.06 ? 152 ALA A N   1 
ATOM   1016 C  CA  . ALA A 1 125 ? -10.568 -7.068  -7.840  1.00 16.18 ? 152 ALA A CA  1 
ATOM   1017 C  C   . ALA A 1 125 ? -9.114  -6.862  -8.050  1.00 15.41 ? 152 ALA A C   1 
ATOM   1018 O  O   . ALA A 1 125 ? -8.523  -7.526  -8.876  1.00 16.86 ? 152 ALA A O   1 
ATOM   1019 C  CB  . ALA A 1 125 ? -11.385 -6.036  -8.636  1.00 16.88 ? 152 ALA A CB  1 
ATOM   1020 N  N   . LEU A 1 126 ? -8.506  -5.908  -7.344  1.00 15.01 ? 153 LEU A N   1 
ATOM   1021 C  CA  . LEU A 1 126 ? -7.086  -5.660  -7.530  1.00 14.51 ? 153 LEU A CA  1 
ATOM   1022 C  C   . LEU A 1 126 ? -6.258  -6.853  -7.053  1.00 15.98 ? 153 LEU A C   1 
ATOM   1023 O  O   . LEU A 1 126 ? -5.247  -7.171  -7.708  1.00 15.36 ? 153 LEU A O   1 
ATOM   1024 C  CB  . LEU A 1 126 ? -6.639  -4.392  -6.787  1.00 14.11 ? 153 LEU A CB  1 
ATOM   1025 C  CG  . LEU A 1 126 ? -7.190  -3.063  -7.314  1.00 14.90 ? 153 LEU A CG  1 
ATOM   1026 C  CD1 . LEU A 1 126 ? -6.815  -1.991  -6.303  1.00 16.76 ? 153 LEU A CD1 1 
ATOM   1027 C  CD2 . LEU A 1 126 ? -6.626  -2.718  -8.670  1.00 16.35 ? 153 LEU A CD2 1 
ATOM   1028 N  N   . GLU A 1 127 ? -6.720  -7.490  -5.976  1.00 16.04 ? 154 GLU A N   1 
ATOM   1029 C  CA  . GLU A 1 127 ? -6.012  -8.655  -5.435  1.00 17.09 ? 154 GLU A CA  1 
ATOM   1030 C  C   . GLU A 1 127 ? -6.090  -9.793  -6.416  1.00 17.73 ? 154 GLU A C   1 
ATOM   1031 O  O   . GLU A 1 127 ? -5.109  -10.488 -6.600  1.00 16.54 ? 154 GLU A O   1 
ATOM   1032 C  CB  . GLU A 1 127 ? -6.556  -9.071  -4.082  1.00 18.05 ? 154 GLU A CB  1 
ATOM   1033 C  CG  . GLU A 1 127 ? -5.646  -10.109 -3.448  1.00 21.54 ? 154 GLU A CG  1 
ATOM   1034 C  CD  . GLU A 1 127 ? -6.164  -10.583 -2.125  1.00 25.76 ? 154 GLU A CD  1 
ATOM   1035 O  OE1 . GLU A 1 127 ? -7.314  -10.360 -1.743  1.00 29.36 ? 154 GLU A OE1 1 
ATOM   1036 O  OE2 . GLU A 1 127 ? -5.371  -11.288 -1.470  1.00 33.17 ? 154 GLU A OE2 1 
ATOM   1037 N  N   . LYS A 1 128 ? -7.250  -10.035 -7.017  1.00 16.98 ? 155 LYS A N   1 
ATOM   1038 C  CA  . LYS A 1 128 ? -7.382  -11.052 -8.034  1.00 18.73 ? 155 LYS A CA  1 
ATOM   1039 C  C   . LYS A 1 128 ? -6.407  -10.827 -9.162  1.00 18.36 ? 155 LYS A C   1 
ATOM   1040 O  O   . LYS A 1 128 ? -5.733  -11.788 -9.593  1.00 18.39 ? 155 LYS A O   1 
ATOM   1041 C  CB  . LYS A 1 128 ? -8.808  -11.046 -8.567  1.00 19.76 ? 155 LYS A CB  1 
ATOM   1042 C  CG  . LYS A 1 128 ? -9.020  -12.021 -9.734  1.00 23.66 ? 155 LYS A CG  1 
ATOM   1043 C  CD  . LYS A 1 128 ? -10.412 -11.835 -10.313 1.00 28.81 ? 155 LYS A CD  1 
ATOM   1044 C  CE  . LYS A 1 128 ? -10.616 -12.539 -11.625 1.00 33.34 ? 155 LYS A CE  1 
ATOM   1045 N  NZ  . LYS A 1 128 ? -11.925 -12.161 -12.205 1.00 37.58 ? 155 LYS A NZ  1 
ATOM   1046 N  N   . LEU A 1 129 ? -6.279  -9.616  -9.675  1.00 17.88 ? 156 LEU A N   1 
ATOM   1047 C  CA  . LEU A 1 129 ? -5.328  -9.295  -10.712 1.00 17.10 ? 156 LEU A CA  1 
ATOM   1048 C  C   . LEU A 1 129 ? -3.867  -9.496  -10.249 1.00 20.71 ? 156 LEU A C   1 
ATOM   1049 O  O   . LEU A 1 129 ? -3.054  -10.001 -10.988 1.00 20.30 ? 156 LEU A O   1 
ATOM   1050 C  CB  . LEU A 1 129 ? -5.508  -7.861  -11.211 1.00 20.86 ? 156 LEU A CB  1 
ATOM   1051 C  CG  . LEU A 1 129 ? -6.667  -7.563  -12.080 1.00 25.83 ? 156 LEU A CG  1 
ATOM   1052 C  CD1 . LEU A 1 129 ? -6.399  -6.149  -12.618 1.00 28.20 ? 156 LEU A CD1 1 
ATOM   1053 C  CD2 . LEU A 1 129 ? -6.773  -8.567  -13.198 1.00 28.70 ? 156 LEU A CD2 1 
ATOM   1054 N  N   . PHE A 1 130 ? -3.585  -8.948  -9.054  1.00 16.09 ? 157 PHE A N   1 
ATOM   1055 C  CA  . PHE A 1 130 ? -2.299  -9.205  -8.408  1.00 16.91 ? 157 PHE A CA  1 
ATOM   1056 C  C   . PHE A 1 130 ? -1.959  -10.693 -8.427  1.00 16.36 ? 157 PHE A C   1 
ATOM   1057 O  O   . PHE A 1 130 ? -0.836  -11.039 -8.869  1.00 18.30 ? 157 PHE A O   1 
ATOM   1058 C  CB  . PHE A 1 130 ? -2.362  -8.662  -6.960  1.00 16.53 ? 157 PHE A CB  1 
ATOM   1059 C  CG  . PHE A 1 130 ? -1.078  -8.858  -6.191  1.00 15.56 ? 157 PHE A CG  1 
ATOM   1060 C  CD1 . PHE A 1 130 ? 0.071   -8.159  -6.537  1.00 15.82 ? 157 PHE A CD1 1 
ATOM   1061 C  CD2 . PHE A 1 130 ? -1.068  -9.756  -5.158  1.00 17.01 ? 157 PHE A CD2 1 
ATOM   1062 C  CE1 . PHE A 1 130 ? 1.259   -8.367  -5.820  1.00 16.78 ? 157 PHE A CE1 1 
ATOM   1063 C  CE2 . PHE A 1 130 ? 0.106   -9.949  -4.423  1.00 16.56 ? 157 PHE A CE2 1 
ATOM   1064 C  CZ  . PHE A 1 130 ? 1.224   -9.264  -4.786  1.00 15.14 ? 157 PHE A CZ  1 
ATOM   1065 N  N   . LEU A 1 131 ? -2.830  -11.535 -7.905  1.00 17.78 ? 158 LEU A N   1 
ATOM   1066 C  CA  . LEU A 1 131 ? -2.516  -12.981 -7.818  1.00 17.51 ? 158 LEU A CA  1 
ATOM   1067 C  C   . LEU A 1 131 ? -2.322  -13.601 -9.200  1.00 22.06 ? 158 LEU A C   1 
ATOM   1068 O  O   . LEU A 1 131 ? -1.436  -14.446 -9.377  1.00 22.07 ? 158 LEU A O   1 
ATOM   1069 C  CB  . LEU A 1 131 ? -3.503  -13.749 -6.980  1.00 19.89 ? 158 LEU A CB  1 
ATOM   1070 C  CG  . LEU A 1 131 ? -3.527  -13.357 -5.490  1.00 20.54 ? 158 LEU A CG  1 
ATOM   1071 C  CD1 . LEU A 1 131 ? -4.747  -13.954 -4.832  1.00 22.71 ? 158 LEU A CD1 1 
ATOM   1072 C  CD2 . LEU A 1 131 ? -2.221  -13.697 -4.753  1.00 21.38 ? 158 LEU A CD2 1 
ATOM   1073 N  N   . GLN A 1 132 ? -3.098  -13.196 -10.197 1.00 21.27 ? 159 GLN A N   1 
ATOM   1074 C  CA  . GLN A 1 132 ? -2.865  -13.684 -11.565 1.00 21.78 ? 159 GLN A CA  1 
ATOM   1075 C  C   . GLN A 1 132 ? -1.502  -13.284 -12.128 1.00 22.44 ? 159 GLN A C   1 
ATOM   1076 O  O   . GLN A 1 132 ? -0.766  -14.117 -12.718 1.00 23.13 ? 159 GLN A O   1 
ATOM   1077 C  CB  . GLN A 1 132 ? -3.923  -13.112 -12.497 1.00 25.23 ? 159 GLN A CB  1 
ATOM   1078 C  CG  . GLN A 1 132 ? -5.290  -13.674 -12.308 1.00 32.30 ? 159 GLN A CG  1 
ATOM   1079 C  CD  . GLN A 1 132 ? -6.285  -12.990 -13.242 1.00 37.61 ? 159 GLN A CD  1 
ATOM   1080 O  OE1 . GLN A 1 132 ? -5.903  -12.255 -14.180 1.00 42.64 ? 159 GLN A OE1 1 
ATOM   1081 N  NE2 . GLN A 1 132 ? -7.552  -13.220 -12.998 1.00 40.26 ? 159 GLN A NE2 1 
ATOM   1082 N  N   . LYS A 1 133 ? -1.102  -12.040 -11.942 1.00 21.34 ? 160 LYS A N   1 
ATOM   1083 C  CA  . LYS A 1 133 ? 0.193   -11.599 -12.357 1.00 20.87 ? 160 LYS A CA  1 
ATOM   1084 C  C   . LYS A 1 133 ? 1.325   -12.267 -11.537 1.00 20.93 ? 160 LYS A C   1 
ATOM   1085 O  O   . LYS A 1 133 ? 2.369   -12.592 -12.133 1.00 21.30 ? 160 LYS A O   1 
ATOM   1086 C  CB  . LYS A 1 133 ? 0.300   -10.102 -12.295 1.00 23.79 ? 160 LYS A CB  1 
ATOM   1087 C  CG  . LYS A 1 133 ? -0.688  -9.367  -13.214 1.00 23.77 ? 160 LYS A CG  1 
ATOM   1088 C  CD  . LYS A 1 133 ? -0.419  -9.694  -14.676 1.00 26.08 ? 160 LYS A CD  1 
ATOM   1089 C  CE  . LYS A 1 133 ? -1.639  -9.466  -15.528 1.00 31.23 ? 160 LYS A CE  1 
ATOM   1090 N  NZ  . LYS A 1 133 ? -1.146  -9.580  -16.941 1.00 31.25 ? 160 LYS A NZ  1 
ATOM   1091 N  N   . ILE A 1 134 ? 1.120   -12.507 -10.231 1.00 19.00 ? 161 ILE A N   1 
ATOM   1092 C  CA  . ILE A 1 134 ? 2.125   -13.197 -9.377  1.00 21.25 ? 161 ILE A CA  1 
ATOM   1093 C  C   . ILE A 1 134 ? 2.378   -14.597 -9.911  1.00 20.09 ? 161 ILE A C   1 
ATOM   1094 O  O   . ILE A 1 134 ? 3.535   -15.064 -9.904  1.00 19.70 ? 161 ILE A O   1 
ATOM   1095 C  CB  . ILE A 1 134 ? 1.696   -13.222 -7.875  1.00 22.64 ? 161 ILE A CB  1 
ATOM   1096 C  CG1 . ILE A 1 134 ? 1.862   -11.843 -7.253  1.00 26.09 ? 161 ILE A CG1 1 
ATOM   1097 C  CG2 . ILE A 1 134 ? 2.469   -14.291 -7.098  1.00 26.33 ? 161 ILE A CG2 1 
ATOM   1098 C  CD1 . ILE A 1 134 ? 3.262   -11.302 -7.220  1.00 27.19 ? 161 ILE A CD1 1 
ATOM   1099 N  N   . ASN A 1 135 ? 1.345   -15.281 -10.405 1.00 20.49 ? 162 ASN A N   1 
ATOM   1100 C  CA  . ASN A 1 135 ? 1.509   -16.602 -10.957 1.00 21.57 ? 162 ASN A CA  1 
ATOM   1101 C  C   . ASN A 1 135 ? 2.363   -16.627 -12.223 1.00 22.21 ? 162 ASN A C   1 
ATOM   1102 O  O   . ASN A 1 135 ? 2.792   -17.697 -12.605 1.00 23.48 ? 162 ASN A O   1 
ATOM   1103 C  CB  . ASN A 1 135 ? 0.173   -17.369 -11.173 1.00 22.97 ? 162 ASN A CB  1 
ATOM   1104 C  CG  . ASN A 1 135 ? -0.306  -18.082 -9.882  1.00 25.82 ? 162 ASN A CG  1 
ATOM   1105 O  OD1 . ASN A 1 135 ? 0.505   -18.494 -9.026  1.00 27.17 ? 162 ASN A OD1 1 
ATOM   1106 N  ND2 . ASN A 1 135 ? -1.629  -18.228 -9.731  1.00 25.03 ? 162 ASN A ND2 1 
ATOM   1107 N  N   . GLU A 1 136 ? 2.656   -15.491 -12.843 1.00 20.47 ? 163 GLU A N   1 
ATOM   1108 C  CA  . GLU A 1 136 ? 3.533   -15.505 -14.019 1.00 22.62 ? 163 GLU A CA  1 
ATOM   1109 C  C   . GLU A 1 136 ? 4.887   -14.860 -13.694 1.00 23.43 ? 163 GLU A C   1 
ATOM   1110 O  O   . GLU A 1 136 ? 5.636   -14.480 -14.570 1.00 23.49 ? 163 GLU A O   1 
ATOM   1111 C  CB  . GLU A 1 136 ? 2.806   -14.895 -15.225 1.00 28.27 ? 163 GLU A CB  1 
ATOM   1112 C  CG  . GLU A 1 136 ? 1.547   -15.670 -15.680 1.00 33.06 ? 163 GLU A CG  1 
ATOM   1113 C  CD  . GLU A 1 136 ? 1.687   -17.185 -15.837 1.00 41.40 ? 163 GLU A CD  1 
ATOM   1114 O  OE1 . GLU A 1 136 ? 2.738   -17.676 -16.320 1.00 44.98 ? 163 GLU A OE1 1 
ATOM   1115 O  OE2 . GLU A 1 136 ? 0.704   -17.893 -15.492 1.00 51.31 ? 163 GLU A OE2 1 
ATOM   1116 N  N   . LEU A 1 137 ? 5.210   -14.775 -12.402 1.00 20.71 ? 164 LEU A N   1 
ATOM   1117 C  CA  . LEU A 1 137 ? 6.503   -14.278 -11.985 1.00 22.55 ? 164 LEU A CA  1 
ATOM   1118 C  C   . LEU A 1 137 ? 7.610   -15.137 -12.637 1.00 21.43 ? 164 LEU A C   1 
ATOM   1119 O  O   . LEU A 1 137 ? 7.470   -16.343 -12.743 1.00 24.75 ? 164 LEU A O   1 
ATOM   1120 C  CB  . LEU A 1 137 ? 6.628   -14.322 -10.436 1.00 24.90 ? 164 LEU A CB  1 
ATOM   1121 C  CG  . LEU A 1 137 ? 7.704   -13.456 -9.790  1.00 27.25 ? 164 LEU A CG  1 
ATOM   1122 C  CD1 . LEU A 1 137 ? 7.297   -12.018 -9.748  1.00 26.58 ? 164 LEU A CD1 1 
ATOM   1123 C  CD2 . LEU A 1 137 ? 8.051   -13.895 -8.372  1.00 27.91 ? 164 LEU A CD2 1 
ATOM   1124 N  N   . PRO A 1 138 ? 8.679   -14.502 -13.090 1.00 22.49 ? 165 PRO A N   1 
ATOM   1125 C  CA  . PRO A 1 138 ? 9.768   -15.356 -13.621 1.00 23.39 ? 165 PRO A CA  1 
ATOM   1126 C  C   . PRO A 1 138 ? 10.317  -16.305 -12.521 1.00 29.81 ? 165 PRO A C   1 
ATOM   1127 O  O   . PRO A 1 138 ? 10.347  -15.957 -11.330 1.00 30.48 ? 165 PRO A O   1 
ATOM   1128 C  CB  . PRO A 1 138 ? 10.771  -14.360 -14.162 1.00 26.90 ? 165 PRO A CB  1 
ATOM   1129 C  CG  . PRO A 1 138 ? 10.291  -13.009 -13.854 1.00 26.07 ? 165 PRO A CG  1 
ATOM   1130 C  CD  . PRO A 1 138 ? 8.894   -13.084 -13.343 1.00 24.22 ? 165 PRO A CD  1 
ATOM   1131 N  N   . THR A 1 139 ? 10.629  -17.531 -12.920 1.00 34.80 ? 166 THR A N   1 
ATOM   1132 C  CA  . THR A 1 139 ? 11.139  -18.566 -11.998 1.00 42.53 ? 166 THR A CA  1 
ATOM   1133 C  C   . THR A 1 139 ? 12.666  -18.766 -12.193 1.00 49.54 ? 166 THR A C   1 
ATOM   1134 O  O   . THR A 1 139 ? 13.297  -19.488 -11.418 1.00 55.95 ? 166 THR A O   1 
ATOM   1135 C  CB  . THR A 1 139 ? 10.333  -19.916 -12.092 1.00 41.49 ? 166 THR A CB  1 
ATOM   1136 O  OG1 . THR A 1 139 ? 10.928  -20.790 -13.050 1.00 43.76 ? 166 THR A OG1 1 
ATOM   1137 C  CG2 . THR A 1 139 ? 8.869   -19.702 -12.479 1.00 42.77 ? 166 THR A CG2 1 
ATOM   1138 N  N   . GLU A 1 140 ? 13.248  -18.146 -13.229 1.00 53.32 ? 167 GLU A N   1 
ATOM   1139 C  CA  . GLU A 1 140 ? 14.682  -17.826 -13.236 1.00 58.41 ? 167 GLU A CA  1 
ATOM   1140 C  C   . GLU A 1 140 ? 14.961  -16.765 -12.154 1.00 60.64 ? 167 GLU A C   1 
ATOM   1141 O  O   . GLU A 1 140 ? 14.164  -15.844 -11.955 1.00 58.95 ? 167 GLU A O   1 
ATOM   1142 C  CB  . GLU A 1 140 ? 15.108  -17.286 -14.606 1.00 59.15 ? 167 GLU A CB  1 
ATOM   1143 C  CG  . GLU A 1 140 ? 16.609  -17.053 -14.752 1.00 62.59 ? 167 GLU A CG  1 
ATOM   1144 C  CD  . GLU A 1 140 ? 16.936  -15.879 -15.660 1.00 66.33 ? 167 GLU A CD  1 
ATOM   1145 O  OE1 . GLU A 1 140 ? 17.671  -14.966 -15.228 1.00 66.95 ? 167 GLU A OE1 1 
ATOM   1146 O  OE2 . GLU A 1 140 ? 16.443  -15.859 -16.806 1.00 71.81 ? 167 GLU A OE2 1 
HETATM 1147 C  CAZ . EFN B 2 .   ? -17.446 7.530   1.662   1.00 20.34 ? 201 EFN A CAZ 1 
HETATM 1148 O  OAY . EFN B 2 .   ? -16.127 7.495   1.083   1.00 18.18 ? 201 EFN A OAY 1 
HETATM 1149 C  CAT . EFN B 2 .   ? -15.904 6.519   0.159   1.00 17.92 ? 201 EFN A CAT 1 
HETATM 1150 C  CAU . EFN B 2 .   ? -16.853 5.616   -0.306  1.00 17.51 ? 201 EFN A CAU 1 
HETATM 1151 C  CAV . EFN B 2 .   ? -16.483 4.683   -1.275  1.00 17.19 ? 201 EFN A CAV 1 
HETATM 1152 C  CAW . EFN B 2 .   ? -15.183 4.684   -1.772  1.00 16.17 ? 201 EFN A CAW 1 
HETATM 1153 BR BR  . EFN B 2 .   ? -14.671 3.441   -3.093  1.00 18.62 ? 201 EFN A BR  1 
HETATM 1154 C  CAX . EFN B 2 .   ? -14.267 5.591   -1.347  1.00 16.68 ? 201 EFN A CAX 1 
HETATM 1155 C  CAS . EFN B 2 .   ? -14.625 6.568   -0.400  1.00 16.19 ? 201 EFN A CAS 1 
HETATM 1156 S  SAP . EFN B 2 .   ? -13.419 7.711   0.116   1.00 17.17 ? 201 EFN A SAP 1 
HETATM 1157 O  OAQ . EFN B 2 .   ? -12.220 7.446   -0.667  1.00 17.28 ? 201 EFN A OAQ 1 
HETATM 1158 O  OAR . EFN B 2 .   ? -13.967 9.102   0.027   1.00 16.94 ? 201 EFN A OAR 1 
HETATM 1159 N  NAO . EFN B 2 .   ? -13.175 7.328   1.717   1.00 16.84 ? 201 EFN A NAO 1 
HETATM 1160 C  CAC . EFN B 2 .   ? -12.685 6.101   2.038   1.00 15.77 ? 201 EFN A CAC 1 
HETATM 1161 C  CAD . EFN B 2 .   ? -11.492 5.575   1.523   1.00 15.92 ? 201 EFN A CAD 1 
HETATM 1162 C  CAE . EFN B 2 .   ? -11.078 4.363   1.981   1.00 15.40 ? 201 EFN A CAE 1 
HETATM 1163 O  OAG . EFN B 2 .   ? -9.914  3.818   1.437   1.00 14.45 ? 201 EFN A OAG 1 
HETATM 1164 C  CAH . EFN B 2 .   ? -9.080  3.130   2.398   1.00 13.65 ? 201 EFN A CAH 1 
HETATM 1165 C  CAL . EFN B 2 .   ? -8.494  4.173   3.315   1.00 13.47 ? 201 EFN A CAL 1 
HETATM 1166 C  CAM . EFN B 2 .   ? -7.998  2.469   1.545   1.00 13.07 ? 201 EFN A CAM 1 
HETATM 1167 C  CAI . EFN B 2 .   ? -9.873  2.130   3.131   1.00 13.24 ? 201 EFN A CAI 1 
HETATM 1168 O  OAK . EFN B 2 .   ? -9.418  1.047   3.490   1.00 13.71 ? 201 EFN A OAK 1 
HETATM 1169 N  NAJ . EFN B 2 .   ? -11.192 2.371   3.368   1.00 14.14 ? 201 EFN A NAJ 1 
HETATM 1170 C  CAF . EFN B 2 .   ? -11.722 3.615   2.925   1.00 14.35 ? 201 EFN A CAF 1 
HETATM 1171 C  CAA . EFN B 2 .   ? -12.925 4.090   3.464   1.00 14.97 ? 201 EFN A CAA 1 
HETATM 1172 C  CAB . EFN B 2 .   ? -13.372 5.338   2.990   1.00 14.84 ? 201 EFN A CAB 1 
HETATM 1173 O  OAN . EFN B 2 .   ? -14.561 5.889   3.485   1.00 18.21 ? 201 EFN A OAN 1 
HETATM 1174 N  N   . NO3 C 3 .   ? -3.667  5.368   18.455  1.00 22.33 ? 202 NO3 A N   1 
HETATM 1175 O  O1  . NO3 C 3 .   ? -3.704  4.184   18.878  1.00 22.85 ? 202 NO3 A O1  1 
HETATM 1176 O  O2  . NO3 C 3 .   ? -3.281  5.758   17.177  1.00 21.11 ? 202 NO3 A O2  1 
HETATM 1177 O  O3  . NO3 C 3 .   ? -4.054  6.446   19.248  1.00 25.42 ? 202 NO3 A O3  1 
HETATM 1178 N  N   . NO3 D 3 .   ? -9.479  25.159  23.231  1.00 26.14 ? 203 NO3 A N   1 
HETATM 1179 O  O1  . NO3 D 3 .   ? -9.328  26.074  24.044  1.00 27.71 ? 203 NO3 A O1  1 
HETATM 1180 O  O2  . NO3 D 3 .   ? -10.711 24.689  22.869  1.00 23.24 ? 203 NO3 A O2  1 
HETATM 1181 O  O3  . NO3 D 3 .   ? -8.398  24.578  22.669  1.00 25.64 ? 203 NO3 A O3  1 
HETATM 1182 C  C1  . EDO E 4 .   ? -3.117  -3.893  11.621  1.00 23.27 ? 204 EDO A C1  1 
HETATM 1183 O  O1  . EDO E 4 .   ? -2.560  -2.934  12.538  1.00 24.06 ? 204 EDO A O1  1 
HETATM 1184 C  C2  . EDO E 4 .   ? -2.117  -4.056  10.471  1.00 24.00 ? 204 EDO A C2  1 
HETATM 1185 O  O2  . EDO E 4 .   ? -1.934  -2.821  9.758   1.00 20.40 ? 204 EDO A O2  1 
HETATM 1186 C  C1  A EDO F 4 .   ? -16.226 2.213   3.005   0.50 22.33 ? 205 EDO A C1  1 
HETATM 1187 C  C1  B EDO F 4 .   ? -17.334 3.013   2.615   0.50 26.47 ? 205 EDO A C1  1 
HETATM 1188 O  O1  A EDO F 4 .   ? -15.471 1.201   3.665   0.50 20.84 ? 205 EDO A O1  1 
HETATM 1189 O  O1  B EDO F 4 .   ? -17.880 1.776   3.061   0.50 27.97 ? 205 EDO A O1  1 
HETATM 1190 C  C2  A EDO F 4 .   ? -15.718 2.354   1.579   0.50 22.57 ? 205 EDO A C2  1 
HETATM 1191 C  C2  B EDO F 4 .   ? -16.133 2.673   1.743   0.50 26.93 ? 205 EDO A C2  1 
HETATM 1192 O  O2  A EDO F 4 .   ? -16.436 1.452   0.756   0.50 19.34 ? 205 EDO A O2  1 
HETATM 1193 O  O2  B EDO F 4 .   ? -16.454 1.623   0.826   0.50 22.75 ? 205 EDO A O2  1 
HETATM 1194 C  C1  . GOL G 5 .   ? 7.860   4.344   9.734   1.00 40.90 ? 206 GOL A C1  1 
HETATM 1195 O  O1  . GOL G 5 .   ? 8.284   4.186   11.091  1.00 40.30 ? 206 GOL A O1  1 
HETATM 1196 C  C2  . GOL G 5 .   ? 6.356   4.537   9.750   1.00 35.48 ? 206 GOL A C2  1 
HETATM 1197 O  O2  . GOL G 5 .   ? 6.033   5.917   9.616   1.00 34.47 ? 206 GOL A O2  1 
HETATM 1198 C  C3  . GOL G 5 .   ? 5.594   3.815   8.646   1.00 31.43 ? 206 GOL A C3  1 
HETATM 1199 O  O3  . GOL G 5 .   ? 4.220   3.777   9.015   1.00 27.68 ? 206 GOL A O3  1 
HETATM 1200 C  C1  . GOL H 5 .   ? -9.262  -10.122 12.902  1.00 40.21 ? 207 GOL A C1  1 
HETATM 1201 O  O1  . GOL H 5 .   ? -10.412 -9.518  13.490  1.00 44.38 ? 207 GOL A O1  1 
HETATM 1202 C  C2  . GOL H 5 .   ? -8.111  -9.128  12.865  1.00 40.08 ? 207 GOL A C2  1 
HETATM 1203 O  O2  . GOL H 5 .   ? -7.810  -8.674  14.190  1.00 37.12 ? 207 GOL A O2  1 
HETATM 1204 C  C3  . GOL H 5 .   ? -6.864  -9.771  12.266  1.00 39.31 ? 207 GOL A C3  1 
HETATM 1205 O  O3  . GOL H 5 .   ? -5.652  -9.239  12.858  1.00 40.18 ? 207 GOL A O3  1 
HETATM 1206 O  O   . HOH I 6 .   ? 11.985  -11.845 2.883   1.00 36.60 ? 301 HOH A O   1 
HETATM 1207 O  O   . HOH I 6 .   ? 1.254   12.972  13.101  1.00 28.17 ? 302 HOH A O   1 
HETATM 1208 O  O   . HOH I 6 .   ? -5.338  4.516   -12.095 1.00 31.95 ? 303 HOH A O   1 
HETATM 1209 O  O   . HOH I 6 .   ? -1.714  15.104  15.627  1.00 26.33 ? 304 HOH A O   1 
HETATM 1210 O  O   . HOH I 6 .   ? -15.052 1.689   6.135   1.00 36.20 ? 305 HOH A O   1 
HETATM 1211 O  O   . HOH I 6 .   ? -21.290 -0.346  -5.573  1.00 22.93 ? 306 HOH A O   1 
HETATM 1212 O  O   . HOH I 6 .   ? 10.694  -1.524  5.123   1.00 31.49 ? 307 HOH A O   1 
HETATM 1213 O  O   . HOH I 6 .   ? -6.878  0.057   4.167   1.00 13.73 ? 308 HOH A O   1 
HETATM 1214 O  O   . HOH I 6 .   ? 8.297   9.099   6.737   1.00 32.75 ? 309 HOH A O   1 
HETATM 1215 O  O   . HOH I 6 .   ? 19.828  3.830   7.464   1.00 27.78 ? 310 HOH A O   1 
HETATM 1216 O  O   . HOH I 6 .   ? 3.572   -18.817 -18.527 1.00 27.27 ? 311 HOH A O   1 
HETATM 1217 O  O   . HOH I 6 .   ? -1.522  10.699  1.123   1.00 26.40 ? 312 HOH A O   1 
HETATM 1218 O  O   . HOH I 6 .   ? 4.143   0.635   7.349   1.00 24.68 ? 313 HOH A O   1 
HETATM 1219 O  O   . HOH I 6 .   ? 2.353   -11.656 -16.764 1.00 29.74 ? 314 HOH A O   1 
HETATM 1220 O  O   . HOH I 6 .   ? 2.565   5.591   7.893   1.00 17.42 ? 315 HOH A O   1 
HETATM 1221 O  O   . HOH I 6 .   ? -8.261  16.769  -2.100  1.00 30.56 ? 316 HOH A O   1 
HETATM 1222 O  O   . HOH I 6 .   ? 0.818   -18.252 -6.357  1.00 21.10 ? 317 HOH A O   1 
HETATM 1223 O  O   . HOH I 6 .   ? -3.629  1.421   1.618   1.00 13.81 ? 318 HOH A O   1 
HETATM 1224 O  O   . HOH I 6 .   ? -5.016  8.828   -6.244  1.00 24.18 ? 319 HOH A O   1 
HETATM 1225 O  O   . HOH I 6 .   ? 4.611   -4.860  4.496   1.00 32.14 ? 320 HOH A O   1 
HETATM 1226 O  O   . HOH I 6 .   ? -2.851  1.125   4.477   1.00 14.80 ? 321 HOH A O   1 
HETATM 1227 O  O   . HOH I 6 .   ? 15.732  -12.828 -4.977  1.00 29.85 ? 322 HOH A O   1 
HETATM 1228 O  O   . HOH I 6 .   ? -13.950 4.727   -14.098 1.00 20.78 ? 323 HOH A O   1 
HETATM 1229 O  O   . HOH I 6 .   ? 0.982   3.869   3.667   1.00 14.47 ? 324 HOH A O   1 
HETATM 1230 O  O   . HOH I 6 .   ? 5.559   6.606   1.559   1.00 16.77 ? 325 HOH A O   1 
HETATM 1231 O  O   . HOH I 6 .   ? -7.844  10.490  14.942  1.00 23.43 ? 326 HOH A O   1 
HETATM 1232 O  O   . HOH I 6 .   ? -14.762 -7.057  -6.865  1.00 24.46 ? 327 HOH A O   1 
HETATM 1233 O  O   . HOH I 6 .   ? -14.742 8.958   3.589   1.00 26.69 ? 328 HOH A O   1 
HETATM 1234 O  O   . HOH I 6 .   ? -7.292  6.397   0.324   1.00 22.56 ? 329 HOH A O   1 
HETATM 1235 O  O   . HOH I 6 .   ? -5.390  10.407  11.383  1.00 23.07 ? 330 HOH A O   1 
HETATM 1236 O  O   . HOH I 6 .   ? -9.659  12.320  10.359  1.00 31.43 ? 331 HOH A O   1 
HETATM 1237 O  O   . HOH I 6 .   ? -5.395  -0.707  2.064   1.00 15.48 ? 332 HOH A O   1 
HETATM 1238 O  O   . HOH I 6 .   ? -4.364  -10.146 2.067   1.00 33.26 ? 333 HOH A O   1 
HETATM 1239 O  O   . HOH I 6 .   ? -7.761  4.549   -10.441 1.00 18.21 ? 334 HOH A O   1 
HETATM 1240 O  O   . HOH I 6 .   ? 1.136   8.801   5.998   1.00 18.07 ? 335 HOH A O   1 
HETATM 1241 O  O   . HOH I 6 .   ? -15.564 4.486   5.693   1.00 36.57 ? 336 HOH A O   1 
HETATM 1242 O  O   . HOH I 6 .   ? -14.938 4.523   14.565  1.00 21.19 ? 337 HOH A O   1 
HETATM 1243 O  O   . HOH I 6 .   ? -1.219  10.095  5.283   1.00 21.27 ? 338 HOH A O   1 
HETATM 1244 O  O   . HOH I 6 .   ? -0.340  -21.106 -8.435  1.00 33.04 ? 339 HOH A O   1 
HETATM 1245 O  O   . HOH I 6 .   ? 16.482  -6.099  3.180   1.00 17.45 ? 340 HOH A O   1 
HETATM 1246 O  O   . HOH I 6 .   ? 11.607  -15.305 -4.802  1.00 28.81 ? 341 HOH A O   1 
HETATM 1247 O  O   . HOH I 6 .   ? -4.011  3.798   0.351   1.00 14.57 ? 342 HOH A O   1 
HETATM 1248 O  O   . HOH I 6 .   ? -2.641  20.724  16.041  1.00 29.48 ? 343 HOH A O   1 
HETATM 1249 O  O   . HOH I 6 .   ? -5.416  -2.681  -15.182 1.00 30.07 ? 344 HOH A O   1 
HETATM 1250 O  O   . HOH I 6 .   ? 4.636   6.865   -5.992  1.00 29.00 ? 345 HOH A O   1 
HETATM 1251 O  O   . HOH I 6 .   ? 13.716  -11.489 -6.226  1.00 23.26 ? 346 HOH A O   1 
HETATM 1252 O  O   . HOH I 6 .   ? -4.870  8.953   14.945  1.00 22.04 ? 347 HOH A O   1 
HETATM 1253 O  O   . HOH I 6 .   ? 11.893  7.690   2.848   1.00 25.29 ? 348 HOH A O   1 
HETATM 1254 O  O   . HOH I 6 .   ? 12.611  -13.520 1.887   1.00 36.45 ? 349 HOH A O   1 
HETATM 1255 O  O   . HOH I 6 .   ? 8.913   2.897   7.101   1.00 29.50 ? 350 HOH A O   1 
HETATM 1256 O  O   . HOH I 6 .   ? -6.237  7.885   12.522  1.00 21.73 ? 351 HOH A O   1 
HETATM 1257 O  O   . HOH I 6 .   ? -13.573 -7.274  5.048   1.00 31.27 ? 352 HOH A O   1 
HETATM 1258 O  O   . HOH I 6 .   ? -9.368  7.398   -1.234  1.00 17.88 ? 353 HOH A O   1 
HETATM 1259 O  O   . HOH I 6 .   ? -5.642  8.476   0.850   1.00 19.69 ? 354 HOH A O   1 
HETATM 1260 O  O   . HOH I 6 .   ? -9.819  -8.472  -11.315 1.00 28.37 ? 355 HOH A O   1 
HETATM 1261 O  O   . HOH I 6 .   ? -1.033  15.367  8.809   1.00 38.06 ? 356 HOH A O   1 
HETATM 1262 O  O   . HOH I 6 .   ? 0.693   6.064   5.899   1.00 14.30 ? 357 HOH A O   1 
HETATM 1263 O  O   . HOH I 6 .   ? -1.728  3.834   3.777   1.00 16.73 ? 358 HOH A O   1 
HETATM 1264 O  O   . HOH I 6 .   ? 14.275  -3.288  -5.345  1.00 22.03 ? 359 HOH A O   1 
HETATM 1265 O  O   . HOH I 6 .   ? 11.828  -13.502 -2.639  1.00 19.63 ? 360 HOH A O   1 
HETATM 1266 O  O   . HOH I 6 .   ? 15.643  2.960   -1.872  1.00 31.17 ? 361 HOH A O   1 
HETATM 1267 O  O   . HOH I 6 .   ? 21.834  -6.011  -7.456  1.00 32.53 ? 362 HOH A O   1 
HETATM 1268 O  O   . HOH I 6 .   ? 7.304   -18.235 -15.191 1.00 36.81 ? 363 HOH A O   1 
HETATM 1269 O  O   . HOH I 6 .   ? -15.532 11.914  11.665  1.00 40.29 ? 364 HOH A O   1 
HETATM 1270 O  O   . HOH I 6 .   ? -7.443  9.439   -4.910  1.00 28.34 ? 365 HOH A O   1 
HETATM 1271 O  O   . HOH I 6 .   ? -16.590 7.757   5.535   1.00 31.26 ? 366 HOH A O   1 
HETATM 1272 O  O   . HOH I 6 .   ? -0.106  -12.905 -16.157 1.00 37.34 ? 367 HOH A O   1 
HETATM 1273 O  O   . HOH I 6 .   ? -9.848  6.122   -12.037 1.00 29.59 ? 368 HOH A O   1 
HETATM 1274 O  O   . HOH I 6 .   ? -6.594  10.659  -0.444  1.00 31.61 ? 369 HOH A O   1 
# 
